data_9NHI
#
_entry.id   9NHI
#
_cell.length_a   1.00
_cell.length_b   1.00
_cell.length_c   1.00
_cell.angle_alpha   90.00
_cell.angle_beta   90.00
_cell.angle_gamma   90.00
#
_symmetry.space_group_name_H-M   'P 1'
#
loop_
_entity.id
_entity.type
_entity.pdbx_description
1 polymer 'RQk-Base-C pAb heavy chain'
2 polymer 'RQk-Base-C pAb light chain'
3 polymer 'AMC016 v4.2 gp120'
4 polymer 'AMC016 v4.2 gp41'
5 branched 2-acetamido-2-deoxy-beta-D-glucopyranose-(1-4)-2-acetamido-2-deoxy-beta-D-glucopyranose
6 branched alpha-D-mannopyranose-(1-3)-[alpha-D-mannopyranose-(1-6)]beta-D-mannopyranose-(1-4)-2-acetamido-2-deoxy-beta-D-glucopyranose-(1-4)-2-acetamido-2-deoxy-beta-D-glucopyranose
7 branched beta-D-mannopyranose-(1-4)-2-acetamido-2-deoxy-beta-D-glucopyranose-(1-4)-2-acetamido-2-deoxy-beta-D-glucopyranose
8 non-polymer 2-acetamido-2-deoxy-beta-D-glucopyranose
#
loop_
_entity_poly.entity_id
_entity_poly.type
_entity_poly.pdbx_seq_one_letter_code
_entity_poly.pdbx_strand_id
1 'polypeptide(L)'
;(UNK)(UNK)(UNK)(UNK)(UNK)(UNK)(UNK)(UNK)(UNK)(UNK)(UNK)(UNK)(UNK)(UNK)(UNK)(UNK)
(UNK)(UNK)(UNK)(UNK)C(UNK)(UNK)(UNK)(UNK)(UNK)(UNK)(UNK)(UNK)(UNK)(UNK)(UNK)
(UNK)W(UNK)(UNK)(UNK)(UNK)(UNK)(UNK)(UNK)(UNK)(UNK)(UNK)(UNK)(UNK)(UNK)(UNK)
(UNK)(UNK)(UNK)(UNK)(UNK)(UNK)(UNK)(UNK)(UNK)(UNK)(UNK)(UNK)(UNK)(UNK)(UNK)(UNK)
(UNK)(UNK)(UNK)(UNK)(UNK)(UNK)(UNK)(UNK)(UNK)(UNK)(UNK)(UNK)(UNK)(UNK)(UNK)(UNK)
(UNK)(UNK)(UNK)(UNK)(UNK)(UNK)(UNK)(UNK)(UNK)(UNK)(UNK)C(UNK)(UNK)(UNK)(UNK)
(UNK)(UNK)(UNK)(UNK)(UNK)(UNK)(UNK)(UNK)(UNK)(UNK)(UNK)(UNK)(UNK)(UNK)W(UNK)
(UNK)(UNK)(UNK)(UNK)(UNK)(UNK)(UNK)
;
H
2 'polypeptide(L)'
;(UNK)(UNK)(UNK)(UNK)(UNK)(UNK)(UNK)(UNK)(UNK)(UNK)(UNK)(UNK)(UNK)(UNK)(UNK)(UNK)
(UNK)(UNK)C(UNK)(UNK)(UNK)(UNK)(UNK)(UNK)(UNK)(UNK)(UNK)(UNK)(UNK)W(UNK)(UNK)
(UNK)(UNK)(UNK)(UNK)(UNK)(UNK)(UNK)(UNK)(UNK)(UNK)(UNK)(UNK)(UNK)(UNK)(UNK)(UNK)
(UNK)(UNK)(UNK)(UNK)(UNK)(UNK)(UNK)(UNK)(UNK)(UNK)(UNK)(UNK)(UNK)(UNK)(UNK)(UNK)
(UNK)(UNK)(UNK)(UNK)(UNK)(UNK)(UNK)(UNK)(UNK)(UNK)(UNK)(UNK)(UNK)(UNK)(UNK)(UNK)
(UNK)(UNK)C(UNK)(UNK)(UNK)(UNK)(UNK)(UNK)(UNK)(UNK)F(UNK)(UNK)(UNK)(UNK)(UNK)
(UNK)(UNK)(UNK)
;
L
3 'polypeptide(L)'
;MDAMKRGLCCVLLLCGAVFVSPSQEIHARFRRGARAEEELWVTVYYGVPVWKEATTTLFCASDAKAYDTEVHNVWATHCC
VPTDPSPQEVVLENVTENFNMWKNNMVEQMHEDIISLWDQSLKPCVKLTPLCVTLNCTDLGNATDAINRNTTDAPNSTLR
TMEEKGEIKNCSFNITTSVRDKMQKEYATFYKLDIVPIDNDNNSYRLINCNTSVITQACPKVSFEPIPIHYCAPAGFAIL
KCNNKTFNGTGPCTNVSTVQCTHGIRPVVSTQLLLNGSLAEEEIVIRSENFTDNGKTIIVQLNESVEINCTRPNNNTRKS
IHIGPGRAFYTTGQIIGNIRQAHCNISRAKWNNTLHKIVKKLREQFRNKTIVFKQSSGGDPEIVMHSFNCGGEFFYCNST
QLFNSTWYGNESSDNPGVEGNITLPCRIKQIINLWQEVGKAMYAPPIGGQIRCSSNITGLLLTRDGGNNNITTEIFRPGG
GDMRDNWRSELYKYKVVKIEPLGVAPTKCKRRVVQRRRRRR
;
A,C,D
4 'polypeptide(L)'
;AVGIGAVFLGFLGAAGSTMGAASMTLTVQARQLLSGIVQQQSNLLRAPECQQHLLKDTHWGIKQLQARVLAVEHYLKDQQ
LLGIWGCSGKLICTTAVPWNATWSNKTLDNIWNNMTWMEWEKEISNYTNLIYNLIEESQNQQEKNETENLTLC
;
B,E,F
#
# COMPACT_ATOMS: atom_id res chain seq x y z
N UNK A 1 -35.69 39.47 17.86
CA UNK A 1 -35.75 38.78 19.14
C UNK A 1 -36.91 39.30 19.97
N UNK A 2 -36.96 40.62 20.17
CA UNK A 2 -38.02 41.25 20.95
C UNK A 2 -39.25 41.59 20.12
N UNK A 3 -39.22 41.36 18.81
CA UNK A 3 -40.34 41.70 17.93
C UNK A 3 -40.75 43.17 18.11
N UNK A 4 -39.78 44.06 17.96
CA UNK A 4 -40.04 45.48 18.15
C UNK A 4 -41.06 46.00 17.13
N UNK A 5 -41.97 46.84 17.62
CA UNK A 5 -43.02 47.40 16.76
C UNK A 5 -42.43 48.43 15.80
N UNK A 6 -43.03 48.51 14.61
CA UNK A 6 -42.64 49.53 13.65
C UNK A 6 -43.05 50.92 14.14
N UNK A 7 -42.16 51.88 13.94
CA UNK A 7 -42.46 53.27 14.23
C UNK A 7 -43.30 53.85 13.09
N UNK A 8 -44.18 54.80 13.43
CA UNK A 8 -44.98 55.50 12.44
C UNK A 8 -44.49 56.93 12.25
N UNK A 9 -44.54 57.40 11.00
CA UNK A 9 -44.25 58.78 10.64
C UNK A 9 -45.25 59.17 9.55
N UNK A 10 -46.44 59.60 9.95
CA UNK A 10 -47.45 59.90 8.94
C UNK A 10 -47.03 61.13 8.14
N UNK A 11 -47.63 61.27 6.95
CA UNK A 11 -47.26 62.34 6.04
C UNK A 11 -48.47 62.86 5.28
N UNK A 12 -48.30 64.07 4.75
CA UNK A 12 -49.28 64.66 3.85
C UNK A 12 -49.32 63.85 2.56
N UNK A 13 -50.44 63.90 1.86
CA UNK A 13 -50.52 63.22 0.59
C UNK A 13 -49.47 63.77 -0.37
N UNK A 14 -48.88 62.88 -1.17
CA UNK A 14 -47.81 63.21 -2.10
C UNK A 14 -46.58 63.75 -1.36
N UNK A 15 -46.24 63.08 -0.25
CA UNK A 15 -45.07 63.41 0.55
C UNK A 15 -44.50 62.08 1.06
N UNK A 16 -43.19 62.03 1.25
CA UNK A 16 -42.57 60.78 1.66
C UNK A 16 -43.00 60.37 3.08
N UNK A 17 -43.20 59.06 3.25
CA UNK A 17 -43.56 58.44 4.52
C UNK A 17 -42.48 57.42 4.86
N UNK A 18 -42.30 57.12 6.15
CA UNK A 18 -41.25 56.19 6.54
C UNK A 18 -41.60 55.47 7.83
N UNK A 19 -40.91 54.36 8.07
CA UNK A 19 -41.04 53.57 9.27
C UNK A 19 -39.72 52.90 9.61
N UNK A 20 -39.56 52.55 10.88
CA UNK A 20 -38.38 51.80 11.34
C UNK A 20 -38.80 50.84 12.44
N CYS A 21 -38.08 49.72 12.53
CA CYS A 21 -38.44 48.63 13.43
C CYS A 21 -37.87 48.76 14.84
N UNK A 22 -36.70 49.37 14.98
CA UNK A 22 -36.01 49.46 16.27
C UNK A 22 -35.89 48.08 16.92
N UNK A 23 -35.45 47.11 16.12
CA UNK A 23 -35.32 45.73 16.58
C UNK A 23 -34.32 45.62 17.72
N UNK A 24 -34.61 44.73 18.67
CA UNK A 24 -33.70 44.46 19.78
C UNK A 24 -32.54 43.59 19.34
N UNK A 25 -32.76 42.71 18.35
CA UNK A 25 -31.73 41.81 17.88
C UNK A 25 -30.79 42.55 16.92
N UNK A 26 -29.57 42.05 16.80
CA UNK A 26 -28.64 42.62 15.83
C UNK A 26 -29.23 42.54 14.43
N UNK A 27 -29.19 43.67 13.72
CA UNK A 27 -29.75 43.72 12.38
C UNK A 27 -29.01 42.79 11.42
N UNK A 28 -27.71 42.63 11.60
CA UNK A 28 -26.90 41.82 10.69
C UNK A 28 -27.03 40.32 10.94
N UNK A 29 -27.80 39.89 11.95
CA UNK A 29 -27.96 38.47 12.23
C UNK A 29 -29.10 37.80 11.46
N UNK A 30 -30.03 38.56 10.87
CA UNK A 30 -31.17 37.96 10.20
C UNK A 30 -31.67 38.86 9.10
N UNK A 31 -32.35 38.25 8.13
CA UNK A 31 -32.92 38.94 6.97
C UNK A 31 -34.26 39.59 7.35
N UNK A 32 -34.18 40.69 8.08
CA UNK A 32 -35.37 41.45 8.44
C UNK A 32 -36.02 42.02 7.18
N UNK A 33 -37.35 42.12 7.20
CA UNK A 33 -38.10 42.56 6.03
C UNK A 33 -39.33 43.35 6.43
N TRP A 34 -39.86 44.08 5.44
CA TRP A 34 -41.03 44.93 5.55
C TRP A 34 -42.16 44.44 4.66
N UNK A 35 -43.40 44.65 5.12
CA UNK A 35 -44.57 44.27 4.34
C UNK A 35 -45.66 45.33 4.44
N UNK A 36 -46.48 45.42 3.39
CA UNK A 36 -47.61 46.35 3.34
C UNK A 36 -48.88 45.70 3.88
N UNK A 37 -49.22 46.01 5.13
CA UNK A 37 -50.35 45.43 5.84
C UNK A 37 -51.63 46.20 5.49
N UNK A 38 -52.06 46.03 4.25
CA UNK A 38 -53.29 46.67 3.79
C UNK A 38 -54.48 45.94 4.39
N UNK A 39 -55.57 46.67 4.64
CA UNK A 39 -56.77 46.02 5.15
C UNK A 39 -57.40 45.13 4.09
N UNK A 40 -57.94 43.99 4.54
CA UNK A 40 -58.65 43.03 3.69
C UNK A 40 -57.80 42.68 2.47
N UNK A 41 -56.53 42.38 2.72
CA UNK A 41 -55.59 42.14 1.65
C UNK A 41 -54.48 41.20 2.09
N UNK A 42 -53.75 40.69 1.10
CA UNK A 42 -52.60 39.84 1.32
C UNK A 42 -51.50 40.64 2.01
N UNK A 43 -50.53 39.93 2.58
CA UNK A 43 -49.42 40.60 3.25
C UNK A 43 -48.74 41.60 2.32
N UNK A 44 -48.69 41.31 1.02
CA UNK A 44 -48.14 42.22 0.01
C UNK A 44 -46.76 42.73 0.40
N UNK A 45 -45.84 41.80 0.66
CA UNK A 45 -44.50 42.16 1.08
C UNK A 45 -43.87 43.14 0.09
N UNK A 46 -43.19 44.14 0.61
CA UNK A 46 -42.56 45.15 -0.22
C UNK A 46 -41.18 44.72 -0.66
N UNK A 47 -40.38 44.21 0.28
CA UNK A 47 -39.03 43.78 -0.05
C UNK A 47 -38.52 42.85 1.03
N UNK A 48 -37.97 41.71 0.62
CA UNK A 48 -37.35 40.78 1.56
C UNK A 48 -35.91 41.25 1.73
N UNK A 49 -35.75 42.32 2.51
CA UNK A 49 -34.43 42.90 2.71
C UNK A 49 -33.51 41.89 3.37
N UNK A 50 -32.24 41.96 3.01
CA UNK A 50 -31.22 41.10 3.58
C UNK A 50 -30.71 41.73 4.87
N UNK A 51 -29.88 40.98 5.59
CA UNK A 51 -29.29 41.48 6.81
C UNK A 51 -28.38 42.69 6.57
N UNK A 52 -27.93 42.94 5.32
CA UNK A 52 -27.10 44.11 4.99
C UNK A 52 -27.60 44.74 3.68
N UNK A 53 -28.76 45.40 3.77
CA UNK A 53 -29.46 46.07 2.65
C UNK A 53 -29.61 45.07 1.50
N UNK A 54 -29.20 45.41 0.27
CA UNK A 54 -29.30 44.54 -0.91
C UNK A 54 -30.67 43.86 -1.01
N UNK A 55 -31.72 44.64 -0.84
CA UNK A 55 -33.05 44.06 -0.75
C UNK A 55 -33.54 43.51 -2.08
N UNK A 56 -34.13 42.31 -2.01
CA UNK A 56 -34.76 41.66 -3.16
C UNK A 56 -36.21 42.14 -3.20
N UNK A 57 -36.40 43.38 -3.68
CA UNK A 57 -37.72 43.98 -3.71
C UNK A 57 -38.73 43.14 -4.50
N UNK A 58 -39.94 43.05 -3.97
CA UNK A 58 -41.01 42.32 -4.62
C UNK A 58 -41.39 43.01 -5.94
N UNK A 59 -41.76 42.20 -6.93
CA UNK A 59 -42.17 42.80 -8.21
C UNK A 59 -43.36 43.72 -8.01
N UNK A 60 -44.30 43.35 -7.13
CA UNK A 60 -45.46 44.18 -6.86
C UNK A 60 -45.09 45.54 -6.29
N UNK A 61 -43.91 45.66 -5.68
CA UNK A 61 -43.40 46.88 -5.07
C UNK A 61 -41.92 47.01 -5.40
N UNK A 62 -41.60 46.86 -6.69
CA UNK A 62 -40.22 46.86 -7.16
C UNK A 62 -39.47 48.14 -6.82
N UNK A 63 -40.17 49.25 -6.59
CA UNK A 63 -39.49 50.49 -6.27
C UNK A 63 -39.04 50.57 -4.81
N UNK A 64 -39.44 49.59 -3.98
CA UNK A 64 -39.02 49.59 -2.59
C UNK A 64 -37.52 49.31 -2.49
N UNK A 65 -36.86 49.96 -1.54
CA UNK A 65 -35.45 49.73 -1.29
C UNK A 65 -35.13 49.87 0.19
N UNK A 66 -35.77 49.06 1.03
CA UNK A 66 -35.59 49.16 2.47
C UNK A 66 -34.14 48.88 2.84
N UNK A 67 -33.57 49.72 3.71
CA UNK A 67 -32.20 49.54 4.16
C UNK A 67 -32.00 50.31 5.45
N UNK A 68 -31.03 49.87 6.24
CA UNK A 68 -30.67 50.58 7.46
C UNK A 68 -29.25 50.20 7.85
N UNK A 69 -28.62 51.08 8.61
CA UNK A 69 -27.30 50.78 9.16
C UNK A 69 -27.39 49.69 10.23
N UNK A 70 -26.47 48.74 10.16
CA UNK A 70 -26.42 47.69 11.16
C UNK A 70 -26.11 48.25 12.54
N UNK A 71 -25.31 49.31 12.61
CA UNK A 71 -24.96 49.91 13.90
C UNK A 71 -26.17 50.42 14.66
N UNK A 72 -27.24 50.79 13.96
CA UNK A 72 -28.42 51.32 14.64
C UNK A 72 -29.34 50.23 15.17
N UNK A 73 -29.18 48.99 14.72
CA UNK A 73 -30.08 47.90 15.06
C UNK A 73 -31.55 48.29 14.87
N UNK A 74 -31.83 48.94 13.74
CA UNK A 74 -33.19 49.43 13.48
C UNK A 74 -33.46 49.43 11.97
N UNK A 75 -33.99 48.31 11.48
CA UNK A 75 -34.35 48.21 10.08
C UNK A 75 -35.35 49.31 9.74
N UNK A 76 -35.27 49.83 8.51
CA UNK A 76 -36.13 50.94 8.13
C UNK A 76 -36.50 50.85 6.66
N UNK A 77 -37.62 51.50 6.33
CA UNK A 77 -38.14 51.54 4.97
C UNK A 77 -38.90 52.84 4.79
N UNK A 78 -39.04 53.27 3.54
CA UNK A 78 -39.83 54.47 3.28
C UNK A 78 -40.46 54.41 1.89
N UNK A 79 -41.59 55.09 1.77
CA UNK A 79 -42.36 55.22 0.54
C UNK A 79 -42.29 56.67 0.07
N UNK A 80 -41.68 56.88 -1.09
CA UNK A 80 -41.57 58.23 -1.63
C UNK A 80 -42.93 58.69 -2.14
N UNK A 81 -43.20 60.00 -1.97
CA UNK A 81 -44.44 60.63 -2.44
C UNK A 81 -45.68 59.82 -2.07
N UNK A 82 -45.78 59.48 -0.79
CA UNK A 82 -46.85 58.62 -0.30
C UNK A 82 -48.22 59.22 -0.55
N UNK A 83 -49.18 58.35 -0.87
CA UNK A 83 -50.56 58.74 -1.11
C UNK A 83 -51.50 57.76 -0.41
N UNK A 84 -52.74 57.58 -0.91
CA UNK A 84 -53.73 56.75 -0.22
C UNK A 84 -53.23 55.32 0.02
N UNK A 85 -52.40 54.79 -0.89
CA UNK A 85 -51.89 53.43 -0.73
C UNK A 85 -51.07 53.28 0.55
N UNK A 86 -50.56 54.39 1.09
CA UNK A 86 -49.76 54.39 2.30
C UNK A 86 -50.59 54.03 3.53
N UNK A 87 -51.92 54.01 3.43
CA UNK A 87 -52.74 53.61 4.57
C UNK A 87 -52.39 52.21 5.04
N UNK A 88 -51.95 51.34 4.13
CA UNK A 88 -51.54 49.99 4.53
C UNK A 88 -50.40 50.13 5.51
N UNK A 89 -50.52 49.50 6.68
CA UNK A 89 -49.51 49.73 7.71
C UNK A 89 -48.18 49.06 7.34
N UNK A 90 -47.08 49.70 7.74
CA UNK A 90 -45.75 49.14 7.46
C UNK A 90 -45.38 48.11 8.52
N UNK A 91 -45.42 46.83 8.17
CA UNK A 91 -45.19 45.74 9.12
C UNK A 91 -43.73 45.30 9.11
N CYS A 92 -43.18 45.11 10.31
CA CYS A 92 -41.85 44.55 10.53
C CYS A 92 -41.94 43.04 10.73
N UNK A 93 -41.07 42.29 10.04
CA UNK A 93 -41.04 40.85 10.20
C UNK A 93 -39.63 40.36 10.00
N UNK A 94 -39.34 39.18 10.55
CA UNK A 94 -38.05 38.52 10.35
C UNK A 94 -38.28 37.31 9.47
N UNK A 95 -37.60 37.27 8.33
CA UNK A 95 -37.74 36.15 7.42
C UNK A 95 -37.11 34.90 8.03
N UNK A 96 -37.68 33.74 7.71
CA UNK A 96 -37.15 32.47 8.19
C UNK A 96 -36.07 32.00 7.21
N UNK A 97 -34.99 32.77 7.20
CA UNK A 97 -33.87 32.63 6.26
C UNK A 97 -32.56 32.52 7.02
N UNK A 98 -32.54 31.64 8.03
CA UNK A 98 -31.37 31.46 8.87
C UNK A 98 -30.15 31.14 8.01
N UNK A 99 -29.04 31.82 8.30
CA UNK A 99 -27.83 31.65 7.50
C UNK A 99 -27.37 30.19 7.45
N UNK A 100 -27.15 29.71 6.23
CA UNK A 100 -26.66 28.36 5.96
C UNK A 100 -27.45 27.29 6.71
N UNK A 101 -28.76 27.50 6.79
CA UNK A 101 -29.69 26.55 7.39
C UNK A 101 -31.01 26.48 6.64
N UNK A 102 -31.42 27.54 5.95
CA UNK A 102 -32.63 27.62 5.17
C UNK A 102 -32.34 28.57 4.01
N UNK A 103 -33.02 28.36 2.89
CA UNK A 103 -32.92 29.26 1.74
C UNK A 103 -34.25 29.88 1.38
N UNK A 104 -35.17 29.95 2.34
CA UNK A 104 -36.46 30.57 2.11
C UNK A 104 -36.31 32.09 2.06
N UNK A 105 -37.18 32.74 1.28
CA UNK A 105 -37.23 34.21 1.23
C UNK A 105 -38.59 34.73 1.67
N UNK A 106 -39.35 33.92 2.41
CA UNK A 106 -40.67 34.30 2.90
C UNK A 106 -40.85 33.56 4.23
N UNK A 107 -42.05 33.02 4.49
CA UNK A 107 -42.33 32.24 5.70
C UNK A 107 -41.83 32.92 6.96
N UNK A 108 -42.23 34.19 7.15
CA UNK A 108 -41.69 35.03 8.22
C UNK A 108 -41.77 34.32 9.57
N UNK A 109 -40.63 34.29 10.27
CA UNK A 109 -40.56 33.63 11.57
C UNK A 109 -41.39 34.37 12.62
N UNK A 110 -41.42 35.69 12.56
CA UNK A 110 -42.18 36.47 13.53
C UNK A 110 -42.62 37.79 12.94
N TRP A 111 -43.73 38.29 13.45
CA TRP A 111 -44.24 39.61 13.13
C TRP A 111 -44.37 40.38 14.44
N UNK A 112 -44.13 41.69 14.39
CA UNK A 112 -44.26 42.55 15.55
C UNK A 112 -45.58 43.32 15.52
N UNK A 113 -45.56 44.49 14.88
CA UNK A 113 -46.73 45.35 14.73
C UNK A 113 -46.43 46.21 13.52
N UNK A 114 -47.49 46.77 12.93
CA UNK A 114 -47.33 47.59 11.74
C UNK A 114 -47.69 49.04 12.02
N UNK A 115 -46.96 49.94 11.37
CA UNK A 115 -47.14 51.38 11.48
C UNK A 115 -48.12 51.89 10.43
N UNK A 116 -49.29 52.33 10.87
CA UNK A 116 -50.34 52.79 9.95
C UNK A 116 -50.06 54.24 9.56
N UNK A 117 -48.95 54.41 8.81
CA UNK A 117 -48.47 55.73 8.38
C UNK A 117 -49.24 56.18 7.13
N UNK A 118 -50.53 56.43 7.33
CA UNK A 118 -51.39 56.78 6.21
C UNK A 118 -51.03 58.15 5.67
N UNK A 119 -51.32 58.36 4.39
CA UNK A 119 -51.09 59.64 3.73
C UNK A 119 -52.22 59.97 2.76
N UNK B 1 -46.24 34.29 -11.09
CA UNK B 1 -46.38 34.22 -9.64
C UNK B 1 -47.76 34.70 -9.22
N UNK B 2 -48.48 33.85 -8.49
CA UNK B 2 -49.80 34.18 -7.98
C UNK B 2 -50.07 33.30 -6.78
N UNK B 3 -50.89 33.80 -5.85
CA UNK B 3 -51.30 32.99 -4.71
C UNK B 3 -52.73 33.34 -4.28
N UNK B 4 -53.67 33.34 -5.21
CA UNK B 4 -55.06 33.60 -4.85
C UNK B 4 -55.59 32.40 -4.07
N UNK B 5 -56.49 32.65 -3.12
CA UNK B 5 -57.01 31.52 -2.36
C UNK B 5 -58.39 31.77 -1.79
N UNK B 6 -59.10 30.67 -1.59
CA UNK B 6 -60.39 30.64 -0.90
C UNK B 6 -60.12 30.82 0.59
N UNK B 7 -61.10 31.39 1.31
CA UNK B 7 -60.91 31.52 2.75
C UNK B 7 -62.21 31.84 3.45
N UNK B 8 -62.18 31.69 4.77
CA UNK B 8 -63.23 32.10 5.68
C UNK B 8 -62.56 32.43 7.01
N UNK B 9 -63.18 33.30 7.78
CA UNK B 9 -62.65 33.61 9.11
C UNK B 9 -62.72 32.37 10.00
N UNK B 10 -61.75 32.24 10.90
CA UNK B 10 -61.75 31.11 11.82
C UNK B 10 -62.99 31.15 12.71
N UNK B 11 -63.57 29.98 12.92
CA UNK B 11 -64.76 29.88 13.77
C UNK B 11 -64.82 28.51 14.44
N UNK B 12 -63.70 28.08 15.04
CA UNK B 12 -63.61 26.80 15.74
C UNK B 12 -64.13 25.64 14.88
N UNK B 13 -63.62 25.57 13.64
CA UNK B 13 -64.04 24.55 12.69
C UNK B 13 -62.86 24.10 11.84
N UNK B 14 -62.96 22.88 11.32
CA UNK B 14 -61.92 22.25 10.52
C UNK B 14 -61.92 22.84 9.11
N UNK B 15 -61.10 23.87 8.92
CA UNK B 15 -61.00 24.58 7.66
C UNK B 15 -60.49 23.66 6.56
N UNK B 16 -60.88 23.95 5.33
CA UNK B 16 -60.37 23.21 4.17
C UNK B 16 -60.36 24.15 2.97
N UNK B 17 -59.72 25.31 3.14
CA UNK B 17 -59.67 26.36 2.13
C UNK B 17 -58.44 26.18 1.24
N UNK B 18 -58.66 25.81 -0.01
CA UNK B 18 -57.58 25.56 -0.95
C UNK B 18 -56.98 26.85 -1.46
N CYS B 19 -55.68 26.84 -1.73
CA CYS B 19 -54.97 27.96 -2.34
C CYS B 19 -54.59 27.63 -3.77
N UNK B 20 -54.61 28.67 -4.61
CA UNK B 20 -54.18 28.60 -6.00
C UNK B 20 -52.72 29.01 -6.10
N UNK B 21 -52.09 28.63 -7.20
CA UNK B 21 -50.72 29.06 -7.45
C UNK B 21 -50.42 29.06 -8.94
N UNK B 22 -49.45 29.90 -9.32
CA UNK B 22 -48.91 29.96 -10.67
C UNK B 22 -47.82 28.92 -10.91
N UNK B 23 -47.44 28.16 -9.89
CA UNK B 23 -46.37 27.17 -9.97
C UNK B 23 -46.69 26.06 -8.99
N UNK B 24 -46.12 24.88 -9.26
CA UNK B 24 -46.29 23.72 -8.38
C UNK B 24 -45.36 23.84 -7.18
N UNK B 25 -45.69 24.80 -6.31
CA UNK B 25 -44.90 25.12 -5.13
C UNK B 25 -45.22 24.11 -4.01
N UNK B 26 -44.83 22.87 -4.28
CA UNK B 26 -45.15 21.77 -3.36
C UNK B 26 -44.54 21.99 -1.99
N UNK B 27 -43.32 22.53 -1.94
CA UNK B 27 -42.63 22.83 -0.70
C UNK B 27 -42.42 24.31 -0.46
N UNK B 28 -42.46 25.13 -1.51
CA UNK B 28 -42.17 26.57 -1.40
C UNK B 28 -43.44 27.34 -1.04
N UNK B 29 -43.95 27.05 0.16
CA UNK B 29 -45.22 27.60 0.61
C UNK B 29 -45.20 27.72 2.13
N UNK B 30 -46.08 28.57 2.66
CA UNK B 30 -46.17 28.75 4.10
C UNK B 30 -47.58 29.20 4.46
N TRP B 31 -47.93 29.03 5.74
CA TRP B 31 -49.22 29.45 6.27
C TRP B 31 -48.99 30.26 7.53
N UNK B 32 -49.83 31.29 7.72
CA UNK B 32 -49.77 32.14 8.90
C UNK B 32 -51.18 32.63 9.16
N UNK B 33 -51.44 33.06 10.40
CA UNK B 33 -52.77 33.52 10.76
C UNK B 33 -52.68 34.70 11.71
N UNK B 34 -53.70 35.55 11.66
CA UNK B 34 -53.77 36.72 12.55
C UNK B 34 -55.15 36.90 13.13
N UNK B 35 -55.19 37.27 14.41
CA UNK B 35 -56.41 37.66 15.10
C UNK B 35 -56.78 39.07 14.67
N UNK B 36 -58.05 39.43 14.86
CA UNK B 36 -58.44 40.80 14.54
C UNK B 36 -57.62 41.77 15.38
N UNK B 37 -57.19 42.87 14.76
CA UNK B 37 -56.40 43.90 15.44
C UNK B 37 -55.16 43.30 16.08
N UNK B 38 -54.47 42.42 15.35
CA UNK B 38 -53.28 41.76 15.85
C UNK B 38 -52.34 41.43 14.70
N UNK B 39 -51.07 41.28 15.03
CA UNK B 39 -50.09 40.85 14.04
C UNK B 39 -50.24 39.36 13.78
N UNK B 40 -49.82 38.94 12.59
CA UNK B 40 -49.86 37.53 12.20
C UNK B 40 -48.77 36.73 12.87
N UNK B 41 -49.00 35.41 12.94
CA UNK B 41 -48.01 34.47 13.41
C UNK B 41 -48.09 33.25 12.50
N UNK B 42 -46.93 32.65 12.25
CA UNK B 42 -46.89 31.50 11.36
C UNK B 42 -47.68 30.33 11.95
N UNK B 43 -48.42 29.64 11.08
CA UNK B 43 -49.13 28.43 11.45
C UNK B 43 -48.40 27.20 10.93
N UNK B 44 -47.77 27.34 9.76
CA UNK B 44 -47.05 26.24 9.13
C UNK B 44 -46.04 26.86 8.17
N UNK B 45 -45.03 26.09 7.81
CA UNK B 45 -44.01 26.56 6.88
C UNK B 45 -43.58 25.35 6.08
N UNK B 46 -43.04 25.59 4.89
CA UNK B 46 -42.64 24.51 3.99
C UNK B 46 -43.80 23.54 3.79
N UNK B 47 -44.96 24.12 3.50
CA UNK B 47 -46.19 23.38 3.32
C UNK B 47 -46.52 22.52 4.55
N UNK B 48 -46.51 21.18 4.44
CA UNK B 48 -46.93 20.32 5.55
C UNK B 48 -46.24 20.55 6.89
N UNK B 49 -44.98 21.00 6.91
CA UNK B 49 -44.28 21.11 8.20
C UNK B 49 -44.97 22.11 9.14
N UNK B 50 -45.10 21.72 10.41
CA UNK B 50 -45.68 22.60 11.42
C UNK B 50 -44.78 23.78 11.75
N UNK B 51 -45.39 24.92 12.04
CA UNK B 51 -44.65 26.09 12.47
C UNK B 51 -44.10 25.90 13.89
N UNK B 52 -42.98 26.57 14.16
CA UNK B 52 -42.41 26.55 15.50
C UNK B 52 -43.32 27.27 16.48
N UNK B 53 -43.32 26.79 17.72
CA UNK B 53 -44.09 27.39 18.82
C UNK B 53 -45.57 27.51 18.47
N UNK B 54 -46.13 26.44 17.90
CA UNK B 54 -47.54 26.39 17.54
C UNK B 54 -47.99 24.94 17.66
N UNK B 55 -49.30 24.76 17.87
CA UNK B 55 -49.83 23.40 17.91
C UNK B 55 -49.71 22.74 16.54
N UNK B 56 -49.28 21.48 16.53
CA UNK B 56 -49.24 20.73 15.28
C UNK B 56 -50.64 20.54 14.70
N UNK B 57 -51.64 20.43 15.56
CA UNK B 57 -53.02 20.27 15.14
C UNK B 57 -53.54 21.46 14.33
N UNK B 58 -52.91 22.64 14.44
CA UNK B 58 -53.34 23.81 13.69
C UNK B 58 -52.69 23.94 12.31
N UNK B 59 -51.75 23.07 11.97
CA UNK B 59 -51.09 23.17 10.69
C UNK B 59 -52.02 22.82 9.52
N UNK B 60 -51.76 23.44 8.38
CA UNK B 60 -52.53 23.27 7.16
C UNK B 60 -52.41 21.85 6.60
N UNK B 61 -53.43 21.45 5.82
CA UNK B 61 -53.39 20.14 5.18
C UNK B 61 -52.20 20.05 4.22
N UNK B 62 -51.95 21.15 3.49
CA UNK B 62 -50.75 21.31 2.66
C UNK B 62 -50.49 20.13 1.72
N UNK B 63 -51.50 19.74 0.94
CA UNK B 63 -51.35 18.63 -0.01
C UNK B 63 -50.58 19.09 -1.25
N UNK B 64 -49.30 19.40 -1.04
CA UNK B 64 -48.36 19.81 -2.09
C UNK B 64 -48.90 20.95 -2.96
N UNK B 65 -49.02 20.75 -4.29
CA UNK B 65 -49.45 21.80 -5.20
C UNK B 65 -50.93 22.14 -5.06
N UNK B 66 -51.68 21.35 -4.29
CA UNK B 66 -53.09 21.54 -4.02
C UNK B 66 -53.29 21.81 -2.53
N UNK B 67 -52.32 22.51 -1.93
CA UNK B 67 -52.35 22.85 -0.52
C UNK B 67 -53.63 23.56 -0.12
N UNK B 68 -54.10 23.26 1.08
CA UNK B 68 -55.32 23.82 1.62
C UNK B 68 -55.15 23.95 3.13
N UNK B 69 -55.95 24.84 3.71
CA UNK B 69 -55.92 25.06 5.14
C UNK B 69 -56.48 23.84 5.88
N UNK B 70 -56.15 23.77 7.17
CA UNK B 70 -56.68 22.74 8.05
C UNK B 70 -56.69 23.29 9.45
N UNK B 71 -57.56 22.73 10.30
CA UNK B 71 -57.57 23.14 11.70
C UNK B 71 -58.10 22.00 12.57
N UNK B 72 -57.21 21.06 12.92
CA UNK B 72 -57.61 20.04 13.87
C UNK B 72 -57.81 20.67 15.24
N UNK B 73 -57.04 21.73 15.53
CA UNK B 73 -57.14 22.51 16.76
C UNK B 73 -58.31 23.49 16.64
N UNK B 74 -59.52 22.91 16.53
CA UNK B 74 -60.74 23.70 16.34
C UNK B 74 -61.25 24.21 17.70
N UNK B 75 -60.42 25.01 18.34
CA UNK B 75 -60.69 25.56 19.65
C UNK B 75 -61.60 26.78 19.54
N UNK B 76 -62.39 27.01 20.59
CA UNK B 76 -63.19 28.23 20.68
C UNK B 76 -62.29 29.47 20.71
N UNK B 77 -61.05 29.33 21.17
CA UNK B 77 -60.10 30.43 21.28
C UNK B 77 -59.33 30.69 19.98
N UNK B 78 -59.62 29.94 18.92
CA UNK B 78 -58.89 30.08 17.64
C UNK B 78 -59.38 31.32 16.90
N UNK B 79 -59.02 32.46 17.46
CA UNK B 79 -59.43 33.77 16.96
C UNK B 79 -58.69 34.19 15.69
N UNK B 80 -57.54 33.58 15.40
CA UNK B 80 -56.69 33.99 14.28
C UNK B 80 -57.08 33.27 13.00
N UNK B 81 -57.34 34.07 11.95
CA UNK B 81 -57.73 33.55 10.65
C UNK B 81 -56.49 33.37 9.78
N UNK B 82 -56.41 32.22 9.12
CA UNK B 82 -55.27 31.81 8.32
C UNK B 82 -55.26 32.37 6.90
N UNK B 83 -54.04 32.49 6.37
CA UNK B 83 -53.75 32.83 4.98
C UNK B 83 -52.48 32.09 4.58
N CYS B 84 -52.37 31.78 3.29
CA CYS B 84 -51.19 31.12 2.74
C CYS B 84 -50.30 32.11 2.00
N UNK B 85 -49.03 31.73 1.85
CA UNK B 85 -48.03 32.49 1.12
C UNK B 85 -47.30 31.55 0.16
N UNK B 86 -46.94 32.09 -1.01
CA UNK B 86 -46.12 31.39 -1.99
C UNK B 86 -44.68 31.87 -1.95
N UNK B 87 -43.79 31.04 -1.41
CA UNK B 87 -42.38 31.40 -1.25
C UNK B 87 -41.60 31.27 -2.56
N UNK B 88 -42.11 30.47 -3.50
CA UNK B 88 -41.41 30.19 -4.75
C UNK B 88 -41.06 31.43 -5.56
N UNK B 89 -41.92 32.45 -5.61
CA UNK B 89 -41.55 33.59 -6.45
C UNK B 89 -42.30 34.88 -6.13
N UNK B 90 -41.60 35.98 -6.38
CA UNK B 90 -42.09 37.36 -6.35
C UNK B 90 -42.77 37.77 -5.05
N UNK B 91 -42.50 37.07 -3.94
CA UNK B 91 -43.17 37.37 -2.67
C UNK B 91 -44.70 37.40 -2.79
N UNK B 92 -45.25 36.45 -3.52
CA UNK B 92 -46.71 36.37 -3.66
C UNK B 92 -47.34 35.85 -2.37
N PHE B 93 -48.40 36.54 -1.92
CA PHE B 93 -49.15 36.17 -0.73
C PHE B 93 -50.64 36.15 -1.03
N UNK B 94 -51.36 35.29 -0.32
CA UNK B 94 -52.81 35.21 -0.41
C UNK B 94 -53.46 36.24 0.50
N UNK B 95 -54.61 36.76 0.05
CA UNK B 95 -55.41 37.62 0.93
C UNK B 95 -56.18 36.80 1.95
N UNK B 96 -56.79 35.70 1.49
CA UNK B 96 -57.56 34.77 2.32
C UNK B 96 -58.44 35.48 3.36
N UNK B 97 -58.32 35.13 4.64
CA UNK B 97 -59.05 35.81 5.71
C UNK B 97 -58.11 36.13 6.87
N GLU C 38 -25.61 37.46 19.46
CA GLU C 38 -25.77 36.45 20.49
C GLU C 38 -26.65 35.30 19.99
N GLU C 39 -26.86 34.30 20.85
CA GLU C 39 -27.66 33.13 20.52
C GLU C 39 -27.16 32.41 19.27
N LEU C 40 -25.84 32.25 19.16
CA LEU C 40 -25.23 31.53 18.04
C LEU C 40 -24.60 30.23 18.53
N TRP C 41 -24.64 29.21 17.68
CA TRP C 41 -24.08 27.90 17.98
C TRP C 41 -23.21 27.40 16.83
N VAL C 42 -22.28 26.52 17.19
CA VAL C 42 -21.38 25.91 16.22
C VAL C 42 -22.14 24.89 15.38
N THR C 43 -22.00 24.98 14.06
CA THR C 43 -22.55 24.01 13.13
C THR C 43 -21.42 23.44 12.29
N VAL C 44 -21.40 22.12 12.18
CA VAL C 44 -20.37 21.38 11.46
C VAL C 44 -20.84 21.14 10.03
N TYR C 45 -20.01 21.52 9.07
CA TYR C 45 -20.27 21.36 7.64
C TYR C 45 -19.23 20.42 7.06
N TYR C 46 -19.69 19.38 6.36
CA TYR C 46 -18.82 18.40 5.71
C TYR C 46 -19.02 18.55 4.21
N GLY C 47 -17.91 18.71 3.50
CA GLY C 47 -17.91 18.94 2.07
C GLY C 47 -17.54 20.37 1.77
N VAL C 48 -16.82 21.04 2.66
CA VAL C 48 -16.42 22.44 2.50
C VAL C 48 -15.37 22.56 1.40
N PRO C 49 -15.55 23.46 0.40
CA PRO C 49 -14.60 23.57 -0.73
C PRO C 49 -13.30 24.29 -0.35
N VAL C 50 -12.53 23.71 0.56
CA VAL C 50 -11.25 24.26 0.98
C VAL C 50 -10.15 23.21 0.90
N TRP C 51 -8.92 23.70 0.89
CA TRP C 51 -7.74 22.86 0.78
C TRP C 51 -6.58 23.55 1.47
N LYS C 52 -5.52 22.77 1.69
CA LYS C 52 -4.28 23.31 2.25
C LYS C 52 -3.11 22.73 1.48
N GLU C 53 -2.00 23.48 1.47
CA GLU C 53 -0.79 23.00 0.82
C GLU C 53 -0.38 21.67 1.44
N ALA C 54 -0.08 20.70 0.59
CA ALA C 54 0.30 19.39 1.09
C ALA C 54 1.15 18.67 0.04
N THR C 55 1.88 17.67 0.50
CA THR C 55 2.64 16.79 -0.37
C THR C 55 2.18 15.36 -0.15
N THR C 56 2.27 14.56 -1.20
CA THR C 56 1.94 13.14 -1.13
C THR C 56 2.64 12.45 -2.30
N THR C 57 2.35 11.18 -2.49
CA THR C 57 2.91 10.41 -3.59
C THR C 57 1.86 10.37 -4.70
N LEU C 58 2.21 10.89 -5.86
CA LEU C 58 1.32 10.92 -7.00
C LEU C 58 1.52 9.64 -7.80
N PHE C 59 0.45 9.13 -8.42
CA PHE C 59 0.60 7.94 -9.24
C PHE C 59 0.77 8.37 -10.69
N CYS C 60 1.38 7.48 -11.48
CA CYS C 60 1.65 7.76 -12.88
C CYS C 60 0.66 7.09 -13.82
N ALA C 61 0.05 7.90 -14.68
CA ALA C 61 -0.89 7.43 -15.68
C ALA C 61 -0.31 7.75 -17.06
N SER C 62 -0.74 6.99 -18.06
CA SER C 62 -0.29 7.19 -19.42
C SER C 62 -1.42 6.81 -20.38
N ASP C 63 -1.15 6.93 -21.67
CA ASP C 63 -2.12 6.61 -22.71
C ASP C 63 -1.42 6.23 -24.01
N ASN C 73 8.96 -1.02 -23.02
CA ASN C 73 9.18 0.37 -22.67
C ASN C 73 9.08 0.55 -21.15
N VAL C 74 10.06 1.27 -20.59
CA VAL C 74 10.11 1.49 -19.15
C VAL C 74 8.90 2.29 -18.68
N TRP C 75 8.54 3.32 -19.43
CA TRP C 75 7.44 4.19 -19.01
C TRP C 75 6.08 3.53 -19.22
N ALA C 76 5.89 2.80 -20.32
CA ALA C 76 4.61 2.15 -20.52
C ALA C 76 4.41 1.07 -19.47
N THR C 77 5.49 0.38 -19.10
CA THR C 77 5.40 -0.66 -18.08
C THR C 77 5.12 -0.06 -16.71
N HIS C 78 5.84 1.00 -16.33
CA HIS C 78 5.63 1.59 -15.02
C HIS C 78 4.29 2.30 -14.93
N CYS C 79 3.98 3.13 -15.92
CA CYS C 79 2.77 3.94 -15.89
C CYS C 79 1.62 3.16 -16.54
N CYS C 80 1.29 2.06 -15.88
CA CYS C 80 0.32 1.10 -16.37
C CYS C 80 -1.12 1.57 -16.22
N VAL C 81 -1.36 2.60 -15.41
CA VAL C 81 -2.73 3.06 -15.18
C VAL C 81 -3.15 3.90 -16.39
N PRO C 82 -4.28 3.60 -17.04
CA PRO C 82 -4.71 4.44 -18.16
C PRO C 82 -5.25 5.76 -17.64
N THR C 83 -5.13 6.80 -18.46
CA THR C 83 -5.76 8.05 -18.09
C THR C 83 -7.24 8.00 -18.42
N ASP C 84 -8.00 8.92 -17.84
CA ASP C 84 -9.40 9.02 -18.19
C ASP C 84 -9.56 9.54 -19.62
N PRO C 85 -10.47 8.98 -20.42
CA PRO C 85 -10.85 9.69 -21.64
C PRO C 85 -11.56 10.97 -21.25
N SER C 86 -11.38 12.01 -22.07
CA SER C 86 -12.02 13.31 -21.89
C SER C 86 -11.92 13.76 -20.43
N PRO C 87 -10.70 13.97 -19.93
CA PRO C 87 -10.56 14.39 -18.52
C PRO C 87 -11.13 15.79 -18.33
N GLN C 88 -11.61 16.04 -17.11
CA GLN C 88 -12.23 17.30 -16.79
C GLN C 88 -11.30 18.22 -16.01
N GLU C 89 -11.61 19.51 -16.12
CA GLU C 89 -10.94 20.60 -15.44
C GLU C 89 -12.04 21.53 -14.96
N VAL C 90 -11.97 21.97 -13.70
CA VAL C 90 -12.97 22.87 -13.15
C VAL C 90 -12.29 24.21 -12.90
N VAL C 91 -12.79 25.26 -13.54
CA VAL C 91 -12.22 26.59 -13.34
C VAL C 91 -12.81 27.15 -12.06
N LEU C 92 -11.95 27.66 -11.17
CA LEU C 92 -12.38 28.18 -9.89
C LEU C 92 -12.47 29.70 -10.04
N GLU C 93 -13.68 30.24 -10.06
CA GLU C 93 -13.82 31.67 -10.24
C GLU C 93 -13.51 32.39 -8.94
N ASN C 94 -12.95 33.59 -9.05
CA ASN C 94 -12.65 34.44 -7.90
C ASN C 94 -11.74 33.73 -6.89
N VAL C 95 -10.78 32.95 -7.37
CA VAL C 95 -9.81 32.25 -6.52
C VAL C 95 -8.40 32.71 -6.90
N THR C 96 -7.65 33.16 -5.90
CA THR C 96 -6.27 33.55 -6.06
C THR C 96 -5.44 32.55 -5.26
N GLU C 97 -4.42 31.97 -5.89
CA GLU C 97 -3.61 30.94 -5.26
C GLU C 97 -2.14 31.24 -5.51
N ASN C 98 -1.32 31.14 -4.46
CA ASN C 98 0.11 31.40 -4.63
C ASN C 98 0.81 30.13 -5.13
N PHE C 99 1.61 30.29 -6.17
CA PHE C 99 2.40 29.22 -6.77
C PHE C 99 3.87 29.54 -6.60
N ASN C 100 4.71 28.51 -6.58
CA ASN C 100 6.16 28.69 -6.54
C ASN C 100 6.79 27.49 -7.24
N MET C 101 7.15 27.68 -8.51
CA MET C 101 7.68 26.56 -9.31
C MET C 101 9.02 26.08 -8.80
N TRP C 102 9.73 26.88 -8.01
CA TRP C 102 11.08 26.57 -7.55
C TRP C 102 11.08 25.73 -6.28
N LYS C 103 9.92 25.58 -5.63
CA LYS C 103 9.76 24.85 -4.38
C LYS C 103 8.66 23.78 -4.54
N ASN C 104 8.36 23.41 -5.78
CA ASN C 104 7.27 22.51 -6.12
C ASN C 104 7.74 21.06 -5.94
N ASN C 105 7.15 20.36 -4.97
CA ASN C 105 7.56 19.00 -4.65
C ASN C 105 7.31 18.04 -5.80
N MET C 106 6.48 18.41 -6.78
CA MET C 106 6.22 17.51 -7.89
C MET C 106 7.47 17.30 -8.72
N VAL C 107 8.37 18.29 -8.71
CA VAL C 107 9.62 18.17 -9.45
C VAL C 107 10.49 17.15 -8.75
N GLU C 108 10.49 17.19 -7.41
CA GLU C 108 11.32 16.28 -6.64
C GLU C 108 10.84 14.85 -6.82
N GLN C 109 9.51 14.67 -6.86
CA GLN C 109 9.00 13.32 -7.08
C GLN C 109 9.35 12.83 -8.47
N MET C 110 9.18 13.69 -9.49
CA MET C 110 9.47 13.25 -10.85
C MET C 110 10.94 12.87 -10.97
N HIS C 111 11.82 13.65 -10.32
CA HIS C 111 13.24 13.38 -10.33
C HIS C 111 13.55 12.02 -9.70
N GLU C 112 12.97 11.78 -8.52
CA GLU C 112 13.20 10.51 -7.84
C GLU C 112 12.63 9.34 -8.63
N ASP C 113 11.46 9.52 -9.25
CA ASP C 113 10.86 8.41 -10.01
C ASP C 113 11.68 8.08 -11.24
N ILE C 114 12.21 9.10 -11.91
CA ILE C 114 13.02 8.85 -13.10
C ILE C 114 14.30 8.14 -12.71
N ILE C 115 14.96 8.59 -11.65
CA ILE C 115 16.20 7.93 -11.23
C ILE C 115 15.90 6.50 -10.80
N SER C 116 14.82 6.31 -10.05
CA SER C 116 14.46 4.97 -9.59
C SER C 116 14.20 4.03 -10.76
N LEU C 117 13.48 4.48 -11.79
CA LEU C 117 13.24 3.60 -12.93
C LEU C 117 14.50 3.31 -13.71
N TRP C 118 15.38 4.31 -13.86
CA TRP C 118 16.63 4.07 -14.59
C TRP C 118 17.52 3.11 -13.82
N ASP C 119 17.46 3.13 -12.49
CA ASP C 119 18.24 2.20 -11.69
C ASP C 119 17.62 0.80 -11.71
N GLN C 120 16.30 0.73 -11.51
CA GLN C 120 15.62 -0.56 -11.38
C GLN C 120 15.62 -1.32 -12.69
N SER C 121 15.48 -0.64 -13.83
CA SER C 121 15.42 -1.35 -15.10
C SER C 121 16.74 -1.94 -15.54
N LEU C 122 17.87 -1.55 -14.92
CA LEU C 122 19.17 -2.08 -15.29
C LEU C 122 19.68 -3.15 -14.34
N LYS C 123 18.90 -3.51 -13.31
CA LYS C 123 19.38 -4.53 -12.38
C LYS C 123 19.48 -5.92 -13.01
N PRO C 124 18.43 -6.47 -13.66
CA PRO C 124 18.54 -7.83 -14.21
C PRO C 124 19.18 -7.82 -15.60
N CYS C 125 20.40 -7.31 -15.69
CA CYS C 125 21.04 -7.07 -16.98
C CYS C 125 22.54 -7.31 -16.83
N VAL C 126 23.24 -7.30 -17.95
CA VAL C 126 24.65 -7.66 -18.00
C VAL C 126 25.53 -6.55 -17.44
N LYS C 127 26.37 -6.92 -16.48
CA LYS C 127 27.36 -6.02 -15.87
C LYS C 127 28.69 -6.23 -16.59
N LEU C 128 29.21 -5.17 -17.18
CA LEU C 128 30.41 -5.26 -18.03
C LEU C 128 31.71 -5.12 -17.23
N THR C 129 31.92 -6.05 -16.30
CA THR C 129 33.15 -6.07 -15.50
C THR C 129 34.27 -6.89 -16.16
N PRO C 130 33.99 -7.94 -16.96
CA PRO C 130 35.11 -8.63 -17.64
C PRO C 130 35.84 -7.77 -18.65
N LEU C 131 35.28 -6.64 -19.07
CA LEU C 131 35.88 -5.78 -20.08
C LEU C 131 36.81 -4.70 -19.53
N CYS C 132 37.07 -4.65 -18.22
CA CYS C 132 38.01 -3.66 -17.69
C CYS C 132 39.41 -4.27 -17.78
N VAL C 133 39.87 -4.36 -19.03
CA VAL C 133 41.12 -4.99 -19.41
C VAL C 133 41.87 -4.03 -20.34
N THR C 134 43.14 -4.31 -20.56
CA THR C 134 43.92 -3.52 -21.50
C THR C 134 43.41 -3.76 -22.91
N LEU C 135 43.15 -2.68 -23.65
CA LEU C 135 42.69 -2.74 -25.02
C LEU C 135 43.80 -2.31 -25.96
N ASN C 136 43.89 -2.95 -27.13
CA ASN C 136 44.90 -2.55 -28.12
C ASN C 136 44.48 -1.30 -28.89
N CYS C 137 43.20 -1.19 -29.21
CA CYS C 137 42.56 -0.06 -29.90
C CYS C 137 43.29 0.52 -31.11
N THR C 138 43.41 -0.26 -32.18
CA THR C 138 43.96 0.26 -33.43
C THR C 138 42.93 1.21 -34.03
N ASP C 139 43.38 2.38 -34.50
CA ASP C 139 42.46 3.36 -35.08
C ASP C 139 41.69 2.76 -36.25
N LEU C 140 40.38 3.02 -36.28
CA LEU C 140 39.50 2.52 -37.34
C LEU C 140 39.29 3.53 -38.45
N GLY C 141 39.13 4.81 -38.10
CA GLY C 141 38.88 5.88 -39.04
C GLY C 141 39.74 5.89 -40.29
N GLU C 164 36.90 12.66 -37.37
CA GLU C 164 37.35 11.43 -38.00
C GLU C 164 38.81 11.16 -37.69
N LYS C 165 39.34 10.06 -38.23
CA LYS C 165 40.74 9.67 -38.07
C LYS C 165 41.14 9.61 -36.60
N GLY C 166 40.42 8.78 -35.85
CA GLY C 166 40.66 8.59 -34.43
C GLY C 166 39.43 8.67 -33.56
N GLU C 167 38.28 9.05 -34.13
CA GLU C 167 37.06 9.14 -33.34
C GLU C 167 36.57 7.76 -32.93
N ILE C 168 36.70 6.78 -33.82
CA ILE C 168 36.27 5.40 -33.58
C ILE C 168 37.50 4.52 -33.67
N LYS C 169 37.71 3.67 -32.66
CA LYS C 169 38.83 2.75 -32.61
C LYS C 169 38.34 1.31 -32.57
N ASN C 170 39.14 0.42 -33.15
CA ASN C 170 38.89 -1.02 -33.18
C ASN C 170 39.78 -1.68 -32.14
N CYS C 171 39.19 -2.03 -31.00
CA CYS C 171 39.90 -2.47 -29.81
C CYS C 171 39.85 -3.98 -29.66
N SER C 172 41.03 -4.60 -29.48
CA SER C 172 41.14 -6.04 -29.28
C SER C 172 41.53 -6.31 -27.83
N PHE C 173 41.03 -7.42 -27.30
CA PHE C 173 41.33 -7.76 -25.91
C PHE C 173 41.18 -9.26 -25.68
N ASN C 174 41.86 -9.72 -24.61
CA ASN C 174 41.81 -11.12 -24.18
C ASN C 174 40.79 -11.23 -23.06
N ILE C 175 39.67 -11.87 -23.34
CA ILE C 175 38.55 -12.00 -22.41
C ILE C 175 38.21 -13.47 -22.21
N THR C 176 38.03 -13.85 -20.94
CA THR C 176 37.60 -15.21 -20.63
C THR C 176 36.11 -15.27 -20.95
N THR C 177 35.70 -16.28 -21.71
CA THR C 177 34.33 -16.38 -22.17
C THR C 177 33.49 -17.26 -21.23
N SER C 178 32.33 -17.72 -21.71
CA SER C 178 31.40 -18.48 -20.88
C SER C 178 32.02 -19.75 -20.33
N VAL C 179 32.97 -20.33 -21.05
CA VAL C 179 33.71 -21.50 -20.58
C VAL C 179 34.88 -20.95 -19.76
N ARG C 180 34.99 -21.40 -18.50
CA ARG C 180 35.97 -20.79 -17.59
C ARG C 180 37.42 -21.11 -17.90
N ASP C 181 37.74 -22.21 -18.59
CA ASP C 181 39.13 -22.52 -18.93
C ASP C 181 39.51 -22.15 -20.36
N LYS C 182 38.67 -21.37 -21.05
CA LYS C 182 38.94 -20.96 -22.43
C LYS C 182 38.92 -19.45 -22.51
N MET C 183 40.01 -18.87 -23.01
CA MET C 183 40.15 -17.43 -23.17
C MET C 183 40.14 -17.12 -24.66
N GLN C 184 39.38 -16.11 -25.06
CA GLN C 184 39.27 -15.72 -26.46
C GLN C 184 39.81 -14.32 -26.67
N LYS C 185 40.30 -14.06 -27.88
CA LYS C 185 40.70 -12.72 -28.30
C LYS C 185 39.55 -12.15 -29.10
N GLU C 186 38.91 -11.11 -28.57
CA GLU C 186 37.73 -10.49 -29.16
C GLU C 186 38.06 -9.09 -29.62
N TYR C 187 37.26 -8.61 -30.58
CA TYR C 187 37.36 -7.25 -31.11
C TYR C 187 36.03 -6.54 -30.88
N ALA C 188 36.12 -5.26 -30.55
CA ALA C 188 34.95 -4.43 -30.34
C ALA C 188 35.26 -3.01 -30.79
N THR C 189 34.21 -2.26 -31.11
CA THR C 189 34.35 -0.90 -31.61
C THR C 189 33.99 0.07 -30.49
N PHE C 190 34.90 1.02 -30.21
CA PHE C 190 34.67 2.02 -29.17
C PHE C 190 34.89 3.42 -29.71
N TYR C 191 34.23 4.39 -29.11
CA TYR C 191 34.41 5.80 -29.45
C TYR C 191 35.52 6.37 -28.59
N LYS C 192 36.17 7.41 -29.11
CA LYS C 192 37.25 8.07 -28.37
C LYS C 192 36.82 8.46 -26.96
N LEU C 193 35.58 8.90 -26.78
CA LEU C 193 35.12 9.35 -25.47
C LEU C 193 34.90 8.19 -24.50
N ASP C 194 34.87 6.95 -24.98
CA ASP C 194 34.60 5.79 -24.14
C ASP C 194 35.86 5.13 -23.59
N ILE C 195 37.04 5.56 -24.01
CA ILE C 195 38.30 4.94 -23.63
C ILE C 195 39.30 5.99 -23.16
N VAL C 196 40.25 5.55 -22.33
CA VAL C 196 41.31 6.38 -21.77
C VAL C 196 42.67 5.70 -21.97
N PRO C 197 43.71 6.42 -22.41
CA PRO C 197 45.05 5.80 -22.54
C PRO C 197 45.55 5.25 -21.21
N ILE C 198 46.27 4.13 -21.27
CA ILE C 198 46.82 3.49 -20.09
C ILE C 198 48.28 3.87 -19.87
N ASP C 199 49.08 3.91 -20.93
CA ASP C 199 50.53 4.04 -20.80
C ASP C 199 51.04 4.87 -21.96
N ASN C 200 52.37 5.07 -22.01
CA ASN C 200 52.98 5.85 -23.08
C ASN C 200 52.80 5.17 -24.43
N ASP C 201 52.65 3.85 -24.46
CA ASP C 201 52.37 3.17 -25.73
C ASP C 201 51.03 3.65 -26.23
N ASN C 202 51.01 4.21 -27.44
CA ASN C 202 49.77 4.78 -27.96
C ASN C 202 48.68 3.73 -28.10
N ASN C 203 49.04 2.48 -28.41
CA ASN C 203 48.06 1.42 -28.59
C ASN C 203 47.75 0.71 -27.27
N SER C 204 47.25 1.47 -26.29
CA SER C 204 46.89 0.86 -25.02
C SER C 204 45.84 1.71 -24.32
N TYR C 205 44.61 1.19 -24.22
CA TYR C 205 43.48 1.92 -23.67
C TYR C 205 42.67 1.01 -22.75
N ARG C 206 41.93 1.63 -21.83
CA ARG C 206 40.93 0.95 -21.01
C ARG C 206 39.65 1.77 -21.04
N LEU C 207 38.56 1.20 -20.54
CA LEU C 207 37.29 1.90 -20.58
C LEU C 207 37.37 3.20 -19.77
N ILE C 208 36.60 4.20 -20.21
CA ILE C 208 36.68 5.55 -19.64
C ILE C 208 36.60 5.57 -18.13
N ASN C 209 35.75 4.73 -17.52
CA ASN C 209 35.78 4.69 -16.05
C ASN C 209 35.34 3.33 -15.53
N CYS C 210 36.30 2.42 -15.40
CA CYS C 210 36.10 1.11 -14.79
C CYS C 210 37.03 0.98 -13.58
N ASN C 211 37.55 2.12 -13.09
CA ASN C 211 38.41 2.20 -11.93
C ASN C 211 37.58 2.17 -10.65
N THR C 212 36.57 3.02 -10.62
CA THR C 212 35.73 3.27 -9.46
C THR C 212 34.27 2.85 -9.67
N SER C 213 33.85 2.59 -10.89
CA SER C 213 32.44 2.36 -11.19
C SER C 213 32.22 1.01 -11.86
N VAL C 214 30.98 0.54 -11.73
CA VAL C 214 30.50 -0.68 -12.39
C VAL C 214 29.66 -0.26 -13.59
N ILE C 215 30.04 -0.73 -14.76
CA ILE C 215 29.38 -0.39 -16.02
C ILE C 215 28.38 -1.51 -16.33
N THR C 216 27.11 -1.15 -16.41
CA THR C 216 26.02 -2.09 -16.67
C THR C 216 25.52 -1.85 -18.08
N GLN C 217 25.36 -2.93 -18.85
CA GLN C 217 24.86 -2.78 -20.22
C GLN C 217 23.42 -2.27 -20.21
N ALA C 218 23.09 -1.41 -21.17
CA ALA C 218 21.76 -0.78 -21.26
C ALA C 218 20.62 -1.79 -21.33
N CYS C 219 20.90 -3.05 -21.66
CA CYS C 219 19.95 -4.14 -21.65
C CYS C 219 18.99 -3.96 -22.84
N PRO C 220 19.44 -4.35 -24.07
CA PRO C 220 18.77 -3.96 -25.33
C PRO C 220 17.25 -4.12 -25.44
N LYS C 221 16.63 -4.97 -24.63
CA LYS C 221 15.18 -5.15 -24.74
C LYS C 221 14.40 -4.13 -23.92
N VAL C 222 15.09 -3.27 -23.17
CA VAL C 222 14.48 -2.23 -22.35
C VAL C 222 14.56 -0.95 -23.15
N SER C 223 13.40 -0.35 -23.46
CA SER C 223 13.34 0.89 -24.21
C SER C 223 13.08 2.06 -23.28
N PHE C 224 13.88 3.11 -23.42
CA PHE C 224 13.80 4.32 -22.60
C PHE C 224 13.16 5.49 -23.34
N GLU C 225 12.53 5.25 -24.49
CA GLU C 225 11.93 6.32 -25.28
C GLU C 225 10.93 7.15 -24.46
N PRO C 226 11.11 8.46 -24.33
CA PRO C 226 10.12 9.27 -23.60
C PRO C 226 8.73 9.20 -24.22
N ILE C 227 7.73 9.03 -23.36
CA ILE C 227 6.32 9.03 -23.77
C ILE C 227 5.62 10.06 -22.88
N PRO C 228 4.44 10.54 -23.26
CA PRO C 228 3.72 11.45 -22.37
C PRO C 228 3.44 10.79 -21.03
N ILE C 229 3.75 11.52 -19.96
CA ILE C 229 3.56 11.09 -18.58
C ILE C 229 2.55 12.01 -17.93
N HIS C 230 1.54 11.43 -17.27
CA HIS C 230 0.53 12.20 -16.55
C HIS C 230 0.67 11.89 -15.07
N TYR C 231 0.91 12.91 -14.25
CA TYR C 231 0.96 12.73 -12.81
C TYR C 231 -0.44 12.98 -12.26
N CYS C 232 -0.94 12.05 -11.46
CA CYS C 232 -2.30 12.08 -10.97
C CYS C 232 -2.32 12.01 -9.46
N ALA C 233 -3.17 12.83 -8.86
CA ALA C 233 -3.30 12.86 -7.41
C ALA C 233 -4.08 11.66 -6.89
N PRO C 234 -3.74 11.14 -5.70
CA PRO C 234 -4.56 10.09 -5.09
C PRO C 234 -5.84 10.71 -4.54
N ALA C 235 -6.82 9.85 -4.26
CA ALA C 235 -8.08 10.33 -3.70
C ALA C 235 -7.80 11.10 -2.41
N GLY C 236 -8.51 12.22 -2.25
CA GLY C 236 -8.36 13.09 -1.11
C GLY C 236 -7.49 14.30 -1.39
N PHE C 237 -6.78 14.29 -2.52
CA PHE C 237 -5.89 15.34 -2.98
C PHE C 237 -6.36 15.82 -4.35
N ALA C 238 -5.91 17.02 -4.72
CA ALA C 238 -6.23 17.57 -6.03
C ALA C 238 -5.04 18.39 -6.49
N ILE C 239 -4.94 18.60 -7.81
CA ILE C 239 -3.86 19.41 -8.37
C ILE C 239 -4.48 20.70 -8.88
N LEU C 240 -3.94 21.83 -8.43
CA LEU C 240 -4.41 23.12 -8.89
C LEU C 240 -3.48 23.55 -10.02
N LYS C 241 -4.06 24.12 -11.07
CA LYS C 241 -3.35 24.59 -12.25
C LYS C 241 -3.53 26.09 -12.38
N CYS C 242 -2.44 26.77 -12.76
CA CYS C 242 -2.46 28.20 -13.05
C CYS C 242 -2.72 28.38 -14.54
N ASN C 243 -3.81 29.08 -14.87
CA ASN C 243 -4.20 29.34 -16.25
C ASN C 243 -3.80 30.73 -16.74
N ASN C 244 -2.87 31.39 -16.05
CA ASN C 244 -2.34 32.68 -16.51
C ASN C 244 -1.22 32.37 -17.50
N LYS C 245 -1.47 32.70 -18.77
CA LYS C 245 -0.58 32.37 -19.88
C LYS C 245 0.81 32.99 -19.76
N THR C 246 0.98 34.06 -18.98
CA THR C 246 2.27 34.73 -18.82
C THR C 246 2.78 34.67 -17.39
N PHE C 247 2.26 33.73 -16.59
CA PHE C 247 2.66 33.59 -15.19
C PHE C 247 4.16 33.39 -15.11
N ASN C 248 4.81 34.12 -14.20
CA ASN C 248 6.27 34.11 -14.09
C ASN C 248 6.81 33.00 -13.19
N GLY C 249 5.97 32.09 -12.72
CA GLY C 249 6.40 30.96 -11.92
C GLY C 249 6.29 31.13 -10.42
N THR C 250 6.15 32.35 -9.93
CA THR C 250 6.05 32.61 -8.50
C THR C 250 4.95 33.62 -8.24
N GLY C 251 4.42 33.56 -7.03
CA GLY C 251 3.46 34.53 -6.56
C GLY C 251 2.02 34.17 -6.89
N PRO C 252 1.11 35.11 -6.67
CA PRO C 252 -0.31 34.80 -6.84
C PRO C 252 -0.69 34.59 -8.31
N CYS C 253 -1.62 33.65 -8.51
CA CYS C 253 -2.22 33.38 -9.80
C CYS C 253 -3.72 33.59 -9.60
N THR C 254 -4.32 34.38 -10.49
CA THR C 254 -5.73 34.77 -10.37
C THR C 254 -6.66 34.01 -11.31
N ASN C 255 -6.16 33.02 -12.04
CA ASN C 255 -6.98 32.18 -12.92
C ASN C 255 -6.51 30.77 -12.59
N VAL C 256 -7.23 30.12 -11.67
CA VAL C 256 -6.86 28.85 -11.08
C VAL C 256 -7.94 27.84 -11.41
N SER C 257 -7.53 26.61 -11.74
CA SER C 257 -8.46 25.53 -12.02
C SER C 257 -8.00 24.28 -11.30
N THR C 258 -8.92 23.34 -11.11
CA THR C 258 -8.66 22.08 -10.43
C THR C 258 -8.69 20.94 -11.43
N VAL C 259 -7.64 20.12 -11.40
CA VAL C 259 -7.52 18.93 -12.22
C VAL C 259 -7.14 17.76 -11.32
N GLN C 260 -7.37 16.55 -11.85
CA GLN C 260 -6.91 15.34 -11.16
C GLN C 260 -5.56 14.89 -11.66
N CYS C 261 -5.27 15.12 -12.95
CA CYS C 261 -4.04 14.71 -13.60
C CYS C 261 -3.42 15.90 -14.33
N THR C 262 -2.10 15.90 -14.43
CA THR C 262 -1.39 16.90 -15.20
C THR C 262 -1.47 16.56 -16.69
N HIS C 263 -1.00 17.49 -17.53
CA HIS C 263 -0.93 17.22 -18.95
C HIS C 263 0.17 16.20 -19.19
N GLY C 264 0.27 15.67 -20.40
CA GLY C 264 1.31 14.69 -20.64
C GLY C 264 2.65 15.40 -20.70
N ILE C 265 3.62 14.85 -19.98
CA ILE C 265 4.99 15.36 -19.92
C ILE C 265 5.92 14.28 -20.44
N ARG C 266 6.81 14.66 -21.36
CA ARG C 266 7.77 13.67 -21.83
C ARG C 266 9.05 13.80 -21.01
N PRO C 267 9.54 12.71 -20.36
CA PRO C 267 10.78 12.81 -19.56
C PRO C 267 12.03 12.82 -20.43
N VAL C 268 12.18 13.90 -21.20
CA VAL C 268 13.30 14.04 -22.10
C VAL C 268 14.50 14.54 -21.30
N VAL C 269 15.65 13.90 -21.50
CA VAL C 269 16.89 14.24 -20.81
C VAL C 269 17.79 15.04 -21.75
N SER C 270 18.16 16.24 -21.31
CA SER C 270 19.05 17.11 -22.07
C SER C 270 19.76 18.04 -21.10
N THR C 271 20.86 18.65 -21.56
CA THR C 271 21.63 19.57 -20.72
C THR C 271 21.51 21.05 -21.03
N GLN C 272 21.08 21.44 -22.24
CA GLN C 272 21.04 22.86 -22.59
C GLN C 272 19.73 23.29 -23.21
N LEU C 273 19.27 22.55 -24.21
CA LEU C 273 18.02 22.83 -24.91
C LEU C 273 16.96 21.85 -24.43
N LEU C 274 15.75 22.35 -24.26
CA LEU C 274 14.63 21.51 -23.83
C LEU C 274 13.90 21.05 -25.08
N LEU C 275 13.85 19.74 -25.28
CA LEU C 275 13.28 19.14 -26.48
C LEU C 275 11.92 18.52 -26.18
N ASN C 276 11.05 18.56 -27.18
CA ASN C 276 9.74 17.91 -27.14
C ASN C 276 8.92 18.31 -25.91
N GLY C 277 9.03 19.58 -25.51
CA GLY C 277 8.28 20.09 -24.38
C GLY C 277 7.05 20.86 -24.83
N SER C 278 6.47 21.59 -23.88
CA SER C 278 5.31 22.41 -24.21
C SER C 278 5.78 23.77 -24.68
N LEU C 279 4.90 24.47 -25.40
CA LEU C 279 5.13 25.83 -25.85
C LEU C 279 4.31 26.82 -25.06
N ALA C 280 4.81 28.06 -24.98
CA ALA C 280 4.07 29.14 -24.37
C ALA C 280 2.82 29.41 -25.21
N GLU C 281 1.73 29.80 -24.55
CA GLU C 281 0.50 30.03 -25.29
C GLU C 281 0.57 31.27 -26.17
N GLU C 282 1.18 32.38 -25.69
CA GLU C 282 1.18 33.62 -26.47
C GLU C 282 2.54 34.24 -26.72
N GLU C 283 3.44 34.25 -25.74
CA GLU C 283 4.72 34.90 -25.86
C GLU C 283 5.79 34.05 -25.19
N ILE C 284 7.05 34.31 -25.55
CA ILE C 284 8.15 33.62 -24.89
C ILE C 284 8.19 34.12 -23.46
N VAL C 285 8.23 33.19 -22.50
CA VAL C 285 8.25 33.55 -21.08
C VAL C 285 9.57 33.11 -20.48
N ILE C 286 10.27 34.05 -19.84
CA ILE C 286 11.56 33.79 -19.22
C ILE C 286 11.30 33.79 -17.72
N ARG C 287 11.64 32.69 -17.05
CA ARG C 287 11.39 32.53 -15.63
C ARG C 287 12.70 32.33 -14.89
N SER C 288 12.79 32.90 -13.69
CA SER C 288 13.95 32.71 -12.84
C SER C 288 13.50 32.86 -11.39
N GLU C 289 14.19 32.15 -10.50
CA GLU C 289 13.88 32.29 -9.08
C GLU C 289 14.22 33.70 -8.61
N ASN C 290 15.29 34.28 -9.17
CA ASN C 290 15.73 35.62 -8.80
C ASN C 290 16.59 36.09 -9.98
N PHE C 291 16.09 37.04 -10.76
CA PHE C 291 16.82 37.45 -11.95
C PHE C 291 18.10 38.21 -11.63
N THR C 292 18.30 38.67 -10.40
CA THR C 292 19.49 39.41 -10.03
C THR C 292 20.50 38.53 -9.31
N ASP C 293 20.21 37.24 -9.16
CA ASP C 293 21.08 36.26 -8.52
C ASP C 293 21.76 35.47 -9.63
N ASN C 294 23.07 35.63 -9.77
CA ASN C 294 23.78 34.99 -10.87
C ASN C 294 23.93 33.48 -10.68
N GLY C 295 23.55 32.94 -9.53
CA GLY C 295 23.63 31.54 -9.23
C GLY C 295 22.39 30.73 -9.56
N LYS C 296 21.35 31.35 -10.11
CA LYS C 296 20.10 30.69 -10.44
C LYS C 296 19.97 30.46 -11.93
N THR C 297 19.28 29.37 -12.28
CA THR C 297 19.02 29.03 -13.67
C THR C 297 17.87 29.87 -14.22
N ILE C 298 18.03 30.32 -15.46
CA ILE C 298 16.98 31.03 -16.19
C ILE C 298 16.37 30.05 -17.19
N ILE C 299 15.06 29.79 -17.07
CA ILE C 299 14.36 28.85 -17.92
C ILE C 299 13.54 29.65 -18.92
N VAL C 300 13.82 29.47 -20.21
CA VAL C 300 13.14 30.18 -21.28
C VAL C 300 12.14 29.22 -21.90
N GLN C 301 10.86 29.58 -21.88
CA GLN C 301 9.81 28.78 -22.48
C GLN C 301 9.39 29.45 -23.78
N LEU C 302 9.61 28.77 -24.90
CA LEU C 302 9.35 29.36 -26.20
C LEU C 302 7.86 29.27 -26.53
N ASN C 303 7.39 30.18 -27.37
CA ASN C 303 6.02 30.16 -27.88
C ASN C 303 5.95 29.54 -29.28
N GLU C 304 7.09 29.19 -29.87
CA GLU C 304 7.17 28.57 -31.18
C GLU C 304 8.40 27.67 -31.14
N SER C 305 8.25 26.43 -31.62
CA SER C 305 9.37 25.50 -31.56
C SER C 305 10.32 25.69 -32.74
N VAL C 306 11.54 25.18 -32.57
CA VAL C 306 12.56 25.16 -33.63
C VAL C 306 12.96 23.71 -33.85
N GLU C 307 12.81 23.20 -35.07
CA GLU C 307 13.16 21.81 -35.32
C GLU C 307 14.68 21.63 -35.32
N ILE C 308 15.11 20.53 -34.70
CA ILE C 308 16.52 20.10 -34.70
C ILE C 308 16.54 18.67 -35.26
N ASN C 309 17.15 18.51 -36.44
CA ASN C 309 17.18 17.22 -37.14
C ASN C 309 18.55 16.59 -36.97
N CYS C 310 18.63 15.51 -36.19
CA CYS C 310 19.90 14.89 -35.81
C CYS C 310 20.08 13.57 -36.55
N THR C 311 21.29 13.37 -37.08
CA THR C 311 21.66 12.17 -37.83
C THR C 311 22.99 11.59 -37.35
N ARG C 312 23.03 10.26 -37.30
CA ARG C 312 24.23 9.46 -37.06
C ARG C 312 24.33 8.65 -38.35
N PRO C 313 25.12 9.13 -39.33
CA PRO C 313 25.13 8.54 -40.68
C PRO C 313 25.80 7.18 -40.80
N ASN C 314 26.60 6.72 -39.83
CA ASN C 314 27.29 5.46 -40.02
C ASN C 314 26.31 4.29 -40.05
N ASN C 315 26.49 3.41 -41.03
CA ASN C 315 25.67 2.22 -41.21
C ASN C 315 26.35 1.08 -40.45
N ASN C 316 25.89 0.84 -39.21
CA ASN C 316 26.53 -0.10 -38.31
C ASN C 316 25.92 -1.49 -38.41
N THR C 317 26.78 -2.51 -38.30
CA THR C 317 26.36 -3.90 -38.21
C THR C 317 26.67 -4.35 -36.79
N ARG C 318 25.65 -4.73 -36.04
CA ARG C 318 25.84 -5.09 -34.64
C ARG C 318 26.34 -6.52 -34.49
N LYS C 319 27.26 -6.70 -33.54
CA LYS C 319 27.85 -7.98 -33.21
C LYS C 319 27.63 -8.24 -31.72
N SER C 320 27.49 -9.51 -31.36
CA SER C 320 27.28 -9.91 -29.97
C SER C 320 28.44 -10.76 -29.50
N ILE C 321 29.11 -10.31 -28.44
CA ILE C 321 30.25 -11.00 -27.86
C ILE C 321 29.75 -11.66 -26.57
N HIS C 322 29.95 -12.96 -26.45
CA HIS C 322 29.47 -13.68 -25.27
C HIS C 322 30.55 -13.65 -24.21
N ILE C 323 30.24 -13.03 -23.07
CA ILE C 323 31.19 -12.84 -21.98
C ILE C 323 30.91 -13.73 -20.79
N GLY C 324 29.78 -14.43 -20.75
CA GLY C 324 29.46 -15.32 -19.68
C GLY C 324 28.28 -16.23 -20.00
N PRO C 325 27.87 -17.03 -19.03
CA PRO C 325 26.81 -18.03 -19.29
C PRO C 325 25.45 -17.37 -19.44
N GLY C 326 25.19 -16.81 -20.61
CA GLY C 326 23.98 -16.06 -20.88
C GLY C 326 24.13 -14.56 -20.79
N ARG C 327 25.37 -14.05 -20.72
CA ARG C 327 25.68 -12.64 -20.63
C ARG C 327 26.42 -12.26 -21.91
N ALA C 328 25.78 -11.48 -22.78
CA ALA C 328 26.39 -11.08 -24.03
C ALA C 328 26.61 -9.58 -24.07
N PHE C 329 27.78 -9.19 -24.58
CA PHE C 329 28.16 -7.81 -24.80
C PHE C 329 27.90 -7.46 -26.26
N TYR C 330 27.20 -6.36 -26.50
CA TYR C 330 26.87 -5.93 -27.86
C TYR C 330 27.78 -4.78 -28.26
N THR C 331 28.36 -4.91 -29.45
CA THR C 331 29.24 -3.89 -30.02
C THR C 331 28.96 -3.82 -31.52
N THR C 332 29.69 -2.95 -32.21
CA THR C 332 29.59 -2.81 -33.65
C THR C 332 30.64 -3.71 -34.28
N GLY C 333 30.21 -4.63 -35.13
CA GLY C 333 31.13 -5.57 -35.74
C GLY C 333 31.84 -4.95 -36.92
N GLN C 334 31.09 -4.21 -37.74
CA GLN C 334 31.65 -3.53 -38.90
C GLN C 334 30.79 -2.33 -39.22
N ILE C 335 31.37 -1.39 -39.95
CA ILE C 335 30.66 -0.22 -40.45
C ILE C 335 30.73 -0.29 -41.97
N ILE C 336 29.58 -0.21 -42.61
CA ILE C 336 29.47 -0.32 -44.05
C ILE C 336 29.51 1.09 -44.65
N GLY C 337 30.38 1.28 -45.63
CA GLY C 337 30.55 2.57 -46.26
C GLY C 337 31.61 3.39 -45.54
N ASN C 338 31.48 4.70 -45.67
CA ASN C 338 32.46 5.63 -45.13
C ASN C 338 32.09 6.03 -43.71
N ILE C 339 33.09 6.48 -42.96
CA ILE C 339 32.88 7.01 -41.62
C ILE C 339 32.57 8.49 -41.75
N ARG C 340 31.45 8.91 -41.19
CA ARG C 340 31.01 10.30 -41.25
C ARG C 340 30.70 10.80 -39.85
N GLN C 341 30.78 12.12 -39.69
CA GLN C 341 30.52 12.78 -38.43
C GLN C 341 29.02 12.89 -38.15
N ALA C 342 28.61 12.56 -36.93
CA ALA C 342 27.22 12.75 -36.52
C ALA C 342 26.98 14.25 -36.40
N HIS C 343 25.76 14.68 -36.74
CA HIS C 343 25.48 16.11 -36.66
C HIS C 343 24.00 16.38 -36.51
N CYS C 344 23.69 17.61 -36.10
CA CYS C 344 22.32 18.10 -36.01
C CYS C 344 22.14 19.40 -36.79
N ASN C 345 21.04 19.51 -37.52
CA ASN C 345 20.75 20.69 -38.34
C ASN C 345 19.61 21.47 -37.72
N ILE C 346 19.89 22.74 -37.44
CA ILE C 346 18.93 23.72 -36.90
C ILE C 346 18.78 24.80 -37.96
N SER C 347 17.55 25.14 -38.33
CA SER C 347 17.36 26.17 -39.34
C SER C 347 17.95 27.49 -38.86
N ARG C 348 18.74 28.14 -39.71
CA ARG C 348 19.40 29.37 -39.29
C ARG C 348 18.42 30.51 -39.10
N ALA C 349 17.45 30.67 -40.00
CA ALA C 349 16.50 31.77 -39.87
C ALA C 349 15.62 31.62 -38.65
N LYS C 350 15.18 30.39 -38.36
CA LYS C 350 14.30 30.20 -37.22
C LYS C 350 15.05 30.45 -35.92
N TRP C 351 16.30 29.95 -35.84
CA TRP C 351 17.09 30.18 -34.65
C TRP C 351 17.36 31.67 -34.45
N ASN C 352 17.71 32.37 -35.54
CA ASN C 352 18.02 33.79 -35.43
C ASN C 352 16.82 34.59 -34.95
N ASN C 353 15.62 34.22 -35.42
CA ASN C 353 14.41 34.91 -34.98
C ASN C 353 14.06 34.55 -33.55
N THR C 354 14.25 33.28 -33.17
CA THR C 354 13.96 32.86 -31.81
C THR C 354 14.89 33.56 -30.84
N LEU C 355 16.17 33.63 -31.18
CA LEU C 355 17.14 34.23 -30.28
C LEU C 355 16.86 35.73 -30.18
N HIS C 356 16.47 36.36 -31.28
CA HIS C 356 16.12 37.77 -31.24
C HIS C 356 14.97 38.01 -30.26
N LYS C 357 13.93 37.18 -30.32
CA LYS C 357 12.80 37.35 -29.42
C LYS C 357 13.20 37.08 -27.98
N ILE C 358 14.12 36.13 -27.77
CA ILE C 358 14.61 35.87 -26.42
C ILE C 358 15.31 37.11 -25.89
N VAL C 359 16.12 37.76 -26.73
CA VAL C 359 16.79 38.98 -26.31
C VAL C 359 15.77 40.05 -25.96
N LYS C 360 14.72 40.18 -26.79
CA LYS C 360 13.69 41.17 -26.51
C LYS C 360 13.07 40.96 -25.14
N LYS C 361 12.87 39.70 -24.75
CA LYS C 361 12.32 39.45 -23.41
C LYS C 361 13.38 39.61 -22.32
N LEU C 362 14.63 39.25 -22.58
CA LEU C 362 15.69 39.42 -21.59
C LEU C 362 15.91 40.89 -21.26
N ARG C 363 15.75 41.76 -22.25
CA ARG C 363 15.94 43.20 -22.03
C ARG C 363 14.91 43.81 -21.09
N GLU C 364 13.84 43.09 -20.76
CA GLU C 364 12.85 43.61 -19.83
C GLU C 364 13.31 43.45 -18.38
N GLN C 365 14.16 42.46 -18.12
CA GLN C 365 14.67 42.19 -16.78
C GLN C 365 16.03 42.83 -16.54
N PHE C 366 16.80 43.01 -17.62
CA PHE C 366 18.15 43.58 -17.61
C PHE C 366 18.05 44.80 -18.52
N ARG C 367 17.62 45.92 -17.95
CA ARG C 367 17.25 47.08 -18.72
C ARG C 367 18.46 47.79 -19.33
N ASN C 368 18.34 48.08 -20.63
CA ASN C 368 19.34 48.82 -21.41
C ASN C 368 20.74 48.21 -21.30
N LYS C 369 20.82 46.88 -21.35
CA LYS C 369 22.09 46.17 -21.33
C LYS C 369 22.29 45.48 -22.69
N THR C 370 23.56 45.27 -23.04
CA THR C 370 23.87 44.46 -24.20
C THR C 370 23.72 43.00 -23.81
N ILE C 371 23.08 42.20 -24.68
CA ILE C 371 22.87 40.79 -24.39
C ILE C 371 23.85 40.00 -25.24
N VAL C 372 24.75 39.26 -24.58
CA VAL C 372 25.81 38.52 -25.24
C VAL C 372 25.64 37.05 -24.92
N PHE C 373 25.65 36.21 -25.97
CA PHE C 373 25.56 34.77 -25.80
C PHE C 373 26.94 34.21 -26.13
N LYS C 374 27.44 33.36 -25.23
CA LYS C 374 28.71 32.67 -25.36
C LYS C 374 28.55 31.21 -25.03
N GLN C 375 29.51 30.41 -25.47
CA GLN C 375 29.54 29.01 -25.11
C GLN C 375 29.91 28.92 -23.63
N SER C 376 29.62 27.77 -23.02
CA SER C 376 29.86 27.63 -21.59
C SER C 376 31.36 27.76 -21.26
N SER C 377 31.61 28.03 -19.97
CA SER C 377 32.96 28.35 -19.50
C SER C 377 33.97 27.22 -19.63
N GLY C 378 33.52 25.97 -19.77
CA GLY C 378 34.43 24.85 -19.92
C GLY C 378 34.13 23.72 -18.95
N GLY C 379 34.56 22.51 -19.30
CA GLY C 379 34.32 21.33 -18.49
C GLY C 379 34.11 20.12 -19.38
N ASP C 380 33.73 19.01 -18.75
CA ASP C 380 33.51 17.77 -19.46
C ASP C 380 32.35 17.91 -20.44
N PRO C 381 32.31 17.08 -21.50
CA PRO C 381 31.18 17.13 -22.45
C PRO C 381 29.81 17.11 -21.80
N GLU C 382 29.66 16.40 -20.67
CA GLU C 382 28.37 16.36 -19.98
C GLU C 382 27.96 17.73 -19.46
N ILE C 383 28.91 18.64 -19.30
CA ILE C 383 28.67 19.98 -18.77
C ILE C 383 28.55 21.02 -19.88
N VAL C 384 29.45 20.98 -20.87
CA VAL C 384 29.53 22.07 -21.85
C VAL C 384 28.85 21.77 -23.18
N MET C 385 28.50 20.53 -23.46
CA MET C 385 27.86 20.18 -24.72
C MET C 385 26.38 19.90 -24.51
N HIS C 386 25.63 19.99 -25.60
CA HIS C 386 24.21 19.68 -25.61
C HIS C 386 24.07 18.17 -25.78
N SER C 387 23.58 17.47 -24.77
CA SER C 387 23.48 16.02 -24.87
C SER C 387 22.02 15.60 -24.94
N PHE C 388 21.79 14.48 -25.62
CA PHE C 388 20.43 13.95 -25.73
C PHE C 388 20.46 12.50 -26.21
N ASN C 389 19.35 11.80 -25.98
CA ASN C 389 19.16 10.42 -26.46
C ASN C 389 18.35 10.44 -27.76
N CYS C 390 19.01 10.14 -28.88
CA CYS C 390 18.44 10.17 -30.23
C CYS C 390 18.50 8.76 -30.81
N GLY C 391 17.33 8.15 -30.96
CA GLY C 391 17.26 6.83 -31.55
C GLY C 391 17.75 5.71 -30.66
N GLY C 392 18.08 6.02 -29.41
CA GLY C 392 18.65 5.11 -28.47
C GLY C 392 20.13 5.33 -28.24
N GLU C 393 20.79 6.20 -29.01
CA GLU C 393 22.20 6.51 -28.78
C GLU C 393 22.33 7.94 -28.27
N PHE C 394 23.32 8.15 -27.42
CA PHE C 394 23.52 9.43 -26.77
C PHE C 394 24.51 10.31 -27.52
N PHE C 395 23.99 11.46 -27.98
CA PHE C 395 24.71 12.44 -28.75
C PHE C 395 25.19 13.53 -27.80
N TYR C 396 26.36 14.06 -28.08
CA TYR C 396 26.94 15.24 -27.40
C TYR C 396 27.32 16.23 -28.50
N CYS C 397 26.49 17.25 -28.71
CA CYS C 397 26.63 18.19 -29.80
C CYS C 397 27.26 19.48 -29.30
N ASN C 398 28.15 20.05 -30.11
CA ASN C 398 28.89 21.26 -29.74
C ASN C 398 28.03 22.49 -30.07
N SER C 399 27.24 22.91 -29.08
CA SER C 399 26.33 24.04 -29.21
C SER C 399 27.07 25.38 -29.03
N THR C 400 28.03 25.61 -29.92
CA THR C 400 28.81 26.84 -29.92
C THR C 400 28.39 27.78 -31.03
N GLN C 401 27.70 27.29 -32.06
CA GLN C 401 27.25 28.13 -33.16
C GLN C 401 25.91 28.76 -32.87
N LEU C 402 25.25 28.36 -31.79
CA LEU C 402 23.95 28.84 -31.38
C LEU C 402 24.05 29.96 -30.35
N PHE C 403 25.11 29.95 -29.54
CA PHE C 403 25.31 30.89 -28.46
C PHE C 403 26.63 31.62 -28.65
N ASN C 404 26.77 32.30 -29.78
CA ASN C 404 27.96 33.08 -30.13
C ASN C 404 27.45 34.33 -30.83
N SER C 405 26.95 35.29 -30.05
CA SER C 405 26.37 36.48 -30.67
C SER C 405 26.33 37.63 -29.67
N THR C 406 26.25 38.84 -30.20
CA THR C 406 26.05 40.06 -29.42
C THR C 406 24.84 40.78 -29.97
N TRP C 407 23.92 41.15 -29.09
CA TRP C 407 22.68 41.84 -29.45
C TRP C 407 22.57 43.13 -28.65
N TYR C 408 22.10 44.18 -29.32
CA TYR C 408 21.88 45.48 -28.70
C TYR C 408 20.40 45.84 -28.57
N GLY C 409 19.50 45.07 -29.18
CA GLY C 409 18.07 45.31 -29.13
C GLY C 409 17.49 46.01 -30.34
N ASN C 410 18.32 46.58 -31.22
CA ASN C 410 17.87 47.28 -32.41
C ASN C 410 17.94 46.41 -33.66
N GLU C 411 18.27 45.12 -33.54
CA GLU C 411 18.42 44.23 -34.68
C GLU C 411 17.07 43.71 -35.17
N SER C 412 16.25 44.64 -35.64
CA SER C 412 14.93 44.27 -36.15
C SER C 412 15.07 43.45 -37.43
N SER C 413 14.19 42.46 -37.58
CA SER C 413 14.18 41.62 -38.76
C SER C 413 13.86 42.44 -40.02
N ASN C 421 21.08 26.90 -42.85
CA ASN C 421 21.30 25.73 -42.01
C ASN C 421 22.51 25.89 -41.10
N ILE C 422 22.30 25.63 -39.81
CA ILE C 422 23.36 25.59 -38.82
C ILE C 422 23.57 24.12 -38.51
N THR C 423 24.77 23.63 -38.79
CA THR C 423 25.11 22.23 -38.56
C THR C 423 26.01 22.16 -37.34
N LEU C 424 25.55 21.44 -36.31
CA LEU C 424 26.29 21.27 -35.09
C LEU C 424 27.01 19.93 -35.16
N PRO C 425 28.33 19.85 -35.01
CA PRO C 425 28.96 18.54 -34.99
C PRO C 425 28.59 17.84 -33.70
N CYS C 426 28.45 16.52 -33.76
CA CYS C 426 28.10 15.76 -32.58
C CYS C 426 29.00 14.55 -32.44
N ARG C 427 29.24 14.18 -31.20
CA ARG C 427 29.96 12.98 -30.82
C ARG C 427 28.95 12.00 -30.27
N ILE C 428 29.26 10.71 -30.35
CA ILE C 428 28.41 9.66 -29.81
C ILE C 428 29.18 9.06 -28.65
N LYS C 429 28.52 8.87 -27.51
CA LYS C 429 29.17 8.30 -26.35
C LYS C 429 28.37 7.07 -25.92
N GLN C 430 29.08 6.05 -25.42
CA GLN C 430 28.43 4.83 -24.96
C GLN C 430 28.51 4.57 -23.46
N ILE C 431 29.57 4.98 -22.76
CA ILE C 431 29.67 4.76 -21.32
C ILE C 431 29.20 6.04 -20.66
N ILE C 432 28.02 5.97 -20.06
CA ILE C 432 27.29 7.15 -19.60
C ILE C 432 27.08 7.05 -18.10
N ASN C 433 27.48 8.08 -17.38
CA ASN C 433 27.23 8.16 -15.94
C ASN C 433 26.05 9.13 -15.82
N LEU C 434 24.85 8.58 -15.73
CA LEU C 434 23.65 9.39 -15.60
C LEU C 434 23.41 9.75 -14.15
N TRP C 435 22.74 10.88 -13.94
CA TRP C 435 22.29 11.33 -12.63
C TRP C 435 23.46 11.63 -11.69
N GLN C 436 24.67 11.75 -12.23
CA GLN C 436 25.88 12.02 -11.46
C GLN C 436 26.03 11.01 -10.32
N GLU C 437 25.72 9.75 -10.62
CA GLU C 437 25.82 8.70 -9.62
C GLU C 437 27.29 8.41 -9.34
N VAL C 438 27.57 7.91 -8.15
CA VAL C 438 28.92 7.58 -7.73
C VAL C 438 29.06 6.06 -7.74
N GLY C 439 30.02 5.56 -8.53
CA GLY C 439 30.27 4.14 -8.61
C GLY C 439 29.45 3.35 -9.62
N LYS C 440 28.63 4.01 -10.43
CA LYS C 440 27.81 3.31 -11.41
C LYS C 440 27.84 4.04 -12.75
N ALA C 441 27.69 3.27 -13.83
CA ALA C 441 27.60 3.82 -15.17
C ALA C 441 26.84 2.84 -16.05
N MET C 442 26.29 3.36 -17.14
CA MET C 442 25.59 2.55 -18.13
C MET C 442 26.38 2.51 -19.42
N TYR C 443 26.35 1.37 -20.10
CA TYR C 443 26.89 1.20 -21.43
C TYR C 443 25.75 1.11 -22.44
N ALA C 444 25.68 2.07 -23.36
CA ALA C 444 24.63 2.07 -24.37
C ALA C 444 25.13 1.31 -25.60
N PRO C 445 24.61 0.12 -25.91
CA PRO C 445 25.17 -0.64 -27.03
C PRO C 445 24.83 0.04 -28.35
N PRO C 446 25.60 -0.20 -29.40
CA PRO C 446 25.27 0.47 -30.67
C PRO C 446 24.03 -0.13 -31.28
N ILE C 447 23.37 0.68 -32.10
CA ILE C 447 22.20 0.29 -32.88
C ILE C 447 22.62 0.20 -34.34
N GLY C 448 22.29 -0.91 -34.98
CA GLY C 448 22.70 -1.12 -36.35
C GLY C 448 21.96 -0.19 -37.28
N GLY C 449 22.50 -0.08 -38.50
CA GLY C 449 21.92 0.83 -39.47
C GLY C 449 22.32 2.26 -39.13
N GLN C 450 21.47 3.21 -39.53
CA GLN C 450 21.71 4.63 -39.34
C GLN C 450 20.68 5.14 -38.34
N ILE C 451 21.00 6.24 -37.67
CA ILE C 451 20.06 6.86 -36.72
C ILE C 451 19.66 8.24 -37.21
N ARG C 452 18.36 8.50 -37.22
CA ARG C 452 17.83 9.81 -37.54
C ARG C 452 16.72 10.11 -36.55
N CYS C 453 16.64 11.37 -36.13
CA CYS C 453 15.52 11.81 -35.31
C CYS C 453 15.29 13.29 -35.60
N SER C 454 14.11 13.76 -35.22
CA SER C 454 13.73 15.16 -35.41
C SER C 454 13.00 15.58 -34.15
N SER C 455 13.59 16.53 -33.41
CA SER C 455 13.03 16.97 -32.13
C SER C 455 12.65 18.43 -32.26
N ASN C 456 11.75 18.87 -31.39
CA ASN C 456 11.33 20.26 -31.35
C ASN C 456 12.00 20.93 -30.17
N ILE C 457 12.71 22.03 -30.41
CA ILE C 457 13.29 22.83 -29.34
C ILE C 457 12.16 23.73 -28.85
N THR C 458 11.75 23.51 -27.59
CA THR C 458 10.63 24.20 -26.98
C THR C 458 11.05 25.13 -25.85
N GLY C 459 12.26 25.00 -25.35
CA GLY C 459 12.73 25.87 -24.29
C GLY C 459 14.25 25.86 -24.27
N LEU C 460 14.80 26.65 -23.36
CA LEU C 460 16.24 26.84 -23.32
C LEU C 460 16.69 27.21 -21.91
N LEU C 461 17.78 26.61 -21.42
CA LEU C 461 18.33 26.94 -20.12
C LEU C 461 19.53 27.87 -20.26
N LEU C 462 19.48 29.03 -19.60
CA LEU C 462 20.57 30.00 -19.59
C LEU C 462 21.08 30.22 -18.17
N THR C 463 22.38 30.48 -18.07
CA THR C 463 23.03 30.89 -16.83
C THR C 463 23.69 32.24 -17.10
N ARG C 464 23.52 33.18 -16.19
CA ARG C 464 24.11 34.50 -16.36
C ARG C 464 25.45 34.56 -15.64
N ASP C 465 26.44 35.13 -16.31
CA ASP C 465 27.77 35.27 -15.72
C ASP C 465 27.74 36.19 -14.51
N GLY C 466 28.34 35.73 -13.41
CA GLY C 466 28.45 36.55 -12.23
C GLY C 466 29.69 37.43 -12.27
N GLY C 467 29.64 38.53 -11.53
CA GLY C 467 30.81 39.39 -11.46
C GLY C 467 31.07 40.13 -12.75
N ASN C 468 30.01 40.40 -13.53
CA ASN C 468 30.13 41.03 -14.85
C ASN C 468 29.29 42.30 -14.93
N ASN C 469 29.19 43.03 -13.83
CA ASN C 469 28.38 44.24 -13.77
C ASN C 469 29.23 45.46 -14.12
N ASN C 470 28.59 46.63 -14.14
CA ASN C 470 29.21 47.93 -14.35
C ASN C 470 29.83 48.08 -15.73
N ILE C 471 29.45 47.24 -16.70
CA ILE C 471 29.93 47.33 -18.07
C ILE C 471 28.81 47.44 -19.08
N THR C 472 27.58 47.71 -18.63
CA THR C 472 26.39 47.82 -19.47
C THR C 472 26.28 46.63 -20.43
N THR C 473 26.64 45.45 -19.93
CA THR C 473 26.62 44.23 -20.72
C THR C 473 26.28 43.06 -19.82
N GLU C 474 25.50 42.12 -20.34
CA GLU C 474 25.22 40.86 -19.66
C GLU C 474 25.63 39.73 -20.58
N ILE C 475 26.23 38.69 -20.00
CA ILE C 475 26.68 37.52 -20.75
C ILE C 475 25.89 36.32 -20.26
N PHE C 476 25.26 35.61 -21.19
CA PHE C 476 24.46 34.43 -20.91
C PHE C 476 25.13 33.24 -21.58
N ARG C 477 25.12 32.10 -20.91
CA ARG C 477 25.71 30.88 -21.43
C ARG C 477 24.69 29.75 -21.36
N PRO C 478 24.75 28.77 -22.27
CA PRO C 478 23.82 27.65 -22.18
C PRO C 478 24.15 26.76 -20.99
N GLY C 479 23.11 26.13 -20.46
CA GLY C 479 23.26 25.17 -19.39
C GLY C 479 22.69 25.73 -18.11
N GLY C 480 22.04 24.87 -17.34
CA GLY C 480 21.40 25.24 -16.09
C GLY C 480 22.03 24.52 -14.92
N GLY C 481 21.19 24.04 -14.02
CA GLY C 481 21.64 23.34 -12.83
C GLY C 481 21.46 21.87 -13.07
N ASP C 482 20.88 21.13 -12.13
CA ASP C 482 20.75 19.69 -12.31
C ASP C 482 19.48 19.40 -13.12
N MET C 483 19.14 18.12 -13.24
CA MET C 483 18.04 17.69 -14.09
C MET C 483 16.69 18.25 -13.68
N ARG C 484 16.55 18.72 -12.44
CA ARG C 484 15.26 19.24 -12.01
C ARG C 484 14.85 20.46 -12.84
N ASP C 485 15.83 21.19 -13.38
CA ASP C 485 15.50 22.36 -14.18
C ASP C 485 14.83 21.96 -15.48
N ASN C 486 15.04 20.74 -15.96
CA ASN C 486 14.34 20.38 -17.17
C ASN C 486 12.90 20.02 -16.81
N TRP C 487 12.74 19.29 -15.72
CA TRP C 487 11.44 18.82 -15.31
C TRP C 487 10.66 19.96 -14.67
N ARG C 488 11.38 20.96 -14.14
CA ARG C 488 10.76 22.15 -13.62
C ARG C 488 10.29 23.06 -14.75
N SER C 489 10.66 22.77 -16.01
CA SER C 489 10.19 23.60 -17.12
C SER C 489 8.75 23.24 -17.44
N GLU C 490 8.29 22.11 -16.93
CA GLU C 490 6.95 21.59 -16.97
C GLU C 490 6.61 21.53 -15.49
N LEU C 491 5.40 21.16 -15.11
CA LEU C 491 5.05 21.06 -13.68
C LEU C 491 5.24 22.39 -12.94
N TYR C 492 5.35 23.52 -13.65
CA TYR C 492 5.53 24.81 -13.00
C TYR C 492 4.21 25.50 -12.73
N LYS C 493 3.16 25.07 -13.43
CA LYS C 493 1.84 25.65 -13.31
C LYS C 493 0.96 24.82 -12.41
N TYR C 494 1.49 23.75 -11.82
CA TYR C 494 0.73 22.82 -11.00
C TYR C 494 1.25 22.77 -9.58
N LYS C 495 0.32 22.60 -8.64
CA LYS C 495 0.66 22.36 -7.25
C LYS C 495 -0.32 21.34 -6.70
N VAL C 496 0.14 20.54 -5.74
CA VAL C 496 -0.70 19.53 -5.10
C VAL C 496 -1.24 20.10 -3.79
N VAL C 497 -2.54 19.97 -3.58
CA VAL C 497 -3.19 20.41 -2.35
C VAL C 497 -4.03 19.28 -1.79
N LYS C 498 -4.18 19.28 -0.47
CA LYS C 498 -5.02 18.32 0.25
C LYS C 498 -6.37 18.98 0.48
N ILE C 499 -7.43 18.21 0.26
CA ILE C 499 -8.80 18.72 0.43
C ILE C 499 -9.22 18.49 1.87
N GLU C 500 -9.80 19.53 2.49
CA GLU C 500 -10.22 19.51 3.89
C GLU C 500 -11.72 19.78 3.95
N PRO C 501 -12.55 18.74 3.72
CA PRO C 501 -14.00 18.96 3.55
C PRO C 501 -14.72 19.35 4.81
N LEU C 502 -14.10 19.22 5.98
CA LEU C 502 -14.74 19.44 7.26
C LEU C 502 -14.38 20.82 7.81
N GLY C 503 -15.40 21.53 8.29
CA GLY C 503 -15.19 22.83 8.89
C GLY C 503 -16.41 23.20 9.70
N VAL C 504 -16.29 24.30 10.46
CA VAL C 504 -17.35 24.75 11.35
C VAL C 504 -17.68 26.21 11.08
N ALA C 505 -18.88 26.61 11.48
CA ALA C 505 -19.27 28.00 11.37
C ALA C 505 -20.42 28.28 12.33
N PRO C 506 -20.60 29.52 12.77
CA PRO C 506 -21.76 29.84 13.61
C PRO C 506 -23.05 29.95 12.82
N THR C 507 -24.16 29.64 13.49
CA THR C 507 -25.48 29.98 12.97
C THR C 507 -26.45 30.10 14.13
N LYS C 508 -27.73 30.33 13.83
CA LYS C 508 -28.74 30.55 14.86
C LYS C 508 -29.41 29.28 15.38
N CYS C 509 -29.22 28.13 14.74
CA CYS C 509 -29.81 26.88 15.21
C CYS C 509 -28.93 26.18 16.24
N LYS C 510 -29.59 25.54 17.21
CA LYS C 510 -28.94 24.72 18.22
C LYS C 510 -29.36 23.27 18.00
N ARG C 511 -28.53 22.32 18.42
CA ARG C 511 -28.90 20.92 18.24
C ARG C 511 -30.21 20.62 18.97
N ARG C 512 -31.10 19.90 18.29
CA ARG C 512 -32.35 19.47 18.89
C ARG C 512 -32.10 18.26 19.79
N VAL C 513 -32.55 18.35 21.04
CA VAL C 513 -32.38 17.29 22.01
C VAL C 513 -33.73 17.04 22.68
N GLY D 10 -19.01 22.03 -10.45
CA GLY D 10 -17.80 21.22 -10.51
C GLY D 10 -17.10 21.14 -9.16
N PHE D 11 -16.15 20.22 -9.05
CA PHE D 11 -15.42 20.03 -7.81
C PHE D 11 -14.65 21.28 -7.43
N LEU D 12 -14.89 21.77 -6.22
CA LEU D 12 -14.35 23.01 -5.68
C LEU D 12 -14.80 24.25 -6.45
N GLY D 13 -15.83 24.13 -7.31
CA GLY D 13 -16.28 25.27 -8.09
C GLY D 13 -16.74 26.41 -7.22
N ALA D 14 -17.28 26.10 -6.04
CA ALA D 14 -17.78 27.10 -5.12
C ALA D 14 -16.67 27.66 -4.22
N ALA D 15 -15.41 27.26 -4.44
CA ALA D 15 -14.32 27.70 -3.58
C ALA D 15 -14.22 29.21 -3.52
N GLY D 16 -14.54 29.91 -4.61
CA GLY D 16 -14.50 31.36 -4.61
C GLY D 16 -15.81 32.01 -4.28
N SER D 17 -16.84 31.21 -3.99
CA SER D 17 -18.17 31.70 -3.67
C SER D 17 -18.23 32.03 -2.19
N THR D 18 -19.24 32.79 -1.79
CA THR D 18 -19.35 33.09 -0.38
C THR D 18 -19.72 31.82 0.36
N MET D 19 -19.53 31.85 1.68
CA MET D 19 -19.82 30.65 2.48
C MET D 19 -21.26 30.21 2.31
N GLY D 20 -22.20 31.16 2.25
CA GLY D 20 -23.59 30.84 2.12
C GLY D 20 -23.86 30.04 0.86
N ALA D 21 -23.51 30.61 -0.30
CA ALA D 21 -23.72 29.92 -1.56
C ALA D 21 -22.94 28.61 -1.62
N ALA D 22 -21.73 28.61 -1.06
CA ALA D 22 -20.90 27.41 -1.10
C ALA D 22 -21.50 26.28 -0.28
N SER D 23 -22.23 26.60 0.78
CA SER D 23 -22.82 25.57 1.63
C SER D 23 -23.95 24.82 0.95
N MET D 24 -24.45 25.31 -0.19
CA MET D 24 -25.55 24.68 -0.90
C MET D 24 -25.08 23.63 -1.89
N THR D 25 -23.76 23.47 -2.08
CA THR D 25 -23.18 22.52 -3.01
C THR D 25 -22.26 21.52 -2.31
N LEU D 26 -22.51 21.26 -1.03
CA LEU D 26 -21.63 20.40 -0.25
C LEU D 26 -21.56 18.99 -0.83
N THR D 27 -22.62 18.56 -1.52
CA THR D 27 -22.61 17.22 -2.10
C THR D 27 -21.57 17.06 -3.19
N VAL D 28 -21.10 18.15 -3.80
CA VAL D 28 -20.13 18.02 -4.88
C VAL D 28 -18.81 17.49 -4.31
N GLN D 29 -18.38 18.09 -3.20
CA GLN D 29 -17.12 17.69 -2.60
C GLN D 29 -17.30 16.40 -1.81
N ALA D 30 -18.45 16.25 -1.14
CA ALA D 30 -18.64 15.03 -0.37
C ALA D 30 -18.65 13.83 -1.32
N ARG D 31 -19.29 13.95 -2.49
CA ARG D 31 -19.33 12.83 -3.40
C ARG D 31 -17.96 12.57 -4.00
N GLN D 32 -17.21 13.64 -4.34
CA GLN D 32 -15.90 13.41 -4.94
C GLN D 32 -14.94 12.76 -3.96
N LEU D 33 -15.03 13.11 -2.67
CA LEU D 33 -14.08 12.56 -1.70
C LEU D 33 -14.51 11.21 -1.15
N LEU D 34 -15.81 10.98 -0.98
CA LEU D 34 -16.27 9.70 -0.44
C LEU D 34 -16.03 8.57 -1.44
N SER D 35 -16.31 8.82 -2.72
CA SER D 35 -16.17 7.80 -3.77
C SER D 35 -14.71 7.75 -4.22
N GLY D 36 -13.86 7.33 -3.30
CA GLY D 36 -12.43 7.27 -3.55
C GLY D 36 -12.02 5.97 -4.23
N GLY D 61 4.98 -1.03 -5.74
CA GLY D 61 4.28 -1.96 -4.87
C GLY D 61 4.01 -1.38 -3.50
N ILE D 62 5.09 -1.05 -2.78
CA ILE D 62 4.94 -0.53 -1.42
C ILE D 62 4.29 0.84 -1.45
N LYS D 63 4.72 1.71 -2.37
CA LYS D 63 4.15 3.05 -2.45
C LYS D 63 2.67 2.99 -2.81
N GLN D 64 2.28 2.08 -3.70
CA GLN D 64 0.88 2.00 -4.08
C GLN D 64 0.03 1.51 -2.92
N LEU D 65 0.55 0.54 -2.15
CA LEU D 65 -0.19 0.08 -0.99
C LEU D 65 -0.29 1.18 0.05
N GLN D 66 0.78 1.97 0.22
CA GLN D 66 0.71 3.06 1.18
C GLN D 66 -0.32 4.09 0.75
N ALA D 67 -0.39 4.38 -0.55
CA ALA D 67 -1.37 5.34 -1.03
C ALA D 67 -2.79 4.84 -0.81
N ARG D 68 -3.01 3.54 -1.02
CA ARG D 68 -4.36 2.98 -0.85
C ARG D 68 -4.75 2.95 0.62
N VAL D 69 -3.80 2.56 1.48
CA VAL D 69 -4.08 2.51 2.90
C VAL D 69 -4.31 3.92 3.42
N LEU D 70 -3.51 4.89 2.97
CA LEU D 70 -3.69 6.25 3.44
C LEU D 70 -5.04 6.81 3.02
N ALA D 71 -5.47 6.53 1.77
CA ALA D 71 -6.78 7.00 1.34
C ALA D 71 -7.88 6.41 2.21
N VAL D 72 -7.73 5.13 2.56
CA VAL D 72 -8.71 4.48 3.44
C VAL D 72 -8.67 5.12 4.82
N GLU D 73 -7.47 5.36 5.34
CA GLU D 73 -7.34 5.96 6.66
C GLU D 73 -7.93 7.36 6.70
N HIS D 74 -7.77 8.15 5.63
CA HIS D 74 -8.37 9.49 5.65
C HIS D 74 -9.89 9.40 5.62
N TYR D 75 -10.43 8.47 4.81
CA TYR D 75 -11.88 8.30 4.79
C TYR D 75 -12.39 7.92 6.17
N LEU D 76 -11.76 6.93 6.78
CA LEU D 76 -12.21 6.46 8.08
C LEU D 76 -11.98 7.52 9.13
N LYS D 77 -10.88 8.27 9.05
CA LYS D 77 -10.64 9.33 10.02
C LYS D 77 -11.80 10.32 10.01
N ASP D 78 -12.25 10.71 8.82
CA ASP D 78 -13.38 11.64 8.76
C ASP D 78 -14.65 10.97 9.30
N GLN D 79 -14.83 9.68 9.03
CA GLN D 79 -16.03 9.02 9.54
C GLN D 79 -15.97 8.86 11.05
N GLN D 80 -14.78 8.61 11.62
CA GLN D 80 -14.64 8.47 13.06
C GLN D 80 -14.87 9.81 13.75
N LEU D 81 -14.40 10.89 13.13
CA LEU D 81 -14.56 12.20 13.73
C LEU D 81 -16.03 12.60 13.71
N LEU D 82 -16.72 12.36 12.59
CA LEU D 82 -18.14 12.66 12.56
C LEU D 82 -18.93 11.70 13.45
N GLY D 83 -18.42 10.49 13.63
CA GLY D 83 -19.05 9.52 14.52
C GLY D 83 -19.01 9.91 15.99
N ILE D 84 -17.84 10.35 16.47
CA ILE D 84 -17.74 10.76 17.88
C ILE D 84 -18.54 12.03 18.10
N TRP D 85 -18.71 12.84 17.07
CA TRP D 85 -19.60 13.97 17.10
C TRP D 85 -20.98 13.43 16.78
N GLY D 86 -22.05 14.13 17.19
CA GLY D 86 -23.35 13.63 16.80
C GLY D 86 -23.74 14.04 15.39
N CYS D 87 -22.85 13.79 14.43
CA CYS D 87 -22.97 14.31 13.08
C CYS D 87 -22.98 13.26 11.97
N SER D 88 -22.81 11.98 12.30
CA SER D 88 -22.70 10.98 11.25
C SER D 88 -23.96 10.92 10.41
N GLY D 89 -23.77 10.80 9.10
CA GLY D 89 -24.86 10.68 8.15
C GLY D 89 -25.39 11.99 7.61
N LYS D 90 -24.93 13.13 8.12
CA LYS D 90 -25.40 14.44 7.70
C LYS D 90 -24.26 15.27 7.12
N LEU D 91 -24.59 16.08 6.11
CA LEU D 91 -23.64 17.04 5.57
C LEU D 91 -23.59 18.32 6.40
N ILE D 92 -24.71 18.72 6.99
CA ILE D 92 -24.78 19.89 7.85
C ILE D 92 -25.29 19.41 9.20
N CYS D 93 -24.45 19.55 10.23
CA CYS D 93 -24.72 19.08 11.57
C CYS D 93 -24.73 20.23 12.57
N THR D 94 -25.89 20.53 13.12
CA THR D 94 -26.01 21.60 14.10
C THR D 94 -25.70 21.01 15.46
N THR D 95 -24.80 21.66 16.21
CA THR D 95 -24.40 21.19 17.53
C THR D 95 -25.00 22.08 18.61
N ALA D 96 -24.79 21.65 19.85
CA ALA D 96 -25.23 22.39 21.04
C ALA D 96 -24.15 23.30 21.61
N VAL D 97 -22.99 23.40 20.97
CA VAL D 97 -21.89 24.20 21.50
C VAL D 97 -22.12 25.67 21.19
N PRO D 98 -22.15 26.57 22.18
CA PRO D 98 -22.37 27.99 21.86
C PRO D 98 -21.16 28.58 21.17
N TRP D 99 -21.40 29.60 20.35
CA TRP D 99 -20.30 30.28 19.69
C TRP D 99 -19.70 31.32 20.62
N ASN D 100 -18.37 31.29 20.74
CA ASN D 100 -17.61 32.23 21.55
C ASN D 100 -17.14 33.40 20.71
N ALA D 101 -17.47 34.62 21.16
CA ALA D 101 -17.05 35.82 20.43
C ALA D 101 -15.54 35.94 20.31
N THR D 102 -14.79 35.24 21.17
CA THR D 102 -13.34 35.25 21.09
C THR D 102 -12.89 34.67 19.76
N TRP D 103 -13.56 33.60 19.32
CA TRP D 103 -13.15 32.94 18.08
C TRP D 103 -13.40 33.86 16.89
N SER D 104 -14.56 34.52 16.86
CA SER D 104 -14.87 35.50 15.84
C SER D 104 -16.04 36.33 16.35
N ASN D 105 -15.90 37.66 16.28
CA ASN D 105 -16.94 38.58 16.72
C ASN D 105 -17.73 39.17 15.55
N LYS D 106 -17.60 38.59 14.36
CA LYS D 106 -18.32 39.06 13.20
C LYS D 106 -19.77 38.58 13.22
N THR D 107 -20.65 39.38 12.64
CA THR D 107 -22.05 39.01 12.52
C THR D 107 -22.20 37.98 11.42
N LEU D 108 -23.37 37.32 11.37
CA LEU D 108 -23.54 36.26 10.39
C LEU D 108 -23.53 36.80 8.97
N ASP D 109 -24.12 37.98 8.74
CA ASP D 109 -24.10 38.51 7.37
C ASP D 109 -22.68 38.79 6.92
N ASN D 110 -21.80 39.17 7.85
CA ASN D 110 -20.43 39.52 7.50
C ASN D 110 -19.52 38.30 7.53
N ILE D 111 -20.09 37.12 7.74
CA ILE D 111 -19.40 35.84 7.60
C ILE D 111 -19.90 35.09 6.37
N TRP D 112 -21.21 34.90 6.29
CA TRP D 112 -21.80 34.06 5.26
C TRP D 112 -21.96 34.73 3.90
N ASN D 113 -22.10 36.05 3.83
CA ASN D 113 -22.35 36.73 2.56
C ASN D 113 -21.17 37.58 2.08
N ASN D 114 -19.96 37.37 2.58
CA ASN D 114 -18.81 38.13 2.11
C ASN D 114 -17.57 37.23 2.00
N MET D 115 -17.24 36.53 3.08
CA MET D 115 -16.07 35.66 3.11
C MET D 115 -16.34 34.35 2.41
N THR D 116 -15.27 33.77 1.88
CA THR D 116 -15.29 32.44 1.28
C THR D 116 -14.80 31.48 2.35
N TRP D 117 -15.01 30.18 2.12
CA TRP D 117 -14.57 29.21 3.12
C TRP D 117 -13.07 29.20 3.27
N MET D 118 -12.32 29.53 2.21
CA MET D 118 -10.88 29.58 2.33
C MET D 118 -10.45 30.64 3.33
N GLU D 119 -11.19 31.74 3.41
CA GLU D 119 -10.83 32.80 4.34
C GLU D 119 -11.32 32.44 5.74
N TRP D 120 -12.51 31.83 5.81
CA TRP D 120 -13.09 31.48 7.10
C TRP D 120 -12.21 30.49 7.84
N GLU D 121 -11.63 29.51 7.11
CA GLU D 121 -10.84 28.50 7.77
C GLU D 121 -9.45 29.00 8.14
N LYS D 122 -9.14 30.26 7.81
CA LYS D 122 -7.92 30.94 8.20
C LYS D 122 -8.18 31.82 9.40
N GLU D 123 -9.32 32.52 9.39
CA GLU D 123 -9.66 33.44 10.47
C GLU D 123 -9.74 32.74 11.83
N ILE D 124 -10.29 31.52 11.86
CA ILE D 124 -10.43 30.76 13.10
C ILE D 124 -9.53 29.53 13.11
N SER D 125 -8.48 29.51 12.29
CA SER D 125 -7.60 28.34 12.24
C SER D 125 -7.08 27.93 13.61
N ASN D 126 -6.67 28.93 14.41
CA ASN D 126 -6.06 28.63 15.70
C ASN D 126 -7.03 28.06 16.71
N TYR D 127 -8.33 28.10 16.43
CA TYR D 127 -9.35 27.60 17.34
C TYR D 127 -10.00 26.32 16.83
N THR D 128 -9.49 25.76 15.72
CA THR D 128 -10.14 24.59 15.15
C THR D 128 -10.14 23.43 16.13
N ASN D 129 -8.99 23.17 16.76
CA ASN D 129 -8.91 22.02 17.64
C ASN D 129 -9.74 22.26 18.88
N LEU D 130 -9.79 23.52 19.32
CA LEU D 130 -10.56 23.84 20.51
C LEU D 130 -12.02 23.57 20.24
N ILE D 131 -12.49 24.02 19.08
CA ILE D 131 -13.90 23.86 18.77
C ILE D 131 -14.20 22.38 18.66
N TYR D 132 -13.31 21.64 18.00
CA TYR D 132 -13.55 20.21 17.83
C TYR D 132 -13.64 19.52 19.18
N ASN D 133 -12.79 19.91 20.13
CA ASN D 133 -12.85 19.27 21.44
C ASN D 133 -14.15 19.58 22.14
N LEU D 134 -14.65 20.82 21.98
CA LEU D 134 -15.89 21.17 22.63
C LEU D 134 -17.04 20.38 22.04
N ILE D 135 -16.98 20.12 20.73
CA ILE D 135 -18.06 19.37 20.10
C ILE D 135 -18.09 17.97 20.67
N GLU D 136 -16.90 17.36 20.79
CA GLU D 136 -16.84 16.02 21.35
C GLU D 136 -17.38 16.00 22.77
N GLU D 137 -17.01 17.02 23.56
CA GLU D 137 -17.46 17.05 24.94
C GLU D 137 -18.97 17.18 25.00
N SER D 138 -19.54 17.98 24.10
CA SER D 138 -20.99 18.13 24.09
C SER D 138 -21.66 16.80 23.78
N GLN D 139 -21.11 16.05 22.82
CA GLN D 139 -21.72 14.78 22.49
C GLN D 139 -21.62 13.82 23.67
N ASN D 140 -20.51 13.87 24.40
CA ASN D 140 -20.37 12.98 25.53
C ASN D 140 -21.44 13.27 26.56
N GLN D 141 -21.74 14.56 26.77
CA GLN D 141 -22.76 14.91 27.73
C GLN D 141 -24.11 14.44 27.23
N GLN D 142 -24.34 14.58 25.93
CA GLN D 142 -25.60 14.11 25.37
C GLN D 142 -25.73 12.62 25.53
N GLU D 143 -24.63 11.88 25.35
CA GLU D 143 -24.70 10.44 25.50
C GLU D 143 -25.08 10.08 26.92
N LYS D 144 -24.53 10.82 27.89
CA LYS D 144 -24.86 10.55 29.28
C LYS D 144 -26.34 10.83 29.52
N ASN D 145 -26.85 11.89 28.92
CA ASN D 145 -28.25 12.22 29.10
C ASN D 145 -29.12 11.16 28.45
N GLU D 146 -28.63 10.54 27.37
CA GLU D 146 -29.38 9.45 26.77
C GLU D 146 -29.24 8.19 27.63
N THR D 147 -28.05 7.98 28.20
CA THR D 147 -27.82 6.81 29.03
C THR D 147 -28.74 6.81 30.25
N GLU D 148 -28.94 7.98 30.85
CA GLU D 148 -29.82 8.12 32.01
C GLU D 148 -31.25 7.62 31.74
N ASN D 149 -31.69 7.63 30.47
CA ASN D 149 -33.06 7.25 30.10
C ASN D 149 -33.05 6.10 29.10
N LEU D 150 -32.84 4.89 29.60
CA LEU D 150 -32.78 3.71 28.75
C LEU D 150 -34.20 3.24 28.43
N THR D 151 -34.32 2.48 27.34
CA THR D 151 -35.61 1.94 26.93
C THR D 151 -36.21 1.06 28.02
N LEU D 152 -37.44 1.40 28.42
CA LEU D 152 -38.20 0.67 29.45
C LEU D 152 -37.44 0.57 30.78
N CYS D 153 -36.57 1.53 31.05
CA CYS D 153 -35.79 1.57 32.28
C CYS D 153 -35.59 2.98 32.79
N GLU E 39 -37.35 -12.13 34.18
CA GLU E 39 -37.26 -12.01 32.74
C GLU E 39 -36.12 -11.06 32.38
N LEU E 40 -34.99 -11.63 31.98
CA LEU E 40 -33.80 -10.89 31.62
C LEU E 40 -33.59 -10.91 30.10
N TRP E 41 -33.01 -9.83 29.59
CA TRP E 41 -32.75 -9.64 28.18
C TRP E 41 -31.27 -9.40 27.95
N VAL E 42 -30.80 -9.78 26.75
CA VAL E 42 -29.42 -9.58 26.35
C VAL E 42 -29.18 -8.10 26.04
N THR E 43 -28.13 -7.53 26.66
CA THR E 43 -27.71 -6.15 26.37
C THR E 43 -26.25 -6.15 25.94
N VAL E 44 -25.98 -5.45 24.84
CA VAL E 44 -24.64 -5.33 24.27
C VAL E 44 -23.99 -4.04 24.78
N TYR E 45 -22.78 -4.15 25.31
CA TYR E 45 -21.99 -3.05 25.85
C TYR E 45 -20.72 -2.91 25.03
N TYR E 46 -20.44 -1.70 24.53
CA TYR E 46 -19.24 -1.43 23.75
C TYR E 46 -18.39 -0.47 24.57
N GLY E 47 -17.15 -0.88 24.84
CA GLY E 47 -16.24 -0.15 25.68
C GLY E 47 -15.95 -0.90 26.96
N VAL E 48 -16.12 -2.21 26.96
CA VAL E 48 -15.89 -3.03 28.14
C VAL E 48 -14.38 -3.11 28.43
N PRO E 49 -13.93 -2.78 29.68
CA PRO E 49 -12.49 -2.76 29.99
C PRO E 49 -11.90 -4.15 30.21
N VAL E 50 -11.89 -4.98 29.17
CA VAL E 50 -11.33 -6.32 29.24
C VAL E 50 -10.33 -6.54 28.11
N TRP E 51 -9.49 -7.55 28.31
CA TRP E 51 -8.46 -7.89 27.36
C TRP E 51 -8.13 -9.36 27.47
N LYS E 52 -7.43 -9.86 26.46
CA LYS E 52 -6.92 -11.23 26.46
C LYS E 52 -5.48 -11.21 25.98
N GLU E 53 -4.72 -12.24 26.35
CA GLU E 53 -3.34 -12.31 25.88
C GLU E 53 -3.33 -12.43 24.37
N ALA E 54 -2.42 -11.70 23.72
CA ALA E 54 -2.30 -11.74 22.29
C ALA E 54 -0.88 -11.41 21.88
N THR E 55 -0.48 -11.90 20.71
CA THR E 55 0.82 -11.59 20.13
C THR E 55 0.55 -10.84 18.83
N THR E 56 1.13 -9.64 18.71
CA THR E 56 1.00 -8.83 17.51
C THR E 56 2.35 -8.25 17.16
N THR E 57 2.43 -7.61 15.99
CA THR E 57 3.66 -6.95 15.60
C THR E 57 3.72 -5.61 16.30
N LEU E 58 4.81 -5.36 17.01
CA LEU E 58 5.04 -4.09 17.69
C LEU E 58 5.89 -3.20 16.81
N PHE E 59 5.71 -1.89 16.94
CA PHE E 59 6.54 -0.95 16.21
C PHE E 59 7.41 -0.24 17.25
N CYS E 60 8.56 0.28 16.81
CA CYS E 60 9.44 1.00 17.70
C CYS E 60 9.41 2.50 17.44
N ALA E 61 9.78 3.25 18.48
CA ALA E 61 9.89 4.69 18.43
C ALA E 61 11.11 5.11 19.24
N SER E 62 11.65 6.28 18.88
CA SER E 62 12.82 6.81 19.58
C SER E 62 12.76 8.32 19.55
N ASP E 63 13.46 8.94 20.50
CA ASP E 63 13.54 10.39 20.57
C ASP E 63 14.23 10.97 19.34
N ASN E 73 22.80 6.24 11.52
CA ASN E 73 22.50 5.31 12.60
C ASN E 73 21.35 4.38 12.18
N VAL E 74 21.54 3.08 12.38
CA VAL E 74 20.53 2.12 11.96
C VAL E 74 19.29 2.20 12.85
N TRP E 75 19.47 2.50 14.13
CA TRP E 75 18.33 2.53 15.03
C TRP E 75 17.49 3.80 14.84
N ALA E 76 18.14 4.93 14.60
CA ALA E 76 17.38 6.16 14.38
C ALA E 76 16.60 6.07 13.08
N THR E 77 17.20 5.42 12.06
CA THR E 77 16.54 5.26 10.78
C THR E 77 15.38 4.26 10.89
N HIS E 78 15.59 3.14 11.57
CA HIS E 78 14.54 2.14 11.70
C HIS E 78 13.41 2.63 12.57
N CYS E 79 13.72 3.14 13.76
CA CYS E 79 12.71 3.60 14.70
C CYS E 79 12.43 5.09 14.48
N CYS E 80 11.91 5.36 13.29
CA CYS E 80 11.66 6.71 12.82
C CYS E 80 10.42 7.33 13.45
N VAL E 81 9.55 6.52 14.05
CA VAL E 81 8.31 7.06 14.64
C VAL E 81 8.67 7.84 15.90
N PRO E 82 8.19 9.07 16.09
CA PRO E 82 8.53 9.80 17.31
C PRO E 82 7.82 9.21 18.51
N THR E 83 8.41 9.46 19.68
CA THR E 83 7.85 9.02 20.95
C THR E 83 6.87 10.05 21.50
N ASP E 84 6.12 9.61 22.49
CA ASP E 84 5.20 10.49 23.20
C ASP E 84 6.01 11.40 24.12
N PRO E 85 5.95 12.73 23.96
CA PRO E 85 6.77 13.61 24.81
C PRO E 85 6.41 13.52 26.28
N SER E 86 5.24 13.00 26.62
CA SER E 86 4.82 12.85 28.01
C SER E 86 3.97 11.60 28.11
N PRO E 87 4.60 10.41 28.07
CA PRO E 87 3.85 9.16 27.99
C PRO E 87 2.89 9.00 29.15
N GLN E 88 1.71 8.45 28.87
CA GLN E 88 0.71 8.22 29.89
C GLN E 88 0.78 6.79 30.39
N GLU E 89 0.37 6.62 31.64
CA GLU E 89 0.31 5.32 32.30
C GLU E 89 -0.90 5.33 33.20
N VAL E 90 -1.71 4.28 33.16
CA VAL E 90 -2.91 4.18 33.99
C VAL E 90 -2.75 3.00 34.92
N VAL E 91 -2.80 3.25 36.22
CA VAL E 91 -2.66 2.19 37.21
C VAL E 91 -4.01 1.49 37.31
N LEU E 92 -4.01 0.16 37.23
CA LEU E 92 -5.23 -0.62 37.29
C LEU E 92 -5.39 -1.14 38.71
N GLU E 93 -6.34 -0.59 39.45
CA GLU E 93 -6.49 -1.02 40.83
C GLU E 93 -7.27 -2.32 40.88
N ASN E 94 -6.96 -3.14 41.88
CA ASN E 94 -7.63 -4.42 42.11
C ASN E 94 -7.54 -5.32 40.88
N VAL E 95 -6.40 -5.30 40.19
CA VAL E 95 -6.15 -6.14 39.02
C VAL E 95 -4.91 -6.99 39.28
N THR E 96 -5.06 -8.30 39.12
CA THR E 96 -3.98 -9.26 39.24
C THR E 96 -3.79 -9.86 37.87
N GLU E 97 -2.54 -9.88 37.37
CA GLU E 97 -2.25 -10.38 36.03
C GLU E 97 -1.03 -11.29 36.09
N ASN E 98 -1.12 -12.44 35.44
CA ASN E 98 0.01 -13.36 35.40
C ASN E 98 1.01 -12.95 34.34
N PHE E 99 2.28 -12.91 34.71
CA PHE E 99 3.37 -12.58 33.81
C PHE E 99 4.31 -13.78 33.74
N ASN E 100 5.06 -13.86 32.64
CA ASN E 100 6.08 -14.91 32.50
C ASN E 100 7.16 -14.36 31.57
N MET E 101 8.28 -13.93 32.16
CA MET E 101 9.32 -13.28 31.36
C MET E 101 10.00 -14.25 30.39
N TRP E 102 9.85 -15.56 30.58
CA TRP E 102 10.49 -16.55 29.73
C TRP E 102 9.59 -17.02 28.60
N LYS E 103 8.36 -16.51 28.52
CA LYS E 103 7.41 -16.84 27.48
C LYS E 103 6.91 -15.55 26.82
N ASN E 104 7.68 -14.48 26.97
CA ASN E 104 7.32 -13.14 26.52
C ASN E 104 7.70 -12.97 25.06
N ASN E 105 6.70 -12.84 24.20
CA ASN E 105 6.97 -12.74 22.76
C ASN E 105 7.54 -11.39 22.37
N MET E 106 7.65 -10.45 23.31
CA MET E 106 8.25 -9.17 23.00
C MET E 106 9.76 -9.34 22.88
N VAL E 107 10.31 -10.33 23.59
CA VAL E 107 11.75 -10.58 23.54
C VAL E 107 12.08 -11.21 22.20
N GLU E 108 11.23 -12.14 21.77
CA GLU E 108 11.45 -12.81 20.48
C GLU E 108 11.33 -11.81 19.35
N GLN E 109 10.36 -10.89 19.44
CA GLN E 109 10.26 -9.88 18.39
C GLN E 109 11.46 -8.95 18.41
N MET E 110 11.93 -8.56 19.60
CA MET E 110 13.10 -7.69 19.67
C MET E 110 14.30 -8.37 19.02
N HIS E 111 14.46 -9.66 19.30
CA HIS E 111 15.56 -10.43 18.72
C HIS E 111 15.47 -10.46 17.21
N GLU E 112 14.29 -10.78 16.68
CA GLU E 112 14.12 -10.86 15.23
C GLU E 112 14.36 -9.50 14.59
N ASP E 113 13.90 -8.43 15.23
CA ASP E 113 14.10 -7.11 14.65
C ASP E 113 15.56 -6.75 14.63
N ILE E 114 16.31 -7.14 15.66
CA ILE E 114 17.74 -6.86 15.69
C ILE E 114 18.46 -7.64 14.58
N ILE E 115 18.12 -8.92 14.41
CA ILE E 115 18.80 -9.72 13.39
C ILE E 115 18.49 -9.14 12.01
N SER E 116 17.22 -8.80 11.77
CA SER E 116 16.83 -8.24 10.48
C SER E 116 17.53 -6.92 10.23
N LEU E 117 17.62 -6.06 11.24
CA LEU E 117 18.25 -4.75 11.05
C LEU E 117 19.73 -4.90 10.75
N TRP E 118 20.41 -5.81 11.46
CA TRP E 118 21.84 -6.04 11.19
C TRP E 118 22.04 -6.57 9.78
N ASP E 119 21.17 -7.48 9.35
CA ASP E 119 21.31 -8.06 8.02
C ASP E 119 21.07 -7.03 6.94
N GLN E 120 20.04 -6.19 7.11
CA GLN E 120 19.75 -5.19 6.08
C GLN E 120 20.80 -4.09 6.08
N SER E 121 21.37 -3.78 7.26
CA SER E 121 22.37 -2.73 7.34
C SER E 121 23.67 -3.16 6.68
N LEU E 122 24.05 -4.43 6.84
CA LEU E 122 25.31 -4.88 6.24
C LEU E 122 25.16 -5.31 4.78
N LYS E 123 23.96 -5.74 4.37
CA LYS E 123 23.70 -6.19 3.01
C LYS E 123 24.26 -5.27 1.92
N PRO E 124 23.89 -3.97 1.87
CA PRO E 124 24.43 -3.08 0.82
C PRO E 124 25.81 -2.54 1.17
N CYS E 125 26.79 -3.43 1.37
CA CYS E 125 28.13 -3.03 1.76
C CYS E 125 29.13 -3.96 1.08
N VAL E 126 30.41 -3.59 1.18
CA VAL E 126 31.48 -4.30 0.50
C VAL E 126 31.68 -5.69 1.08
N LYS E 127 31.69 -6.70 0.19
CA LYS E 127 31.92 -8.10 0.54
C LYS E 127 33.39 -8.40 0.28
N LEU E 128 34.09 -8.86 1.32
CA LEU E 128 35.55 -9.04 1.24
C LEU E 128 35.93 -10.41 0.71
N THR E 129 35.50 -10.68 -0.53
CA THR E 129 35.81 -11.91 -1.24
C THR E 129 37.10 -11.81 -2.07
N PRO E 130 37.58 -10.62 -2.48
CA PRO E 130 38.92 -10.55 -3.11
C PRO E 130 40.05 -10.95 -2.18
N LEU E 131 39.81 -11.04 -0.87
CA LEU E 131 40.82 -11.46 0.10
C LEU E 131 40.77 -12.99 0.09
N CYS E 132 41.03 -13.67 1.22
CA CYS E 132 41.14 -15.12 1.20
C CYS E 132 42.27 -15.59 0.28
N VAL E 133 43.41 -14.91 0.42
CA VAL E 133 44.65 -15.22 -0.27
C VAL E 133 45.67 -15.44 0.82
N THR E 134 46.75 -16.14 0.49
CA THR E 134 47.78 -16.38 1.49
C THR E 134 48.41 -15.06 1.88
N LEU E 135 48.50 -14.79 3.18
CA LEU E 135 49.10 -13.58 3.70
C LEU E 135 50.54 -13.86 4.13
N ASN E 136 51.41 -12.88 3.92
CA ASN E 136 52.79 -12.91 4.42
C ASN E 136 52.81 -11.93 5.59
N CYS E 137 52.74 -12.46 6.81
CA CYS E 137 52.53 -11.65 8.02
C CYS E 137 53.81 -11.58 8.84
N THR E 138 54.16 -10.36 9.25
CA THR E 138 55.30 -10.11 10.14
C THR E 138 54.80 -9.43 11.40
N ASP E 139 55.37 -9.78 12.54
CA ASP E 139 54.93 -9.19 13.79
C ASP E 139 55.14 -7.69 13.77
N LEU E 140 54.12 -6.95 14.23
CA LEU E 140 54.19 -5.50 14.28
C LEU E 140 54.78 -4.99 15.58
N GLY E 141 54.63 -5.74 16.67
CA GLY E 141 55.13 -5.32 17.97
C GLY E 141 56.64 -5.13 18.00
N GLU E 164 52.72 -9.26 24.76
CA GLU E 164 52.00 -8.34 23.88
C GLU E 164 52.45 -8.49 22.43
N LYS E 165 53.72 -8.86 22.23
CA LYS E 165 54.25 -9.01 20.89
C LYS E 165 53.56 -10.17 20.17
N GLY E 166 53.17 -9.93 18.92
CA GLY E 166 52.47 -10.91 18.12
C GLY E 166 50.97 -10.72 18.08
N GLU E 167 50.43 -9.79 18.89
CA GLU E 167 48.98 -9.57 18.88
C GLU E 167 48.53 -8.91 17.59
N ILE E 168 49.33 -8.01 17.04
CA ILE E 168 49.02 -7.29 15.82
C ILE E 168 50.10 -7.61 14.81
N LYS E 169 49.70 -8.01 13.59
CA LYS E 169 50.62 -8.34 12.53
C LYS E 169 50.39 -7.46 11.31
N ASN E 170 51.48 -7.18 10.61
CA ASN E 170 51.48 -6.45 9.35
C ASN E 170 51.58 -7.48 8.23
N CYS E 171 50.47 -7.69 7.52
CA CYS E 171 50.34 -8.74 6.53
C CYS E 171 50.32 -8.14 5.13
N SER E 172 51.11 -8.72 4.23
CA SER E 172 51.15 -8.33 2.83
C SER E 172 50.52 -9.42 1.97
N PHE E 173 49.91 -9.02 0.86
CA PHE E 173 49.27 -9.99 -0.02
C PHE E 173 49.12 -9.46 -1.43
N ASN E 174 49.00 -10.39 -2.38
CA ASN E 174 48.78 -10.10 -3.80
C ASN E 174 47.28 -10.16 -4.09
N ILE E 175 46.69 -8.99 -4.31
CA ILE E 175 45.26 -8.83 -4.52
C ILE E 175 44.98 -8.21 -5.89
N THR E 176 43.99 -8.76 -6.58
CA THR E 176 43.59 -8.20 -7.87
C THR E 176 42.82 -6.91 -7.58
N THR E 177 43.19 -5.85 -8.29
CA THR E 177 42.58 -4.54 -8.08
C THR E 177 41.43 -4.36 -9.07
N SER E 178 40.95 -3.12 -9.24
CA SER E 178 39.80 -2.84 -10.09
C SER E 178 40.02 -3.37 -11.50
N VAL E 179 41.23 -3.24 -12.02
CA VAL E 179 41.56 -3.74 -13.34
C VAL E 179 41.94 -5.21 -13.22
N ARG E 180 41.27 -6.06 -14.01
CA ARG E 180 41.46 -7.50 -13.89
C ARG E 180 42.80 -7.99 -14.42
N ASP E 181 43.50 -7.17 -15.21
CA ASP E 181 44.80 -7.55 -15.75
C ASP E 181 45.98 -7.30 -14.81
N LYS E 182 45.77 -6.63 -13.68
CA LYS E 182 46.87 -6.23 -12.81
C LYS E 182 46.68 -6.72 -11.38
N MET E 183 47.75 -7.27 -10.82
CA MET E 183 47.84 -7.70 -9.44
C MET E 183 48.62 -6.62 -8.69
N GLN E 184 48.20 -6.31 -7.47
CA GLN E 184 48.93 -5.35 -6.64
C GLN E 184 49.28 -5.99 -5.31
N LYS E 185 50.42 -5.60 -4.77
CA LYS E 185 50.86 -6.07 -3.45
C LYS E 185 50.44 -5.01 -2.43
N GLU E 186 49.50 -5.38 -1.58
CA GLU E 186 48.90 -4.49 -0.59
C GLU E 186 49.30 -4.94 0.80
N TYR E 187 49.21 -4.01 1.74
CA TYR E 187 49.49 -4.26 3.15
C TYR E 187 48.25 -3.94 3.98
N ALA E 188 48.06 -4.72 5.04
CA ALA E 188 46.97 -4.51 5.97
C ALA E 188 47.42 -4.95 7.35
N THR E 189 46.74 -4.42 8.38
CA THR E 189 47.05 -4.72 9.77
C THR E 189 45.93 -5.60 10.31
N PHE E 190 46.30 -6.75 10.88
CA PHE E 190 45.34 -7.70 11.43
C PHE E 190 45.69 -8.04 12.87
N TYR E 191 44.67 -8.40 13.64
CA TYR E 191 44.87 -8.87 15.00
C TYR E 191 45.07 -10.38 14.94
N LYS E 192 45.79 -10.92 15.94
CA LYS E 192 46.02 -12.36 16.00
C LYS E 192 44.71 -13.15 15.92
N LEU E 193 43.64 -12.64 16.55
CA LEU E 193 42.38 -13.36 16.56
C LEU E 193 41.69 -13.37 15.21
N ASP E 194 42.10 -12.52 14.27
CA ASP E 194 41.47 -12.43 12.96
C ASP E 194 42.07 -13.39 11.93
N ILE E 195 43.22 -14.00 12.21
CA ILE E 195 43.94 -14.82 11.25
C ILE E 195 44.26 -16.18 11.83
N VAL E 196 44.38 -17.16 10.93
CA VAL E 196 44.71 -18.54 11.27
C VAL E 196 46.00 -18.91 10.55
N PRO E 197 47.00 -19.47 11.24
CA PRO E 197 48.23 -19.90 10.56
C PRO E 197 48.00 -21.13 9.70
N ILE E 198 48.71 -21.19 8.58
CA ILE E 198 48.72 -22.34 7.69
C ILE E 198 50.17 -22.66 7.35
N ASP E 199 50.40 -23.85 6.79
CA ASP E 199 51.72 -24.26 6.33
C ASP E 199 52.68 -24.37 7.52
N ASN E 200 53.95 -24.65 7.26
CA ASN E 200 54.96 -24.79 8.32
C ASN E 200 56.00 -23.67 8.27
N ASP E 201 55.66 -22.55 7.63
CA ASP E 201 56.54 -21.40 7.50
C ASP E 201 56.42 -20.45 8.67
N ASN E 202 55.26 -20.47 9.34
CA ASN E 202 54.90 -19.66 10.50
C ASN E 202 54.75 -18.18 10.15
N ASN E 203 54.72 -17.83 8.85
CA ASN E 203 54.41 -16.49 8.40
C ASN E 203 53.32 -16.51 7.34
N SER E 204 52.66 -17.65 7.14
CA SER E 204 51.59 -17.85 6.16
C SER E 204 50.26 -17.91 6.89
N TYR E 205 49.38 -16.95 6.63
CA TYR E 205 48.12 -16.86 7.35
C TYR E 205 46.96 -16.62 6.38
N ARG E 206 45.77 -17.00 6.84
CA ARG E 206 44.51 -16.70 6.17
C ARG E 206 43.55 -16.12 7.18
N LEU E 207 42.46 -15.51 6.70
CA LEU E 207 41.48 -14.98 7.63
C LEU E 207 40.82 -16.15 8.36
N ILE E 208 40.53 -15.94 9.65
CA ILE E 208 40.02 -17.00 10.52
C ILE E 208 38.75 -17.67 9.98
N ASN E 209 37.87 -16.90 9.33
CA ASN E 209 36.64 -17.44 8.76
C ASN E 209 36.66 -17.52 7.23
N CYS E 210 37.84 -17.42 6.63
CA CYS E 210 37.97 -17.36 5.17
C CYS E 210 37.24 -18.47 4.40
N ASN E 211 37.50 -19.73 4.73
CA ASN E 211 37.01 -20.83 3.91
C ASN E 211 35.62 -21.33 4.30
N THR E 212 34.98 -20.72 5.29
CA THR E 212 33.68 -21.15 5.77
C THR E 212 32.57 -20.11 5.63
N SER E 213 32.89 -18.83 5.44
CA SER E 213 31.87 -17.79 5.46
C SER E 213 32.22 -16.67 4.51
N VAL E 214 31.23 -15.84 4.23
CA VAL E 214 31.37 -14.61 3.45
C VAL E 214 31.52 -13.47 4.44
N ILE E 215 32.64 -12.76 4.36
CA ILE E 215 32.94 -11.67 5.28
C ILE E 215 32.54 -10.38 4.60
N THR E 216 31.60 -9.65 5.20
CA THR E 216 31.07 -8.41 4.66
C THR E 216 31.60 -7.25 5.48
N GLN E 217 32.16 -6.25 4.80
CA GLN E 217 32.65 -5.08 5.50
C GLN E 217 31.48 -4.17 5.85
N ALA E 218 31.42 -3.73 7.10
CA ALA E 218 30.36 -2.81 7.46
C ALA E 218 30.62 -1.48 6.76
N CYS E 219 29.55 -0.83 6.33
CA CYS E 219 29.72 0.48 5.71
C CYS E 219 30.25 1.48 6.73
N PRO E 220 31.32 2.24 6.42
CA PRO E 220 31.89 3.15 7.44
C PRO E 220 30.97 4.29 7.86
N LYS E 221 29.91 4.56 7.09
CA LYS E 221 28.98 5.64 7.38
C LYS E 221 27.74 5.18 8.12
N VAL E 222 27.64 3.90 8.47
CA VAL E 222 26.48 3.34 9.15
C VAL E 222 26.91 3.04 10.57
N SER E 223 26.25 3.68 11.54
CA SER E 223 26.53 3.49 12.96
C SER E 223 25.56 2.51 13.59
N PHE E 224 26.09 1.62 14.43
CA PHE E 224 25.32 0.64 15.16
C PHE E 224 25.22 0.96 16.65
N GLU E 225 25.58 2.19 17.05
CA GLU E 225 25.54 2.56 18.45
C GLU E 225 24.14 2.38 19.03
N PRO E 226 23.97 1.63 20.12
CA PRO E 226 22.62 1.45 20.67
C PRO E 226 22.09 2.75 21.26
N ILE E 227 20.81 3.00 21.01
CA ILE E 227 20.09 4.14 21.57
C ILE E 227 18.84 3.58 22.26
N PRO E 228 18.23 4.33 23.18
CA PRO E 228 17.00 3.82 23.80
C PRO E 228 15.94 3.61 22.73
N ILE E 229 15.29 2.46 22.79
CA ILE E 229 14.21 2.09 21.87
C ILE E 229 12.97 1.85 22.70
N HIS E 230 11.86 2.46 22.30
CA HIS E 230 10.58 2.26 22.98
C HIS E 230 9.72 1.40 22.08
N TYR E 231 9.25 0.26 22.59
CA TYR E 231 8.35 -0.58 21.82
C TYR E 231 6.92 -0.18 22.12
N CYS E 232 6.15 0.07 21.07
CA CYS E 232 4.81 0.58 21.16
C CYS E 232 3.88 -0.41 20.48
N ALA E 233 2.76 -0.67 21.12
CA ALA E 233 1.74 -1.57 20.62
C ALA E 233 0.95 -0.89 19.50
N PRO E 234 0.46 -1.65 18.52
CA PRO E 234 -0.46 -1.05 17.55
C PRO E 234 -1.71 -0.61 18.29
N ALA E 235 -2.37 0.41 17.76
CA ALA E 235 -3.60 0.86 18.41
C ALA E 235 -4.58 -0.31 18.39
N GLY E 236 -5.31 -0.45 19.50
CA GLY E 236 -6.25 -1.53 19.70
C GLY E 236 -5.69 -2.59 20.62
N PHE E 237 -4.40 -2.51 20.93
CA PHE E 237 -3.65 -3.36 21.83
C PHE E 237 -3.05 -2.47 22.91
N ALA E 238 -2.60 -3.09 24.01
CA ALA E 238 -1.98 -2.33 25.07
C ALA E 238 -0.90 -3.18 25.72
N ILE E 239 0.05 -2.52 26.39
CA ILE E 239 1.13 -3.20 27.09
C ILE E 239 0.87 -3.05 28.58
N LEU E 240 0.83 -4.18 29.29
CA LEU E 240 0.65 -4.17 30.73
C LEU E 240 2.02 -4.28 31.37
N LYS E 241 2.25 -3.44 32.38
CA LYS E 241 3.49 -3.38 33.12
C LYS E 241 3.28 -3.80 34.56
N CYS E 242 4.20 -4.62 35.07
CA CYS E 242 4.20 -5.05 36.47
C CYS E 242 5.03 -4.06 37.27
N ASN E 243 4.41 -3.43 38.26
CA ASN E 243 5.04 -2.41 39.09
C ASN E 243 5.50 -2.94 40.45
N ASN E 244 5.62 -4.26 40.60
CA ASN E 244 6.15 -4.84 41.83
C ASN E 244 7.67 -4.82 41.67
N LYS E 245 8.31 -3.96 42.48
CA LYS E 245 9.74 -3.69 42.38
C LYS E 245 10.62 -4.92 42.65
N THR E 246 10.07 -5.97 43.28
CA THR E 246 10.81 -7.18 43.61
C THR E 246 10.24 -8.40 42.88
N PHE E 247 9.46 -8.17 41.82
CA PHE E 247 8.86 -9.25 41.06
C PHE E 247 9.93 -10.16 40.48
N ASN E 248 9.71 -11.48 40.60
CA ASN E 248 10.70 -12.47 40.19
C ASN E 248 10.54 -12.91 38.75
N GLY E 249 9.75 -12.20 37.95
CA GLY E 249 9.61 -12.47 36.54
C GLY E 249 8.59 -13.53 36.15
N THR E 250 7.83 -14.05 37.10
CA THR E 250 6.84 -15.07 36.77
C THR E 250 5.76 -15.07 37.83
N GLY E 251 4.55 -15.43 37.41
CA GLY E 251 3.42 -15.56 38.30
C GLY E 251 2.60 -14.29 38.39
N PRO E 252 1.62 -14.28 39.29
CA PRO E 252 0.71 -13.13 39.39
C PRO E 252 1.41 -11.88 39.91
N CYS E 253 1.06 -10.74 39.31
CA CYS E 253 1.51 -9.43 39.72
C CYS E 253 0.25 -8.68 40.15
N THR E 254 0.29 -8.10 41.36
CA THR E 254 -0.86 -7.42 41.95
C THR E 254 -0.81 -5.90 41.84
N ASN E 255 0.21 -5.33 41.20
CA ASN E 255 0.29 -3.88 40.98
C ASN E 255 0.63 -3.74 39.51
N VAL E 256 -0.41 -3.56 38.70
CA VAL E 256 -0.34 -3.59 37.24
C VAL E 256 -0.83 -2.26 36.68
N SER E 257 -0.10 -1.74 35.69
CA SER E 257 -0.49 -0.50 35.01
C SER E 257 -0.47 -0.74 33.52
N THR E 258 -1.22 0.08 32.78
CA THR E 258 -1.32 -0.01 31.34
C THR E 258 -0.59 1.15 30.70
N VAL E 259 0.27 0.84 29.73
CA VAL E 259 1.02 1.82 28.95
C VAL E 259 0.84 1.49 27.47
N GLN E 260 1.13 2.48 26.63
CA GLN E 260 1.13 2.28 25.19
C GLN E 260 2.52 1.90 24.68
N CYS E 261 3.57 2.43 25.31
CA CYS E 261 4.94 2.19 24.91
C CYS E 261 5.78 1.76 26.10
N THR E 262 6.80 0.95 25.84
CA THR E 262 7.73 0.53 26.87
C THR E 262 8.71 1.65 27.18
N HIS E 263 9.51 1.45 28.23
CA HIS E 263 10.55 2.41 28.57
C HIS E 263 11.63 2.34 27.49
N GLY E 264 12.62 3.22 27.58
CA GLY E 264 13.65 3.18 26.56
C GLY E 264 14.58 2.03 26.86
N ILE E 265 14.68 1.11 25.90
CA ILE E 265 15.52 -0.08 26.00
C ILE E 265 16.70 0.10 25.05
N ARG E 266 17.90 -0.02 25.59
CA ARG E 266 19.10 0.12 24.76
C ARG E 266 19.47 -1.26 24.21
N PRO E 267 19.51 -1.46 22.88
CA PRO E 267 19.83 -2.80 22.35
C PRO E 267 21.32 -3.12 22.44
N VAL E 268 21.81 -3.24 23.67
CA VAL E 268 23.21 -3.54 23.91
C VAL E 268 23.42 -5.03 23.79
N VAL E 269 24.50 -5.43 23.13
CA VAL E 269 24.85 -6.83 22.92
C VAL E 269 26.13 -7.14 23.69
N SER E 270 26.05 -8.15 24.56
CA SER E 270 27.18 -8.58 25.37
C SER E 270 26.98 -10.06 25.70
N THR E 271 28.04 -10.70 26.21
CA THR E 271 27.97 -12.12 26.54
C THR E 271 27.97 -12.47 28.02
N GLN E 272 28.38 -11.57 28.92
CA GLN E 272 28.43 -11.91 30.34
C GLN E 272 27.84 -10.84 31.23
N LEU E 273 28.31 -9.60 31.08
CA LEU E 273 27.82 -8.48 31.86
C LEU E 273 26.85 -7.67 31.01
N LEU E 274 25.77 -7.23 31.64
CA LEU E 274 24.77 -6.40 30.98
C LEU E 274 25.17 -4.96 31.20
N LEU E 275 25.39 -4.22 30.13
CA LEU E 275 25.86 -2.85 30.20
C LEU E 275 24.74 -1.90 29.82
N ASN E 276 24.62 -0.80 30.57
CA ASN E 276 23.60 0.21 30.35
C ASN E 276 22.22 -0.39 30.55
N GLY E 277 21.17 0.39 30.33
CA GLY E 277 19.80 -0.08 30.52
C GLY E 277 19.24 0.20 31.90
N SER E 278 18.14 -0.49 32.20
CA SER E 278 17.41 -0.22 33.43
C SER E 278 18.09 -0.85 34.65
N LEU E 279 17.73 -0.32 35.81
CA LEU E 279 18.29 -0.72 37.10
C LEU E 279 17.13 -1.06 38.03
N ALA E 280 17.33 -2.00 38.95
CA ALA E 280 16.27 -2.37 39.86
C ALA E 280 15.95 -1.20 40.79
N GLU E 281 14.66 -1.02 41.06
CA GLU E 281 14.20 0.09 41.90
C GLU E 281 14.54 -0.02 43.38
N GLU E 282 14.78 -1.21 43.93
CA GLU E 282 15.05 -1.33 45.37
C GLU E 282 16.27 -2.17 45.73
N GLU E 283 16.27 -3.43 45.33
CA GLU E 283 17.30 -4.37 45.70
C GLU E 283 17.74 -5.17 44.48
N ILE E 284 18.73 -6.03 44.67
CA ILE E 284 19.17 -6.90 43.59
C ILE E 284 18.14 -7.99 43.46
N VAL E 285 17.68 -8.22 42.22
CA VAL E 285 16.67 -9.24 41.97
C VAL E 285 17.28 -10.31 41.09
N ILE E 286 17.19 -11.56 41.52
CA ILE E 286 17.76 -12.70 40.83
C ILE E 286 16.61 -13.50 40.27
N ARG E 287 16.60 -13.71 38.95
CA ARG E 287 15.52 -14.39 38.26
C ARG E 287 16.07 -15.61 37.54
N SER E 288 15.35 -16.72 37.65
CA SER E 288 15.75 -17.96 37.03
C SER E 288 14.51 -18.78 36.74
N GLU E 289 14.68 -19.82 35.91
CA GLU E 289 13.66 -20.82 35.55
C GLU E 289 12.79 -20.26 34.43
N GLY E 295 19.32 -17.98 40.11
CA GLY E 295 20.70 -17.61 39.86
C GLY E 295 21.08 -17.69 38.40
N LYS E 296 20.33 -16.98 37.54
CA LYS E 296 20.67 -16.91 36.12
C LYS E 296 20.79 -15.46 35.68
N THR E 297 19.70 -14.68 35.77
CA THR E 297 19.71 -13.27 35.37
C THR E 297 19.65 -12.42 36.63
N ILE E 298 20.66 -11.58 36.84
CA ILE E 298 20.76 -10.73 38.03
C ILE E 298 20.64 -9.27 37.61
N ILE E 299 19.70 -8.54 38.22
CA ILE E 299 19.55 -7.11 38.01
C ILE E 299 20.04 -6.40 39.27
N VAL E 300 20.95 -5.45 39.10
CA VAL E 300 21.60 -4.70 40.17
C VAL E 300 20.67 -3.64 40.74
N GLN E 301 20.73 -3.46 42.07
CA GLN E 301 19.90 -2.52 42.81
C GLN E 301 20.26 -1.07 42.48
N LEU E 302 19.56 -0.13 43.14
CA LEU E 302 19.72 1.30 42.85
C LEU E 302 21.17 1.76 42.93
N ASN E 303 21.99 1.06 43.71
CA ASN E 303 23.41 1.33 43.83
C ASN E 303 24.02 0.69 42.60
N GLU E 304 24.16 1.50 41.55
CA GLU E 304 24.63 1.02 40.25
C GLU E 304 25.96 0.30 40.43
N SER E 305 26.14 -0.79 39.69
CA SER E 305 27.36 -1.54 39.87
C SER E 305 28.50 -0.75 39.23
N VAL E 306 29.65 -1.38 39.08
CA VAL E 306 30.83 -0.62 38.73
C VAL E 306 30.73 0.01 37.36
N GLU E 307 31.04 1.30 37.29
CA GLU E 307 31.17 1.92 35.98
C GLU E 307 32.44 1.32 35.41
N ILE E 308 32.38 0.78 34.20
CA ILE E 308 33.52 0.09 33.62
C ILE E 308 34.09 1.00 32.54
N ASN E 309 35.37 1.35 32.69
CA ASN E 309 36.04 2.27 31.78
C ASN E 309 36.98 1.47 30.88
N CYS E 310 36.59 1.32 29.62
CA CYS E 310 37.29 0.48 28.65
C CYS E 310 37.98 1.36 27.62
N THR E 311 39.20 0.96 27.23
CA THR E 311 39.92 1.75 26.25
C THR E 311 40.80 0.91 25.35
N ARG E 312 41.03 1.48 24.17
CA ARG E 312 41.97 0.98 23.16
C ARG E 312 42.97 2.12 23.01
N PRO E 313 44.11 2.07 23.71
CA PRO E 313 45.07 3.20 23.73
C PRO E 313 45.86 3.36 22.44
N ASN E 314 45.80 2.44 21.49
CA ASN E 314 46.63 2.53 20.29
C ASN E 314 46.02 3.53 19.31
N ASN E 315 46.77 4.59 19.07
CA ASN E 315 46.38 5.71 18.22
C ASN E 315 46.67 5.32 16.77
N ASN E 316 45.62 4.95 16.04
CA ASN E 316 45.73 4.39 14.70
C ASN E 316 45.42 5.42 13.63
N THR E 317 46.03 5.23 12.46
CA THR E 317 45.76 6.01 11.26
C THR E 317 45.08 5.09 10.26
N ARG E 318 43.85 5.44 9.88
CA ARG E 318 43.09 4.62 8.96
C ARG E 318 43.65 4.69 7.54
N LYS E 319 43.71 3.53 6.90
CA LYS E 319 44.15 3.39 5.52
C LYS E 319 43.03 2.74 4.73
N SER E 320 42.96 3.06 3.44
CA SER E 320 41.95 2.52 2.56
C SER E 320 42.56 2.10 1.24
N ILE E 321 42.23 0.88 0.82
CA ILE E 321 42.68 0.33 -0.45
C ILE E 321 41.43 -0.13 -1.19
N HIS E 322 41.54 -0.23 -2.51
CA HIS E 322 40.42 -0.68 -3.34
C HIS E 322 40.61 -2.13 -3.73
N ILE E 323 39.52 -2.89 -3.66
CA ILE E 323 39.49 -4.31 -3.97
C ILE E 323 38.56 -4.62 -5.14
N GLY E 324 38.05 -3.58 -5.81
CA GLY E 324 37.17 -3.73 -6.94
C GLY E 324 36.62 -2.37 -7.27
N PRO E 325 35.91 -2.22 -8.40
CA PRO E 325 35.37 -0.90 -8.73
C PRO E 325 34.33 -0.49 -7.69
N GLY E 326 34.58 0.64 -7.04
CA GLY E 326 33.64 1.16 -6.06
C GLY E 326 33.66 0.45 -4.72
N ARG E 327 34.58 -0.48 -4.50
CA ARG E 327 34.65 -1.28 -3.27
C ARG E 327 35.97 -1.00 -2.56
N ALA E 328 35.92 -0.22 -1.50
CA ALA E 328 37.12 0.15 -0.75
C ALA E 328 37.20 -0.68 0.52
N PHE E 329 38.38 -1.25 0.76
CA PHE E 329 38.67 -2.02 1.97
C PHE E 329 39.43 -1.12 2.94
N TYR E 330 38.94 -1.06 4.17
CA TYR E 330 39.55 -0.20 5.20
C TYR E 330 40.35 -1.04 6.17
N THR E 331 41.52 -0.53 6.54
CA THR E 331 42.41 -1.17 7.50
C THR E 331 43.18 -0.07 8.22
N THR E 332 44.21 -0.47 8.96
CA THR E 332 45.07 0.46 9.69
C THR E 332 46.40 0.54 8.94
N GLY E 333 46.78 1.75 8.56
CA GLY E 333 48.01 1.94 7.81
C GLY E 333 49.22 2.03 8.71
N GLN E 334 49.07 2.73 9.83
CA GLN E 334 50.16 2.88 10.78
C GLN E 334 49.59 3.15 12.16
N ILE E 335 50.41 2.88 13.17
CA ILE E 335 50.11 3.15 14.57
C ILE E 335 51.14 4.17 15.05
N ILE E 336 50.65 5.24 15.67
CA ILE E 336 51.51 6.32 16.15
C ILE E 336 51.83 6.04 17.61
N GLY E 337 53.11 6.08 17.96
CA GLY E 337 53.51 5.78 19.31
C GLY E 337 53.69 4.29 19.52
N ASN E 338 53.62 3.88 20.77
CA ASN E 338 53.86 2.49 21.13
C ASN E 338 52.55 1.71 21.06
N ILE E 339 52.68 0.41 20.89
CA ILE E 339 51.54 -0.49 20.91
C ILE E 339 51.30 -0.91 22.36
N ARG E 340 50.05 -0.74 22.81
CA ARG E 340 49.63 -1.08 24.16
C ARG E 340 48.40 -1.98 24.07
N GLN E 341 48.17 -2.74 25.12
CA GLN E 341 47.03 -3.64 25.17
C GLN E 341 45.77 -2.90 25.61
N ALA E 342 44.65 -3.23 24.94
CA ALA E 342 43.36 -2.67 25.33
C ALA E 342 42.97 -3.24 26.68
N HIS E 343 42.23 -2.45 27.47
CA HIS E 343 41.89 -2.94 28.80
C HIS E 343 40.66 -2.23 29.33
N CYS E 344 40.06 -2.82 30.37
CA CYS E 344 38.94 -2.23 31.11
C CYS E 344 39.24 -2.12 32.59
N ASN E 345 38.88 -0.98 33.17
CA ASN E 345 39.11 -0.70 34.60
C ASN E 345 37.79 -0.75 35.36
N ILE E 346 37.72 -1.69 36.31
CA ILE E 346 36.60 -1.96 37.20
C ILE E 346 37.08 -1.64 38.63
N SER E 347 36.36 -0.77 39.34
CA SER E 347 36.74 -0.45 40.72
C SER E 347 36.64 -1.70 41.60
N ARG E 348 37.69 -1.96 42.37
CA ARG E 348 37.74 -3.18 43.17
C ARG E 348 36.75 -3.17 44.34
N ALA E 349 36.66 -2.07 45.08
CA ALA E 349 35.79 -2.05 46.26
C ALA E 349 34.32 -2.16 45.87
N LYS E 350 33.93 -1.48 44.78
CA LYS E 350 32.53 -1.53 44.38
C LYS E 350 32.17 -2.91 43.88
N TRP E 351 33.07 -3.55 43.11
CA TRP E 351 32.80 -4.89 42.65
C TRP E 351 32.69 -5.86 43.83
N ASN E 352 33.57 -5.70 44.83
CA ASN E 352 33.52 -6.57 46.00
C ASN E 352 32.18 -6.41 46.73
N ASN E 353 31.67 -5.19 46.81
CA ASN E 353 30.36 -4.99 47.44
C ASN E 353 29.24 -5.58 46.58
N THR E 354 29.37 -5.49 45.26
CA THR E 354 28.37 -6.04 44.38
C THR E 354 28.33 -7.55 44.53
N LEU E 355 29.50 -8.20 44.56
CA LEU E 355 29.54 -9.64 44.71
C LEU E 355 28.98 -10.05 46.06
N HIS E 356 29.28 -9.29 47.11
CA HIS E 356 28.79 -9.62 48.44
C HIS E 356 27.26 -9.61 48.45
N LYS E 357 26.67 -8.54 47.90
CA LYS E 357 25.21 -8.43 47.89
C LYS E 357 24.58 -9.53 47.03
N ILE E 358 25.23 -9.87 45.90
CA ILE E 358 24.71 -10.93 45.05
C ILE E 358 24.73 -12.26 45.80
N VAL E 359 25.82 -12.54 46.51
CA VAL E 359 25.89 -13.79 47.27
C VAL E 359 24.81 -13.81 48.33
N LYS E 360 24.60 -12.68 49.02
CA LYS E 360 23.56 -12.60 50.03
C LYS E 360 22.20 -12.98 49.44
N LYS E 361 21.91 -12.54 48.22
CA LYS E 361 20.64 -12.92 47.60
C LYS E 361 20.64 -14.36 47.11
N LEU E 362 21.77 -14.84 46.59
CA LEU E 362 21.85 -16.22 46.10
C LEU E 362 21.65 -17.22 47.23
N ARG E 363 22.15 -16.91 48.42
CA ARG E 363 22.02 -17.82 49.56
C ARG E 363 20.59 -17.95 50.07
N GLU E 364 19.65 -17.15 49.57
CA GLU E 364 18.26 -17.32 49.97
C GLU E 364 17.65 -18.55 49.33
N GLN E 365 18.12 -18.91 48.13
CA GLN E 365 17.63 -20.06 47.38
C GLN E 365 18.66 -21.18 47.27
N PHE E 366 19.94 -20.84 47.24
CA PHE E 366 21.04 -21.79 47.03
C PHE E 366 21.00 -22.32 45.60
N PRO E 381 36.47 -19.41 23.33
CA PRO E 381 37.08 -18.14 22.95
C PRO E 381 36.09 -16.98 22.97
N GLU E 382 34.99 -17.11 22.23
CA GLU E 382 33.93 -16.10 22.22
C GLU E 382 32.88 -16.35 23.29
N ILE E 383 32.94 -17.47 24.01
CA ILE E 383 31.94 -17.84 25.01
C ILE E 383 32.52 -17.87 26.42
N VAL E 384 33.81 -17.54 26.59
CA VAL E 384 34.47 -17.49 27.89
C VAL E 384 35.01 -16.10 28.20
N MET E 385 34.65 -15.10 27.40
CA MET E 385 35.13 -13.73 27.54
C MET E 385 33.96 -12.77 27.43
N HIS E 386 34.17 -11.57 27.97
CA HIS E 386 33.16 -10.51 27.94
C HIS E 386 33.28 -9.77 26.62
N SER E 387 32.28 -9.91 25.76
CA SER E 387 32.29 -9.28 24.46
C SER E 387 31.43 -8.02 24.49
N PHE E 388 31.92 -6.95 23.87
CA PHE E 388 31.10 -5.75 23.75
C PHE E 388 31.61 -4.86 22.63
N ASN E 389 30.72 -3.99 22.17
CA ASN E 389 31.01 -3.00 21.13
C ASN E 389 31.32 -1.64 21.79
N CYS E 390 32.59 -1.25 21.76
CA CYS E 390 33.10 -0.03 22.39
C CYS E 390 33.70 0.88 21.32
N GLY E 391 32.98 1.96 20.99
CA GLY E 391 33.48 2.90 20.03
C GLY E 391 33.40 2.42 18.60
N GLY E 392 32.81 1.25 18.37
CA GLY E 392 32.74 0.61 17.09
C GLY E 392 33.68 -0.58 17.00
N GLU E 393 34.57 -0.76 17.97
CA GLU E 393 35.47 -1.91 17.99
C GLU E 393 34.85 -2.99 18.87
N PHE E 394 35.20 -4.24 18.60
CA PHE E 394 34.69 -5.36 19.38
C PHE E 394 35.78 -5.85 20.34
N PHE E 395 35.51 -5.66 21.63
CA PHE E 395 36.42 -6.00 22.71
C PHE E 395 36.02 -7.36 23.27
N TYR E 396 37.01 -8.19 23.58
CA TYR E 396 36.85 -9.46 24.28
C TYR E 396 37.76 -9.42 25.50
N CYS E 397 37.15 -9.19 26.68
CA CYS E 397 37.88 -8.96 27.91
C CYS E 397 37.87 -10.21 28.79
N ASN E 398 38.97 -10.43 29.50
CA ASN E 398 39.18 -11.63 30.31
C ASN E 398 38.57 -11.46 31.70
N SER E 399 37.30 -11.85 31.82
CA SER E 399 36.55 -11.71 33.07
C SER E 399 36.88 -12.84 34.06
N THR E 400 38.15 -12.92 34.46
CA THR E 400 38.59 -13.94 35.41
C THR E 400 38.97 -13.35 36.75
N GLN E 401 39.18 -12.04 36.82
CA GLN E 401 39.52 -11.38 38.08
C GLN E 401 38.27 -10.96 38.84
N LEU E 402 37.10 -11.12 38.22
CA LEU E 402 35.81 -10.76 38.79
C LEU E 402 35.06 -11.93 39.36
N PHE E 403 35.27 -13.13 38.82
CA PHE E 403 34.52 -14.33 39.17
C PHE E 403 35.44 -15.43 39.68
N ASN E 404 36.43 -15.04 40.49
CA ASN E 404 37.40 -15.98 41.08
C ASN E 404 37.44 -15.71 42.58
N SER E 405 36.40 -16.14 43.29
CA SER E 405 36.30 -15.95 44.73
C SER E 405 35.44 -17.06 45.32
N THR E 406 35.60 -17.27 46.62
CA THR E 406 34.81 -18.21 47.39
C THR E 406 34.17 -17.44 48.53
N TRP E 407 32.86 -17.63 48.71
CA TRP E 407 32.10 -16.94 49.74
C TRP E 407 31.39 -17.95 50.64
N TYR E 408 31.32 -17.62 51.92
CA TYR E 408 30.61 -18.35 53.00
C TYR E 408 30.25 -19.82 52.73
N ASN E 421 41.70 -0.91 42.07
CA ASN E 421 41.51 -1.00 40.63
C ASN E 421 41.76 -2.42 40.11
N ILE E 422 40.79 -2.95 39.38
CA ILE E 422 40.89 -4.23 38.70
C ILE E 422 40.99 -3.91 37.22
N THR E 423 42.10 -4.29 36.59
CA THR E 423 42.31 -4.03 35.17
C THR E 423 42.19 -5.37 34.46
N LEU E 424 41.24 -5.46 33.54
CA LEU E 424 41.02 -6.67 32.78
C LEU E 424 41.70 -6.52 31.43
N PRO E 425 42.55 -7.45 30.99
CA PRO E 425 43.11 -7.33 29.65
C PRO E 425 42.00 -7.59 28.64
N CYS E 426 42.09 -6.91 27.51
CA CYS E 426 41.11 -7.09 26.45
C CYS E 426 41.83 -7.27 25.13
N ARG E 427 41.21 -8.07 24.27
CA ARG E 427 41.66 -8.27 22.90
C ARG E 427 40.65 -7.57 22.00
N ILE E 428 41.11 -7.13 20.83
CA ILE E 428 40.24 -6.50 19.85
C ILE E 428 40.14 -7.45 18.68
N LYS E 429 38.92 -7.70 18.22
CA LYS E 429 38.70 -8.57 17.08
C LYS E 429 37.93 -7.80 16.03
N GLN E 430 38.25 -8.03 14.75
CA GLN E 430 37.57 -7.35 13.67
C GLN E 430 36.61 -8.24 12.91
N ILE E 431 36.99 -9.48 12.61
CA ILE E 431 36.14 -10.38 11.85
C ILE E 431 35.34 -11.18 12.86
N ILE E 432 34.03 -10.95 12.91
CA ILE E 432 33.16 -11.60 13.89
C ILE E 432 31.95 -12.20 13.21
N ASN E 433 31.33 -13.15 13.90
CA ASN E 433 30.06 -13.76 13.52
C ASN E 433 29.16 -13.36 14.67
N LEU E 434 28.59 -12.15 14.59
CA LEU E 434 27.94 -11.56 15.74
C LEU E 434 26.75 -12.37 16.23
N TRP E 435 25.98 -12.94 15.29
CA TRP E 435 24.77 -13.69 15.62
C TRP E 435 24.92 -15.19 15.38
N GLN E 436 26.15 -15.69 15.31
CA GLN E 436 26.41 -17.12 15.12
C GLN E 436 25.68 -17.67 13.90
N GLU E 437 25.72 -16.93 12.80
CA GLU E 437 25.07 -17.35 11.57
C GLU E 437 26.01 -18.27 10.79
N VAL E 438 25.43 -19.18 10.02
CA VAL E 438 26.22 -20.09 9.20
C VAL E 438 26.52 -19.42 7.87
N GLY E 439 27.81 -19.32 7.54
CA GLY E 439 28.25 -18.76 6.28
C GLY E 439 28.37 -17.25 6.20
N LYS E 440 28.16 -16.51 7.29
CA LYS E 440 28.22 -15.06 7.27
C LYS E 440 29.13 -14.53 8.36
N ALA E 441 29.77 -13.39 8.08
CA ALA E 441 30.59 -12.70 9.07
C ALA E 441 30.68 -11.24 8.71
N MET E 442 31.04 -10.41 9.70
CA MET E 442 31.23 -8.98 9.51
C MET E 442 32.70 -8.65 9.76
N TYR E 443 33.26 -7.73 8.97
CA TYR E 443 34.66 -7.31 9.16
C TYR E 443 34.85 -6.14 10.13
N ALA E 444 33.84 -5.27 10.32
CA ALA E 444 33.93 -4.16 11.28
C ALA E 444 35.24 -3.38 11.14
N PRO E 445 35.38 -2.52 10.13
CA PRO E 445 36.69 -1.94 9.83
C PRO E 445 37.20 -1.10 10.99
N PRO E 446 38.53 -0.97 11.12
CA PRO E 446 39.08 -0.25 12.27
C PRO E 446 38.80 1.24 12.23
N ILE E 447 38.74 1.82 13.43
CA ILE E 447 38.53 3.24 13.67
C ILE E 447 39.85 3.83 14.16
N GLY E 448 40.26 4.94 13.55
CA GLY E 448 41.51 5.56 13.90
C GLY E 448 41.43 6.33 15.21
N GLY E 449 42.58 6.84 15.64
CA GLY E 449 42.62 7.51 16.93
C GLY E 449 42.58 6.47 18.05
N GLN E 450 42.11 6.91 19.21
CA GLN E 450 42.04 6.07 20.41
C GLN E 450 40.57 5.96 20.77
N ILE E 451 40.21 4.86 21.43
CA ILE E 451 38.82 4.65 21.86
C ILE E 451 38.74 4.56 23.38
N ARG E 452 37.79 5.31 23.95
CA ARG E 452 37.49 5.25 25.38
C ARG E 452 35.98 5.20 25.56
N CYS E 453 35.52 4.26 26.37
CA CYS E 453 34.10 4.08 26.71
C CYS E 453 33.96 4.06 28.21
N SER E 454 32.78 4.47 28.68
CA SER E 454 32.41 4.35 30.09
C SER E 454 30.99 3.82 30.15
N SER E 455 30.83 2.56 30.56
CA SER E 455 29.54 1.88 30.57
C SER E 455 29.14 1.59 32.01
N ASN E 456 27.84 1.39 32.21
CA ASN E 456 27.27 1.09 33.52
C ASN E 456 26.88 -0.38 33.54
N ILE E 457 27.41 -1.13 34.50
CA ILE E 457 27.03 -2.52 34.68
C ILE E 457 25.70 -2.54 35.41
N THR E 458 24.67 -3.11 34.78
CA THR E 458 23.32 -3.17 35.32
C THR E 458 22.89 -4.58 35.68
N GLY E 459 23.63 -5.60 35.27
CA GLY E 459 23.24 -6.96 35.60
C GLY E 459 24.29 -7.96 35.18
N LEU E 460 24.03 -9.21 35.53
CA LEU E 460 24.93 -10.32 35.26
C LEU E 460 24.16 -11.54 34.76
N LEU E 461 24.76 -12.30 33.85
CA LEU E 461 24.23 -13.60 33.44
C LEU E 461 25.13 -14.71 33.97
N LEU E 462 24.59 -15.52 34.88
CA LEU E 462 25.32 -16.61 35.52
C LEU E 462 24.77 -17.94 35.03
N THR E 463 25.52 -19.00 35.30
CA THR E 463 25.08 -20.35 34.95
C THR E 463 26.00 -21.40 35.60
N MET E 483 22.26 -12.77 22.84
CA MET E 483 21.20 -13.73 23.16
C MET E 483 19.96 -13.04 23.71
N ARG E 484 18.86 -13.79 23.71
CA ARG E 484 17.59 -13.28 24.21
C ARG E 484 17.67 -12.88 25.67
N ASP E 485 18.52 -13.57 26.45
CA ASP E 485 18.64 -13.29 27.87
C ASP E 485 19.14 -11.87 28.13
N ASN E 486 19.82 -11.24 27.17
CA ASN E 486 20.27 -9.88 27.37
C ASN E 486 19.11 -8.90 27.37
N TRP E 487 17.99 -9.28 26.76
CA TRP E 487 16.84 -8.40 26.61
C TRP E 487 15.67 -8.77 27.50
N ARG E 488 15.61 -10.01 27.99
CA ARG E 488 14.55 -10.38 28.92
C ARG E 488 14.65 -9.52 30.16
N SER E 489 15.88 -9.17 30.54
CA SER E 489 16.15 -8.38 31.73
C SER E 489 15.52 -7.00 31.65
N GLU E 490 15.11 -6.57 30.45
CA GLU E 490 14.44 -5.30 30.26
C GLU E 490 12.95 -5.49 30.02
N LEU E 491 12.58 -6.53 29.28
CA LEU E 491 11.19 -6.79 28.91
C LEU E 491 10.45 -7.67 29.90
N TYR E 492 11.12 -8.15 30.96
CA TYR E 492 10.48 -9.04 31.93
C TYR E 492 9.23 -8.46 32.57
N LYS E 493 9.08 -7.14 32.64
CA LYS E 493 7.93 -6.53 33.30
C LYS E 493 6.78 -6.19 32.36
N TYR E 494 6.88 -6.50 31.06
CA TYR E 494 5.85 -6.15 30.10
C TYR E 494 5.24 -7.36 29.40
N LYS E 495 3.95 -7.24 29.10
CA LYS E 495 3.25 -8.19 28.26
C LYS E 495 2.30 -7.42 27.35
N VAL E 496 2.04 -7.97 26.16
CA VAL E 496 1.13 -7.35 25.20
C VAL E 496 -0.22 -8.05 25.27
N VAL E 497 -1.30 -7.27 25.36
CA VAL E 497 -2.65 -7.82 25.39
C VAL E 497 -3.49 -7.12 24.33
N LYS E 498 -4.54 -7.82 23.90
CA LYS E 498 -5.53 -7.32 22.95
C LYS E 498 -6.76 -6.86 23.72
N ILE E 499 -7.29 -5.71 23.32
CA ILE E 499 -8.48 -5.12 23.95
C ILE E 499 -9.72 -5.66 23.23
N GLU E 500 -10.71 -6.11 24.01
CA GLU E 500 -11.95 -6.67 23.48
C GLU E 500 -13.12 -5.86 24.03
N PRO E 501 -13.40 -4.69 23.43
CA PRO E 501 -14.39 -3.77 24.01
C PRO E 501 -15.83 -4.25 23.97
N LEU E 502 -16.16 -5.30 23.21
CA LEU E 502 -17.54 -5.79 23.14
C LEU E 502 -17.82 -6.83 24.21
N GLY E 503 -18.81 -6.53 25.04
CA GLY E 503 -19.26 -7.44 26.08
C GLY E 503 -20.77 -7.55 26.02
N VAL E 504 -21.29 -8.63 26.59
CA VAL E 504 -22.72 -8.91 26.61
C VAL E 504 -23.11 -9.29 28.03
N ALA E 505 -24.22 -8.72 28.51
CA ALA E 505 -24.66 -9.05 29.87
C ALA E 505 -26.17 -8.93 29.99
N PRO E 506 -26.80 -9.68 30.92
CA PRO E 506 -28.25 -9.56 31.12
C PRO E 506 -28.64 -8.25 31.79
N THR E 507 -29.75 -7.68 31.33
CA THR E 507 -30.37 -6.50 31.94
C THR E 507 -31.87 -6.72 31.91
N LYS E 508 -32.62 -5.86 32.58
CA LYS E 508 -34.08 -5.93 32.51
C LYS E 508 -34.66 -5.10 31.38
N CYS E 509 -33.83 -4.35 30.66
CA CYS E 509 -34.31 -3.46 29.61
C CYS E 509 -34.56 -4.28 28.34
N LYS E 510 -35.63 -3.95 27.61
CA LYS E 510 -35.94 -4.61 26.35
C LYS E 510 -36.08 -3.58 25.24
N ARG E 511 -35.59 -3.93 24.06
CA ARG E 511 -35.70 -3.07 22.89
C ARG E 511 -37.16 -2.91 22.49
N ARG E 512 -37.54 -1.71 22.06
CA ARG E 512 -38.89 -1.45 21.58
C ARG E 512 -39.23 -2.36 20.39
N GLY F 10 -8.85 6.88 33.66
CA GLY F 10 -8.00 6.63 32.50
C GLY F 10 -8.38 5.36 31.78
N PHE F 11 -7.65 5.06 30.69
CA PHE F 11 -7.93 3.89 29.88
C PHE F 11 -7.79 2.62 30.72
N LEU F 12 -8.85 1.80 30.72
CA LEU F 12 -8.95 0.59 31.53
C LEU F 12 -8.85 0.86 33.03
N GLY F 13 -8.95 2.11 33.47
CA GLY F 13 -8.78 2.41 34.89
C GLY F 13 -9.78 1.71 35.78
N ALA F 14 -10.97 1.42 35.27
CA ALA F 14 -12.02 0.77 36.03
C ALA F 14 -12.05 -0.73 35.76
N ALA F 15 -10.99 -1.28 35.15
CA ALA F 15 -10.95 -2.71 34.84
C ALA F 15 -11.14 -3.57 36.07
N GLY F 16 -10.68 -3.12 37.23
CA GLY F 16 -10.83 -3.88 38.45
C GLY F 16 -12.10 -3.57 39.21
N SER F 17 -12.94 -2.68 38.69
CA SER F 17 -14.18 -2.29 39.35
C SER F 17 -15.27 -3.29 38.98
N THR F 18 -16.40 -3.20 39.65
CA THR F 18 -17.47 -4.13 39.34
C THR F 18 -18.09 -3.78 37.99
N MET F 19 -18.84 -4.74 37.42
CA MET F 19 -19.43 -4.54 36.10
C MET F 19 -20.31 -3.30 36.05
N GLY F 20 -21.15 -3.10 37.06
CA GLY F 20 -22.06 -1.97 37.03
C GLY F 20 -21.42 -0.65 37.38
N ALA F 21 -20.16 -0.66 37.83
CA ALA F 21 -19.43 0.53 38.22
C ALA F 21 -18.52 1.07 37.13
N ALA F 22 -18.37 0.40 35.99
CA ALA F 22 -17.39 0.84 35.02
C ALA F 22 -17.75 2.19 34.42
N SER F 23 -18.94 2.30 33.82
CA SER F 23 -19.46 3.55 33.25
C SER F 23 -18.38 4.28 32.43
N MET F 24 -17.73 3.55 31.53
CA MET F 24 -16.61 4.06 30.78
C MET F 24 -16.88 4.33 29.31
N THR F 25 -16.31 5.45 28.85
CA THR F 25 -16.28 5.88 27.47
C THR F 25 -14.84 6.02 27.00
N LEU F 26 -13.88 6.01 27.93
CA LEU F 26 -12.47 6.20 27.61
C LEU F 26 -11.95 5.08 26.73
N THR F 27 -12.45 3.86 26.96
CA THR F 27 -12.00 2.69 26.24
C THR F 27 -12.54 2.60 24.81
N VAL F 28 -13.48 3.46 24.42
CA VAL F 28 -13.93 3.48 23.03
C VAL F 28 -13.27 4.70 22.39
N GLN F 29 -12.98 5.73 23.19
CA GLN F 29 -12.24 6.86 22.63
C GLN F 29 -10.86 6.38 22.22
N ALA F 30 -10.29 5.47 23.01
CA ALA F 30 -8.99 4.87 22.74
C ALA F 30 -9.03 3.96 21.52
N ARG F 31 -10.23 3.58 21.06
CA ARG F 31 -10.43 2.68 19.94
C ARG F 31 -10.67 3.44 18.64
N GLN F 32 -10.58 4.77 18.66
CA GLN F 32 -10.69 5.57 17.45
C GLN F 32 -9.27 5.56 16.90
N LEU F 33 -8.95 4.42 16.29
CA LEU F 33 -7.58 4.04 15.99
C LEU F 33 -6.88 5.01 15.06
N LEU F 34 -7.64 5.72 14.24
CA LEU F 34 -7.10 6.64 13.24
C LEU F 34 -7.19 8.10 13.67
N SER F 35 -7.57 8.37 14.92
CA SER F 35 -7.70 9.74 15.43
C SER F 35 -8.71 10.55 14.60
N TRP F 60 10.75 -4.35 4.78
CA TRP F 60 10.98 -3.14 5.54
C TRP F 60 9.64 -2.47 5.85
N GLY F 61 8.95 -2.07 4.79
CA GLY F 61 7.66 -1.40 4.87
C GLY F 61 6.48 -2.32 5.07
N ILE F 62 6.70 -3.64 4.99
CA ILE F 62 5.61 -4.61 5.13
C ILE F 62 5.04 -4.59 6.55
N LYS F 63 5.91 -4.52 7.57
CA LYS F 63 5.42 -4.58 8.95
C LYS F 63 4.48 -3.41 9.26
N GLN F 64 4.78 -2.22 8.76
CA GLN F 64 3.93 -1.08 9.06
C GLN F 64 2.61 -1.17 8.29
N LEU F 65 2.66 -1.68 7.06
CA LEU F 65 1.42 -1.86 6.32
C LEU F 65 0.55 -2.92 6.99
N GLN F 66 1.16 -3.98 7.50
CA GLN F 66 0.37 -5.01 8.17
C GLN F 66 -0.26 -4.45 9.43
N ALA F 67 0.48 -3.64 10.18
CA ALA F 67 -0.08 -3.07 11.40
C ALA F 67 -1.23 -2.12 11.09
N ARG F 68 -1.11 -1.34 10.03
CA ARG F 68 -2.16 -0.38 9.69
C ARG F 68 -3.38 -1.10 9.13
N VAL F 69 -3.17 -2.12 8.30
CA VAL F 69 -4.30 -2.88 7.76
C VAL F 69 -5.02 -3.61 8.88
N LEU F 70 -4.27 -4.20 9.82
CA LEU F 70 -4.92 -4.90 10.92
C LEU F 70 -5.73 -3.93 11.77
N ALA F 71 -5.19 -2.74 12.04
CA ALA F 71 -5.93 -1.76 12.82
C ALA F 71 -7.24 -1.40 12.12
N VAL F 72 -7.17 -1.22 10.79
CA VAL F 72 -8.39 -0.90 10.04
C VAL F 72 -9.37 -2.06 10.09
N GLU F 73 -8.88 -3.29 9.93
CA GLU F 73 -9.76 -4.45 9.95
C GLU F 73 -10.45 -4.60 11.31
N HIS F 74 -9.72 -4.34 12.41
CA HIS F 74 -10.37 -4.47 13.71
C HIS F 74 -11.44 -3.39 13.90
N TYR F 75 -11.14 -2.16 13.46
CA TYR F 75 -12.15 -1.10 13.55
C TYR F 75 -13.39 -1.48 12.77
N LEU F 76 -13.19 -1.90 11.52
CA LEU F 76 -14.32 -2.19 10.66
C LEU F 76 -15.11 -3.40 11.17
N LYS F 77 -14.43 -4.41 11.72
CA LYS F 77 -15.16 -5.55 12.24
C LYS F 77 -16.04 -5.17 13.42
N ASP F 78 -15.54 -4.31 14.31
CA ASP F 78 -16.40 -3.91 15.42
C ASP F 78 -17.56 -3.05 14.93
N GLN F 79 -17.31 -2.19 13.94
CA GLN F 79 -18.40 -1.37 13.44
C GLN F 79 -19.43 -2.22 12.70
N GLN F 80 -18.95 -3.24 11.98
CA GLN F 80 -19.86 -4.14 11.28
C GLN F 80 -20.74 -4.89 12.27
N LEU F 81 -20.14 -5.37 13.37
CA LEU F 81 -20.93 -6.12 14.34
C LEU F 81 -21.97 -5.21 14.97
N LEU F 82 -21.60 -3.97 15.29
CA LEU F 82 -22.59 -3.08 15.89
C LEU F 82 -23.69 -2.76 14.88
N GLY F 83 -23.31 -2.60 13.60
CA GLY F 83 -24.29 -2.33 12.56
C GLY F 83 -25.32 -3.43 12.39
N ILE F 84 -24.85 -4.67 12.21
CA ILE F 84 -25.78 -5.77 11.94
C ILE F 84 -26.62 -6.13 13.16
N TRP F 85 -26.20 -5.74 14.36
CA TRP F 85 -26.99 -5.92 15.57
C TRP F 85 -27.95 -4.78 15.82
N GLY F 86 -27.91 -3.73 15.02
CA GLY F 86 -28.74 -2.56 15.27
C GLY F 86 -28.22 -1.70 16.40
N CYS F 87 -26.92 -1.78 16.70
CA CYS F 87 -26.28 -1.10 17.81
C CYS F 87 -25.36 0.02 17.37
N SER F 88 -25.38 0.40 16.10
CA SER F 88 -24.47 1.42 15.60
C SER F 88 -24.72 2.76 16.28
N GLY F 89 -23.64 3.39 16.73
CA GLY F 89 -23.67 4.69 17.36
C GLY F 89 -23.96 4.70 18.85
N LYS F 90 -24.23 3.54 19.45
CA LYS F 90 -24.55 3.45 20.87
C LYS F 90 -23.44 2.72 21.62
N LEU F 91 -23.31 3.04 22.91
CA LEU F 91 -22.40 2.33 23.79
C LEU F 91 -23.10 1.25 24.61
N ILE F 92 -24.38 1.46 24.93
CA ILE F 92 -25.21 0.47 25.60
C ILE F 92 -26.37 0.22 24.65
N CYS F 93 -26.46 -1.01 24.14
CA CYS F 93 -27.46 -1.37 23.14
C CYS F 93 -28.36 -2.47 23.67
N THR F 94 -29.62 -2.14 23.88
CA THR F 94 -30.58 -3.11 24.39
C THR F 94 -31.13 -3.90 23.21
N THR F 95 -31.20 -5.22 23.35
CA THR F 95 -31.72 -6.09 22.30
C THR F 95 -33.03 -6.72 22.76
N ALA F 96 -33.57 -7.57 21.89
CA ALA F 96 -34.81 -8.31 22.13
C ALA F 96 -34.58 -9.81 22.25
N VAL F 97 -33.36 -10.24 22.57
CA VAL F 97 -33.03 -11.65 22.72
C VAL F 97 -33.15 -12.01 24.21
N PRO F 98 -33.95 -13.00 24.59
CA PRO F 98 -34.07 -13.32 26.02
C PRO F 98 -32.79 -13.93 26.54
N TRP F 99 -32.53 -13.73 27.82
CA TRP F 99 -31.35 -14.34 28.43
C TRP F 99 -31.67 -15.79 28.79
N ASN F 100 -30.80 -16.70 28.39
CA ASN F 100 -30.93 -18.12 28.68
C ASN F 100 -30.14 -18.45 29.94
N ALA F 101 -30.82 -19.00 30.95
CA ALA F 101 -30.16 -19.33 32.21
C ALA F 101 -29.03 -20.34 32.01
N THR F 102 -29.03 -21.06 30.89
CA THR F 102 -27.96 -22.00 30.60
C THR F 102 -26.63 -21.24 30.49
N TRP F 103 -26.67 -20.07 29.86
CA TRP F 103 -25.45 -19.29 29.66
C TRP F 103 -24.90 -18.82 30.99
N SER F 104 -25.78 -18.34 31.87
CA SER F 104 -25.42 -17.92 33.21
C SER F 104 -26.71 -17.90 34.02
N ASN F 105 -26.70 -18.56 35.18
CA ASN F 105 -27.88 -18.62 36.04
C ASN F 105 -27.73 -17.73 37.28
N LYS F 106 -26.84 -16.74 37.22
CA LYS F 106 -26.66 -15.83 38.33
C LYS F 106 -27.69 -14.71 38.23
N THR F 107 -28.07 -14.16 39.38
CA THR F 107 -28.99 -13.03 39.42
C THR F 107 -28.23 -11.73 39.22
N LEU F 108 -28.97 -10.67 38.90
CA LEU F 108 -28.32 -9.40 38.63
C LEU F 108 -27.59 -8.88 39.85
N ASP F 109 -28.08 -9.21 41.05
CA ASP F 109 -27.45 -8.74 42.28
C ASP F 109 -26.00 -9.22 42.42
N ASN F 110 -25.65 -10.32 41.75
CA ASN F 110 -24.29 -10.87 41.80
C ASN F 110 -23.58 -10.83 40.46
N ILE F 111 -24.10 -10.11 39.48
CA ILE F 111 -23.47 -9.92 38.18
C ILE F 111 -22.93 -8.50 38.06
N TRP F 112 -23.77 -7.51 38.36
CA TRP F 112 -23.39 -6.12 38.22
C TRP F 112 -22.64 -5.59 39.44
N ASN F 113 -22.60 -6.37 40.51
CA ASN F 113 -21.90 -6.04 41.74
C ASN F 113 -21.16 -7.30 42.14
N ASN F 114 -20.05 -7.15 42.86
CA ASN F 114 -19.25 -8.27 43.35
C ASN F 114 -18.59 -9.06 42.22
N MET F 115 -18.64 -8.57 40.98
CA MET F 115 -17.99 -9.23 39.85
C MET F 115 -17.51 -8.16 38.88
N THR F 116 -16.38 -8.42 38.23
CA THR F 116 -15.80 -7.54 37.24
C THR F 116 -16.10 -8.04 35.83
N TRP F 117 -15.86 -7.16 34.85
CA TRP F 117 -16.09 -7.55 33.47
C TRP F 117 -15.10 -8.61 33.02
N MET F 118 -13.89 -8.61 33.60
CA MET F 118 -12.91 -9.63 33.25
C MET F 118 -13.41 -11.00 33.65
N GLU F 119 -13.92 -11.13 34.87
CA GLU F 119 -14.36 -12.45 35.33
C GLU F 119 -15.55 -12.93 34.52
N TRP F 120 -16.48 -12.02 34.21
CA TRP F 120 -17.66 -12.37 33.43
C TRP F 120 -17.27 -12.86 32.04
N GLU F 121 -16.57 -12.02 31.28
CA GLU F 121 -16.26 -12.38 29.90
C GLU F 121 -15.25 -13.53 29.79
N LYS F 122 -14.28 -13.62 30.69
CA LYS F 122 -13.23 -14.62 30.58
C LYS F 122 -13.55 -15.98 31.20
N GLU F 123 -14.20 -16.03 32.36
CA GLU F 123 -14.37 -17.30 33.04
C GLU F 123 -15.74 -17.95 32.91
N ILE F 124 -16.81 -17.18 32.79
CA ILE F 124 -18.17 -17.73 32.79
C ILE F 124 -18.95 -17.38 31.53
N SER F 125 -18.29 -17.04 30.43
CA SER F 125 -19.01 -16.79 29.17
C SER F 125 -18.24 -17.36 27.97
N ASN F 126 -18.67 -18.54 27.51
CA ASN F 126 -18.12 -19.21 26.34
C ASN F 126 -19.20 -19.44 25.30
N TYR F 127 -20.29 -18.67 25.38
CA TYR F 127 -21.45 -18.73 24.50
C TYR F 127 -21.52 -17.51 23.59
N THR F 128 -20.43 -16.74 23.50
CA THR F 128 -20.39 -15.50 22.74
C THR F 128 -20.86 -15.66 21.29
N ASN F 129 -20.39 -16.70 20.60
CA ASN F 129 -20.80 -16.82 19.20
C ASN F 129 -22.28 -17.18 19.06
N LEU F 130 -22.81 -17.95 20.01
CA LEU F 130 -24.22 -18.31 19.95
C LEU F 130 -25.07 -17.07 20.21
N ILE F 131 -24.68 -16.28 21.20
CA ILE F 131 -25.45 -15.10 21.55
C ILE F 131 -25.40 -14.11 20.39
N TYR F 132 -24.23 -13.93 19.78
CA TYR F 132 -24.13 -13.01 18.66
C TYR F 132 -25.01 -13.46 17.51
N ASN F 133 -25.06 -14.77 17.25
CA ASN F 133 -25.90 -15.24 16.15
C ASN F 133 -27.37 -14.96 16.47
N LEU F 134 -27.76 -15.12 17.74
CA LEU F 134 -29.15 -14.85 18.10
C LEU F 134 -29.48 -13.36 17.95
N ILE F 135 -28.51 -12.50 18.29
CA ILE F 135 -28.72 -11.05 18.16
C ILE F 135 -28.91 -10.69 16.69
N GLU F 136 -28.06 -11.26 15.83
CA GLU F 136 -28.16 -10.95 14.40
C GLU F 136 -29.49 -11.44 13.83
N GLU F 137 -29.93 -12.62 14.26
CA GLU F 137 -31.21 -13.13 13.76
C GLU F 137 -32.35 -12.22 14.22
N SER F 138 -32.29 -11.75 15.46
CA SER F 138 -33.34 -10.87 15.96
C SER F 138 -33.36 -9.55 15.19
N GLN F 139 -32.19 -8.96 14.94
CA GLN F 139 -32.16 -7.68 14.22
C GLN F 139 -32.68 -7.86 12.79
N ASN F 140 -32.35 -8.97 12.15
CA ASN F 140 -32.80 -9.15 10.79
C ASN F 140 -34.31 -9.38 10.76
N GLN F 141 -34.83 -10.11 11.76
CA GLN F 141 -36.26 -10.32 11.83
C GLN F 141 -36.97 -9.00 12.07
N GLN F 142 -36.38 -8.13 12.89
CA GLN F 142 -37.01 -6.84 13.16
C GLN F 142 -37.07 -5.98 11.91
N GLU F 143 -35.99 -5.95 11.13
CA GLU F 143 -36.01 -5.12 9.93
C GLU F 143 -36.99 -5.68 8.90
N LYS F 144 -37.05 -7.00 8.76
CA LYS F 144 -38.02 -7.56 7.82
C LYS F 144 -39.44 -7.27 8.29
N ASN F 145 -39.68 -7.38 9.60
CA ASN F 145 -41.00 -7.09 10.15
C ASN F 145 -41.40 -5.65 9.89
N GLU F 146 -40.43 -4.74 9.97
CA GLU F 146 -40.71 -3.33 9.67
C GLU F 146 -41.07 -3.15 8.20
N THR F 147 -40.44 -3.90 7.31
CA THR F 147 -40.77 -3.78 5.89
C THR F 147 -42.14 -4.40 5.59
N GLU F 148 -42.46 -5.53 6.21
CA GLU F 148 -43.74 -6.20 5.95
C GLU F 148 -44.94 -5.45 6.51
N ASN F 149 -44.80 -4.82 7.68
CA ASN F 149 -45.92 -4.17 8.35
C ASN F 149 -46.12 -2.74 7.85
N LEU F 150 -47.17 -2.53 7.04
CA LEU F 150 -47.40 -1.25 6.39
C LEU F 150 -47.86 -0.17 7.35
N THR F 151 -48.15 -0.50 8.61
CA THR F 151 -48.54 0.57 9.52
C THR F 151 -47.35 1.44 9.90
N LEU F 152 -46.14 0.98 9.61
CA LEU F 152 -44.90 1.70 9.84
C LEU F 152 -44.36 2.33 8.56
N CYS F 153 -45.08 2.20 7.45
CA CYS F 153 -44.61 2.62 6.13
C CYS F 153 -45.41 3.81 5.63
N GLU G 38 -52.05 0.02 -7.42
CA GLU G 38 -50.86 -0.68 -6.93
C GLU G 38 -49.60 0.10 -7.27
N GLU G 39 -48.79 0.37 -6.25
CA GLU G 39 -47.52 1.05 -6.42
C GLU G 39 -46.48 0.32 -5.58
N LEU G 40 -45.31 0.08 -6.17
CA LEU G 40 -44.20 -0.60 -5.51
C LEU G 40 -43.00 0.33 -5.49
N TRP G 41 -42.14 0.15 -4.48
CA TRP G 41 -40.94 0.94 -4.33
C TRP G 41 -39.69 0.07 -4.27
N VAL G 42 -38.58 0.64 -4.70
CA VAL G 42 -37.27 -0.01 -4.69
C VAL G 42 -36.80 -0.15 -3.24
N THR G 43 -36.40 -1.37 -2.87
CA THR G 43 -35.81 -1.64 -1.56
C THR G 43 -34.45 -2.28 -1.75
N VAL G 44 -33.47 -1.76 -1.01
CA VAL G 44 -32.09 -2.21 -1.08
C VAL G 44 -31.86 -3.29 -0.02
N TYR G 45 -31.29 -4.41 -0.45
CA TYR G 45 -30.96 -5.53 0.42
C TYR G 45 -29.45 -5.74 0.37
N TYR G 46 -28.83 -5.77 1.55
CA TYR G 46 -27.40 -5.96 1.71
C TYR G 46 -27.19 -7.28 2.43
N GLY G 47 -26.42 -8.17 1.82
CA GLY G 47 -26.22 -9.51 2.31
C GLY G 47 -26.94 -10.52 1.43
N VAL G 48 -27.21 -10.16 0.19
CA VAL G 48 -27.93 -11.03 -0.75
C VAL G 48 -27.04 -12.20 -1.16
N PRO G 49 -27.51 -13.46 -1.09
CA PRO G 49 -26.65 -14.62 -1.42
C PRO G 49 -26.47 -14.83 -2.92
N VAL G 50 -25.81 -13.88 -3.59
CA VAL G 50 -25.51 -13.96 -5.01
C VAL G 50 -24.04 -13.71 -5.24
N TRP G 51 -23.57 -14.14 -6.41
CA TRP G 51 -22.17 -14.01 -6.78
C TRP G 51 -22.03 -13.91 -8.29
N LYS G 52 -20.83 -13.50 -8.71
CA LYS G 52 -20.49 -13.47 -10.12
C LYS G 52 -19.09 -14.06 -10.29
N GLU G 53 -18.81 -14.56 -11.49
CA GLU G 53 -17.47 -15.11 -11.73
C GLU G 53 -16.44 -13.99 -11.59
N ALA G 54 -15.33 -14.31 -10.93
CA ALA G 54 -14.27 -13.33 -10.74
C ALA G 54 -12.95 -14.05 -10.55
N THR G 55 -11.87 -13.35 -10.87
CA THR G 55 -10.51 -13.85 -10.66
C THR G 55 -9.84 -12.94 -9.63
N THR G 56 -9.33 -13.56 -8.56
CA THR G 56 -8.62 -12.84 -7.51
C THR G 56 -7.38 -13.63 -7.15
N THR G 57 -6.60 -13.09 -6.21
CA THR G 57 -5.41 -13.76 -5.73
C THR G 57 -5.80 -14.64 -4.56
N LEU G 58 -5.47 -15.92 -4.65
CA LEU G 58 -5.74 -16.88 -3.60
C LEU G 58 -4.51 -17.04 -2.73
N PHE G 59 -4.70 -17.36 -1.45
CA PHE G 59 -3.58 -17.61 -0.56
C PHE G 59 -3.54 -19.12 -0.32
N CYS G 60 -2.54 -19.57 0.44
CA CYS G 60 -2.28 -20.98 0.62
C CYS G 60 -2.12 -21.34 2.09
N ALA G 61 -2.70 -22.49 2.47
CA ALA G 61 -2.58 -23.02 3.81
C ALA G 61 -2.14 -24.47 3.72
N SER G 62 -1.15 -24.85 4.52
CA SER G 62 -0.64 -26.22 4.53
C SER G 62 -1.32 -27.08 5.59
N ASP G 63 -0.87 -26.96 6.84
CA ASP G 63 -1.39 -27.73 7.95
C ASP G 63 -0.64 -27.33 9.23
N ASN G 73 9.35 -28.71 2.77
CA ASN G 73 10.01 -27.57 3.39
C ASN G 73 9.55 -26.28 2.71
N VAL G 74 9.63 -26.24 1.39
CA VAL G 74 9.29 -25.02 0.67
C VAL G 74 7.79 -24.75 0.74
N TRP G 75 6.99 -25.81 0.73
CA TRP G 75 5.55 -25.62 0.79
C TRP G 75 5.09 -25.26 2.19
N ALA G 76 5.72 -25.84 3.21
CA ALA G 76 5.32 -25.48 4.57
C ALA G 76 5.73 -24.04 4.86
N THR G 77 6.87 -23.62 4.35
CA THR G 77 7.32 -22.24 4.56
C THR G 77 6.47 -21.26 3.76
N HIS G 78 6.17 -21.59 2.50
CA HIS G 78 5.37 -20.69 1.66
C HIS G 78 3.93 -20.64 2.14
N CYS G 79 3.32 -21.81 2.35
CA CYS G 79 1.91 -21.88 2.75
C CYS G 79 1.84 -21.80 4.27
N CYS G 80 2.32 -20.68 4.79
CA CYS G 80 2.46 -20.48 6.24
C CYS G 80 1.15 -19.93 6.82
N VAL G 81 0.09 -20.70 6.64
CA VAL G 81 -1.21 -20.37 7.20
C VAL G 81 -1.78 -21.66 7.79
N PRO G 82 -2.01 -21.75 9.10
CA PRO G 82 -2.60 -22.99 9.64
C PRO G 82 -3.96 -23.24 9.01
N THR G 83 -4.27 -24.52 8.79
CA THR G 83 -5.58 -24.83 8.22
C THR G 83 -6.58 -24.95 9.35
N ASP G 84 -7.86 -24.85 9.00
CA ASP G 84 -8.90 -25.07 9.98
C ASP G 84 -9.01 -26.56 10.30
N PRO G 85 -9.12 -26.93 11.58
CA PRO G 85 -9.56 -28.30 11.85
C PRO G 85 -10.99 -28.42 11.36
N SER G 86 -11.34 -29.62 10.85
CA SER G 86 -12.68 -29.94 10.36
C SER G 86 -13.25 -28.78 9.53
N PRO G 87 -12.66 -28.48 8.36
CA PRO G 87 -13.15 -27.36 7.55
C PRO G 87 -14.62 -27.54 7.20
N GLN G 88 -15.31 -26.40 7.10
CA GLN G 88 -16.74 -26.42 6.81
C GLN G 88 -17.01 -26.32 5.32
N GLU G 89 -18.14 -26.90 4.93
CA GLU G 89 -18.64 -26.91 3.57
C GLU G 89 -20.14 -26.75 3.65
N VAL G 90 -20.72 -25.89 2.80
CA VAL G 90 -22.15 -25.67 2.79
C VAL G 90 -22.70 -26.17 1.47
N VAL G 91 -23.63 -27.10 1.52
CA VAL G 91 -24.24 -27.62 0.30
C VAL G 91 -25.31 -26.62 -0.14
N LEU G 92 -25.28 -26.25 -1.42
CA LEU G 92 -26.25 -25.30 -1.95
C LEU G 92 -27.33 -26.10 -2.65
N GLU G 93 -28.51 -26.16 -2.03
CA GLU G 93 -29.58 -26.97 -2.61
C GLU G 93 -30.25 -26.19 -3.73
N ASN G 94 -30.72 -26.93 -4.74
CA ASN G 94 -31.44 -26.32 -5.87
C ASN G 94 -30.61 -25.24 -6.56
N VAL G 95 -29.29 -25.47 -6.66
CA VAL G 95 -28.39 -24.54 -7.35
C VAL G 95 -27.65 -25.28 -8.45
N THR G 96 -27.70 -24.72 -9.65
CA THR G 96 -26.99 -25.23 -10.82
C THR G 96 -25.94 -24.19 -11.18
N GLU G 97 -24.70 -24.63 -11.38
CA GLU G 97 -23.61 -23.72 -11.68
C GLU G 97 -22.78 -24.30 -12.80
N ASN G 98 -22.40 -23.45 -13.76
CA ASN G 98 -21.55 -23.89 -14.87
C ASN G 98 -20.09 -23.81 -14.49
N PHE G 99 -19.36 -24.88 -14.77
CA PHE G 99 -17.93 -24.98 -14.52
C PHE G 99 -17.22 -25.17 -15.86
N ASN G 100 -15.94 -24.81 -15.90
CA ASN G 100 -15.11 -25.05 -17.08
C ASN G 100 -13.67 -25.25 -16.58
N MET G 101 -13.24 -26.51 -16.53
CA MET G 101 -11.92 -26.79 -15.96
C MET G 101 -10.78 -26.26 -16.82
N TRP G 102 -11.03 -25.95 -18.09
CA TRP G 102 -9.96 -25.50 -18.98
C TRP G 102 -9.86 -23.98 -19.06
N LYS G 103 -10.71 -23.26 -18.32
CA LYS G 103 -10.70 -21.80 -18.26
C LYS G 103 -10.59 -21.36 -16.80
N ASN G 104 -10.11 -22.26 -15.94
CA ASN G 104 -10.03 -22.04 -14.50
C ASN G 104 -8.75 -21.29 -14.16
N ASN G 105 -8.88 -20.05 -13.72
CA ASN G 105 -7.68 -19.25 -13.43
C ASN G 105 -7.00 -19.72 -12.14
N MET G 106 -7.60 -20.67 -11.41
CA MET G 106 -6.93 -21.20 -10.24
C MET G 106 -5.74 -22.03 -10.67
N VAL G 107 -5.81 -22.60 -11.86
CA VAL G 107 -4.73 -23.41 -12.38
C VAL G 107 -3.59 -22.50 -12.80
N GLU G 108 -3.94 -21.38 -13.44
CA GLU G 108 -2.94 -20.41 -13.85
C GLU G 108 -2.22 -19.84 -12.63
N GLN G 109 -2.98 -19.59 -11.55
CA GLN G 109 -2.34 -19.09 -10.34
C GLN G 109 -1.48 -20.16 -9.70
N MET G 110 -1.93 -21.41 -9.70
CA MET G 110 -1.12 -22.48 -9.11
C MET G 110 0.20 -22.62 -9.87
N HIS G 111 0.13 -22.50 -11.21
CA HIS G 111 1.30 -22.59 -12.06
C HIS G 111 2.28 -21.47 -11.73
N GLU G 112 1.77 -20.23 -11.66
CA GLU G 112 2.64 -19.10 -11.36
C GLU G 112 3.22 -19.20 -9.96
N ASP G 113 2.43 -19.68 -8.99
CA ASP G 113 2.93 -19.79 -7.63
C ASP G 113 4.01 -20.85 -7.52
N ILE G 114 3.85 -21.96 -8.25
CA ILE G 114 4.85 -23.02 -8.20
C ILE G 114 6.15 -22.53 -8.83
N ILE G 115 6.06 -21.86 -9.98
CA ILE G 115 7.28 -21.38 -10.62
C ILE G 115 7.95 -20.33 -9.73
N SER G 116 7.17 -19.42 -9.16
CA SER G 116 7.75 -18.40 -8.29
C SER G 116 8.42 -19.03 -7.08
N LEU G 117 7.78 -20.03 -6.48
CA LEU G 117 8.37 -20.67 -5.31
C LEU G 117 9.67 -21.37 -5.66
N TRP G 118 9.71 -22.07 -6.80
CA TRP G 118 10.94 -22.72 -7.21
C TRP G 118 12.03 -21.68 -7.48
N ASP G 119 11.67 -20.57 -8.12
CA ASP G 119 12.65 -19.55 -8.44
C ASP G 119 13.21 -18.90 -7.19
N GLN G 120 12.36 -18.61 -6.21
CA GLN G 120 12.84 -17.98 -4.97
C GLN G 120 13.68 -18.95 -4.15
N SER G 121 13.27 -20.23 -4.12
CA SER G 121 13.93 -21.21 -3.27
C SER G 121 15.39 -21.43 -3.67
N LEU G 122 15.71 -21.30 -4.96
CA LEU G 122 17.07 -21.53 -5.43
C LEU G 122 17.96 -20.30 -5.40
N LYS G 123 17.47 -19.13 -5.00
CA LYS G 123 18.34 -17.95 -5.00
C LYS G 123 19.43 -18.03 -3.94
N PRO G 124 19.14 -18.28 -2.65
CA PRO G 124 20.20 -18.21 -1.62
C PRO G 124 21.05 -19.48 -1.53
N CYS G 125 21.67 -19.89 -2.63
CA CYS G 125 22.54 -21.06 -2.60
C CYS G 125 23.44 -21.09 -3.84
N VAL G 126 24.32 -22.09 -3.85
CA VAL G 126 25.48 -22.16 -4.74
C VAL G 126 25.14 -22.11 -6.22
N LYS G 127 25.83 -21.22 -6.94
CA LYS G 127 25.74 -21.06 -8.38
C LYS G 127 26.94 -21.81 -8.96
N LEU G 128 26.68 -22.85 -9.74
CA LEU G 128 27.76 -23.74 -10.22
C LEU G 128 28.39 -23.26 -11.53
N THR G 129 29.00 -22.08 -11.48
CA THR G 129 29.68 -21.53 -12.65
C THR G 129 31.17 -21.92 -12.71
N PRO G 130 31.88 -22.12 -11.58
CA PRO G 130 33.28 -22.58 -11.70
C PRO G 130 33.44 -23.96 -12.32
N LEU G 131 32.38 -24.75 -12.41
CA LEU G 131 32.44 -26.11 -12.94
C LEU G 131 32.25 -26.21 -14.44
N CYS G 132 32.06 -25.10 -15.17
CA CYS G 132 31.89 -25.18 -16.61
C CYS G 132 33.28 -25.16 -17.25
N VAL G 133 33.99 -26.26 -17.01
CA VAL G 133 35.37 -26.49 -17.44
C VAL G 133 35.45 -27.85 -18.11
N THR G 134 36.56 -28.08 -18.82
CA THR G 134 36.80 -29.37 -19.44
C THR G 134 36.90 -30.44 -18.34
N LEU G 135 36.14 -31.52 -18.51
CA LEU G 135 36.15 -32.64 -17.57
C LEU G 135 36.85 -33.83 -18.19
N ASN G 136 37.76 -34.46 -17.45
CA ASN G 136 38.42 -35.69 -17.86
C ASN G 136 37.67 -36.86 -17.21
N CYS G 137 36.82 -37.54 -17.98
CA CYS G 137 35.88 -38.51 -17.45
C CYS G 137 36.25 -39.93 -17.84
N THR G 138 36.14 -40.86 -16.89
CA THR G 138 36.35 -42.28 -17.14
C THR G 138 35.15 -43.09 -16.66
N ASP G 139 34.80 -44.11 -17.45
CA ASP G 139 33.64 -44.94 -17.15
C ASP G 139 33.82 -45.74 -15.87
N LEU G 140 32.75 -45.81 -15.07
CA LEU G 140 32.72 -46.66 -13.88
C LEU G 140 32.13 -48.03 -14.23
N GLY G 141 32.65 -49.06 -13.57
CA GLY G 141 32.13 -50.40 -13.73
C GLY G 141 32.41 -50.98 -15.10
N GLU G 164 24.25 -49.48 -18.21
CA GLU G 164 25.56 -49.59 -17.58
C GLU G 164 26.66 -49.37 -18.62
N LYS G 165 27.92 -49.46 -18.18
CA LYS G 165 29.08 -49.29 -19.06
C LYS G 165 29.07 -47.93 -19.73
N GLY G 166 29.14 -46.89 -18.90
CA GLY G 166 29.14 -45.50 -19.36
C GLY G 166 27.98 -44.66 -18.85
N GLU G 167 27.06 -45.20 -18.06
CA GLU G 167 25.96 -44.40 -17.56
C GLU G 167 26.44 -43.39 -16.52
N ILE G 168 27.39 -43.79 -15.67
CA ILE G 168 27.95 -42.94 -14.63
C ILE G 168 29.45 -42.86 -14.86
N LYS G 169 29.99 -41.64 -14.88
CA LYS G 169 31.42 -41.43 -15.12
C LYS G 169 32.05 -40.69 -13.95
N ASN G 170 33.33 -41.02 -13.73
CA ASN G 170 34.18 -40.36 -12.74
C ASN G 170 34.97 -39.29 -13.47
N CYS G 171 34.61 -38.02 -13.23
CA CYS G 171 35.15 -36.88 -13.96
C CYS G 171 36.07 -36.09 -13.04
N SER G 172 37.26 -35.75 -13.55
CA SER G 172 38.23 -34.94 -12.84
C SER G 172 38.39 -33.60 -13.54
N PHE G 173 38.69 -32.57 -12.75
CA PHE G 173 38.85 -31.23 -13.29
C PHE G 173 39.73 -30.38 -12.37
N ASN G 174 40.26 -29.30 -12.96
CA ASN G 174 41.10 -28.32 -12.26
C ASN G 174 40.23 -27.14 -11.85
N ILE G 175 39.97 -27.00 -10.55
CA ILE G 175 39.08 -25.97 -10.01
C ILE G 175 39.76 -25.21 -8.88
N THR G 176 39.50 -23.90 -8.82
CA THR G 176 39.96 -23.09 -7.71
C THR G 176 39.00 -23.37 -6.55
N THR G 177 39.56 -23.61 -5.37
CA THR G 177 38.79 -24.01 -4.20
C THR G 177 38.47 -22.82 -3.30
N SER G 178 38.19 -23.09 -2.02
CA SER G 178 37.74 -22.09 -1.06
C SER G 178 38.77 -20.99 -0.82
N VAL G 179 40.02 -21.20 -1.20
CA VAL G 179 41.07 -20.20 -1.06
C VAL G 179 41.38 -19.66 -2.47
N ARG G 180 41.29 -18.34 -2.61
CA ARG G 180 41.33 -17.69 -3.91
C ARG G 180 42.60 -17.96 -4.71
N ASP G 181 43.75 -18.14 -4.07
CA ASP G 181 45.00 -18.37 -4.80
C ASP G 181 45.41 -19.83 -4.85
N LYS G 182 44.51 -20.76 -4.50
CA LYS G 182 44.82 -22.19 -4.49
C LYS G 182 43.96 -22.92 -5.51
N MET G 183 44.61 -23.65 -6.41
CA MET G 183 43.95 -24.45 -7.43
C MET G 183 44.19 -25.91 -7.08
N GLN G 184 43.17 -26.75 -7.26
CA GLN G 184 43.30 -28.17 -6.99
C GLN G 184 42.62 -28.99 -8.07
N LYS G 185 43.13 -30.20 -8.28
CA LYS G 185 42.47 -31.19 -9.12
C LYS G 185 41.49 -31.91 -8.22
N GLU G 186 40.24 -32.03 -8.67
CA GLU G 186 39.19 -32.64 -7.87
C GLU G 186 38.37 -33.57 -8.74
N TYR G 187 37.72 -34.53 -8.09
CA TYR G 187 36.89 -35.54 -8.74
C TYR G 187 35.44 -35.39 -8.32
N ALA G 188 34.56 -35.70 -9.27
CA ALA G 188 33.12 -35.69 -9.07
C ALA G 188 32.52 -36.77 -9.95
N THR G 189 31.31 -37.21 -9.62
CA THR G 189 30.64 -38.27 -10.37
C THR G 189 29.45 -37.65 -11.10
N PHE G 190 29.37 -37.89 -12.41
CA PHE G 190 28.28 -37.36 -13.23
C PHE G 190 27.58 -38.46 -14.01
N TYR G 191 26.30 -38.25 -14.27
CA TYR G 191 25.54 -39.15 -15.11
C TYR G 191 25.74 -38.77 -16.58
N LYS G 192 25.64 -39.78 -17.45
CA LYS G 192 25.83 -39.56 -18.88
C LYS G 192 24.95 -38.42 -19.42
N LEU G 193 23.72 -38.32 -18.91
CA LEU G 193 22.79 -37.31 -19.41
C LEU G 193 23.14 -35.89 -18.99
N ASP G 194 24.07 -35.72 -18.06
CA ASP G 194 24.46 -34.40 -17.56
C ASP G 194 25.70 -33.82 -18.23
N ILE G 195 26.36 -34.57 -19.12
CA ILE G 195 27.57 -34.13 -19.78
C ILE G 195 27.49 -34.39 -21.28
N VAL G 196 28.28 -33.61 -22.03
CA VAL G 196 28.40 -33.77 -23.49
C VAL G 196 29.87 -33.82 -23.88
N PRO G 197 30.23 -34.52 -24.97
CA PRO G 197 31.63 -34.47 -25.44
C PRO G 197 32.06 -33.08 -25.86
N ILE G 198 33.34 -32.78 -25.64
CA ILE G 198 33.94 -31.51 -26.07
C ILE G 198 34.64 -31.68 -27.41
N ASP G 199 35.39 -32.77 -27.58
CA ASP G 199 36.16 -33.00 -28.79
C ASP G 199 36.22 -34.50 -29.04
N ASN G 200 36.84 -34.89 -30.15
CA ASN G 200 36.94 -36.30 -30.52
C ASN G 200 38.17 -36.96 -29.87
N ASP G 201 38.15 -37.03 -28.54
CA ASP G 201 39.20 -37.71 -27.78
C ASP G 201 38.68 -38.73 -26.79
N ASN G 202 37.37 -38.96 -26.73
CA ASN G 202 36.71 -39.93 -25.85
C ASN G 202 36.96 -39.69 -24.37
N ASN G 203 37.48 -38.53 -23.98
CA ASN G 203 37.76 -38.26 -22.57
C ASN G 203 37.29 -36.88 -22.10
N SER G 204 37.21 -35.90 -23.00
CA SER G 204 36.88 -34.54 -22.61
C SER G 204 35.38 -34.32 -22.67
N TYR G 205 34.78 -33.96 -21.53
CA TYR G 205 33.36 -33.71 -21.41
C TYR G 205 33.14 -32.35 -20.76
N ARG G 206 31.96 -31.77 -21.03
CA ARG G 206 31.53 -30.51 -20.45
C ARG G 206 30.13 -30.71 -19.87
N LEU G 207 29.80 -29.91 -18.86
CA LEU G 207 28.45 -30.00 -18.29
C LEU G 207 27.44 -29.57 -19.34
N ILE G 208 26.28 -30.22 -19.32
CA ILE G 208 25.25 -29.93 -20.32
C ILE G 208 24.77 -28.49 -20.20
N ASN G 209 24.87 -27.76 -21.31
CA ASN G 209 24.43 -26.37 -21.43
C ASN G 209 24.97 -25.46 -20.35
N CYS G 210 26.22 -25.68 -19.92
CA CYS G 210 26.77 -24.79 -18.89
C CYS G 210 27.28 -23.48 -19.49
N ASN G 211 27.55 -23.46 -20.80
CA ASN G 211 28.09 -22.28 -21.45
C ASN G 211 27.00 -21.32 -21.92
N THR G 212 25.73 -21.72 -21.86
CA THR G 212 24.60 -20.94 -22.30
C THR G 212 23.60 -20.67 -21.18
N SER G 213 23.83 -21.17 -19.98
CA SER G 213 22.89 -21.04 -18.88
C SER G 213 23.65 -21.05 -17.57
N VAL G 214 22.99 -20.60 -16.52
CA VAL G 214 23.55 -20.62 -15.16
C VAL G 214 22.93 -21.80 -14.43
N ILE G 215 23.79 -22.70 -13.96
CA ILE G 215 23.37 -23.90 -13.25
C ILE G 215 23.47 -23.57 -11.76
N THR G 216 22.34 -23.64 -11.06
CA THR G 216 22.28 -23.32 -9.64
C THR G 216 22.12 -24.62 -8.87
N GLN G 217 22.93 -24.82 -7.85
CA GLN G 217 22.82 -26.03 -7.05
C GLN G 217 21.60 -25.92 -6.15
N ALA G 218 20.81 -27.00 -6.10
CA ALA G 218 19.65 -27.00 -5.21
C ALA G 218 20.15 -26.78 -3.80
N CYS G 219 19.44 -25.96 -3.05
CA CYS G 219 19.88 -25.64 -1.69
C CYS G 219 19.88 -26.91 -0.85
N PRO G 220 21.02 -27.35 -0.30
CA PRO G 220 21.09 -28.65 0.40
C PRO G 220 20.07 -28.90 1.51
N LYS G 221 19.61 -27.87 2.22
CA LYS G 221 18.66 -28.04 3.32
C LYS G 221 17.23 -27.72 2.95
N VAL G 222 16.96 -27.49 1.67
CA VAL G 222 15.62 -27.14 1.19
C VAL G 222 15.07 -28.38 0.50
N SER G 223 13.98 -28.92 1.05
CA SER G 223 13.34 -30.12 0.54
C SER G 223 12.13 -29.75 -0.33
N PHE G 224 12.22 -30.05 -1.62
CA PHE G 224 11.13 -29.77 -2.56
C PHE G 224 10.20 -30.97 -2.61
N GLU G 225 9.65 -31.33 -1.45
CA GLU G 225 8.78 -32.49 -1.35
C GLU G 225 7.33 -32.07 -1.56
N PRO G 226 6.58 -32.66 -2.49
CA PRO G 226 5.16 -32.33 -2.58
C PRO G 226 4.42 -32.74 -1.32
N ILE G 227 3.64 -31.81 -0.78
CA ILE G 227 2.79 -32.07 0.38
C ILE G 227 1.40 -31.57 0.03
N PRO G 228 0.35 -32.06 0.71
CA PRO G 228 -0.96 -31.49 0.46
C PRO G 228 -0.97 -30.02 0.84
N ILE G 229 -1.55 -29.20 -0.04
CA ILE G 229 -1.76 -27.78 0.22
C ILE G 229 -3.21 -27.47 -0.11
N HIS G 230 -3.70 -26.37 0.47
CA HIS G 230 -5.07 -25.93 0.23
C HIS G 230 -5.04 -24.49 -0.26
N TYR G 231 -5.74 -24.22 -1.35
CA TYR G 231 -5.87 -22.86 -1.87
C TYR G 231 -7.13 -22.26 -1.27
N CYS G 232 -7.00 -21.07 -0.71
CA CYS G 232 -8.06 -20.43 0.05
C CYS G 232 -8.36 -19.06 -0.55
N ALA G 233 -9.65 -18.74 -0.63
CA ALA G 233 -10.11 -17.46 -1.15
C ALA G 233 -10.03 -16.38 -0.06
N PRO G 234 -9.80 -15.12 -0.44
CA PRO G 234 -9.88 -14.03 0.52
C PRO G 234 -11.33 -13.70 0.86
N ALA G 235 -11.50 -12.89 1.90
CA ALA G 235 -12.83 -12.45 2.30
C ALA G 235 -13.52 -11.74 1.14
N GLY G 236 -14.83 -11.95 1.03
CA GLY G 236 -15.60 -11.37 -0.05
C GLY G 236 -15.71 -12.29 -1.25
N PHE G 237 -14.96 -13.39 -1.27
CA PHE G 237 -14.92 -14.37 -2.34
C PHE G 237 -15.22 -15.73 -1.75
N ALA G 238 -15.62 -16.66 -2.61
CA ALA G 238 -15.90 -18.02 -2.16
C ALA G 238 -15.51 -18.97 -3.28
N ILE G 239 -15.20 -20.22 -2.91
CA ILE G 239 -14.86 -21.24 -3.90
C ILE G 239 -16.04 -22.19 -3.97
N LEU G 240 -16.58 -22.37 -5.17
CA LEU G 240 -17.69 -23.29 -5.37
C LEU G 240 -17.07 -24.59 -5.85
N LYS G 241 -17.60 -25.70 -5.35
CA LYS G 241 -17.15 -27.05 -5.69
C LYS G 241 -18.27 -27.82 -6.35
N CYS G 242 -17.92 -28.55 -7.41
CA CYS G 242 -18.85 -29.45 -8.09
C CYS G 242 -18.73 -30.84 -7.47
N ASN G 243 -19.84 -31.35 -6.96
CA ASN G 243 -19.89 -32.64 -6.29
C ASN G 243 -20.52 -33.75 -7.13
N ASN G 244 -20.58 -33.59 -8.46
CA ASN G 244 -21.07 -34.65 -9.32
C ASN G 244 -19.88 -35.57 -9.59
N LYS G 245 -19.98 -36.80 -9.11
CA LYS G 245 -18.89 -37.78 -9.15
C LYS G 245 -18.41 -38.11 -10.56
N THR G 246 -19.24 -37.91 -11.59
CA THR G 246 -18.87 -38.22 -12.97
C THR G 246 -18.82 -36.97 -13.83
N PHE G 247 -18.70 -35.80 -13.21
CA PHE G 247 -18.65 -34.54 -13.94
C PHE G 247 -17.47 -34.55 -14.90
N ASN G 248 -17.71 -34.13 -16.13
CA ASN G 248 -16.70 -34.20 -17.19
C ASN G 248 -15.88 -32.92 -17.33
N GLY G 249 -15.93 -32.04 -16.33
CA GLY G 249 -15.10 -30.85 -16.30
C GLY G 249 -15.65 -29.64 -17.01
N THR G 250 -16.88 -29.69 -17.53
CA THR G 250 -17.44 -28.54 -18.21
C THR G 250 -18.95 -28.65 -18.17
N GLY G 251 -19.61 -27.49 -18.15
CA GLY G 251 -21.05 -27.44 -18.19
C GLY G 251 -21.67 -27.36 -16.81
N PRO G 252 -23.00 -27.46 -16.75
CA PRO G 252 -23.70 -27.29 -15.47
C PRO G 252 -23.44 -28.44 -14.51
N CYS G 253 -23.42 -28.10 -13.22
CA CYS G 253 -23.29 -29.04 -12.12
C CYS G 253 -24.43 -28.74 -11.15
N THR G 254 -25.19 -29.77 -10.79
CA THR G 254 -26.36 -29.66 -9.94
C THR G 254 -26.14 -30.14 -8.50
N ASN G 255 -24.92 -30.50 -8.12
CA ASN G 255 -24.59 -30.94 -6.76
C ASN G 255 -23.40 -30.02 -6.45
N VAL G 256 -23.71 -28.85 -5.91
CA VAL G 256 -22.76 -27.75 -5.76
C VAL G 256 -22.68 -27.38 -4.28
N SER G 257 -21.45 -27.15 -3.81
CA SER G 257 -21.23 -26.73 -2.43
C SER G 257 -20.25 -25.57 -2.40
N THR G 258 -20.28 -24.82 -1.30
CA THR G 258 -19.41 -23.67 -1.10
C THR G 258 -18.37 -24.02 -0.03
N VAL G 259 -17.11 -23.75 -0.35
CA VAL G 259 -15.99 -23.93 0.55
C VAL G 259 -15.16 -22.65 0.55
N GLN G 260 -14.36 -22.49 1.61
CA GLN G 260 -13.40 -21.40 1.66
C GLN G 260 -12.04 -21.82 1.14
N CYS G 261 -11.69 -23.09 1.31
CA CYS G 261 -10.41 -23.66 0.90
C CYS G 261 -10.66 -24.93 0.10
N THR G 262 -9.76 -25.21 -0.85
CA THR G 262 -9.83 -26.43 -1.64
C THR G 262 -9.36 -27.62 -0.82
N HIS G 263 -9.54 -28.82 -1.37
CA HIS G 263 -9.06 -30.02 -0.73
C HIS G 263 -7.54 -30.02 -0.78
N GLY G 264 -6.91 -31.02 -0.14
CA GLY G 264 -5.46 -31.05 -0.15
C GLY G 264 -5.00 -31.54 -1.51
N ILE G 265 -4.15 -30.74 -2.15
CA ILE G 265 -3.60 -31.03 -3.48
C ILE G 265 -2.09 -31.13 -3.32
N ARG G 266 -1.51 -32.21 -3.86
CA ARG G 266 -0.06 -32.36 -3.81
C ARG G 266 0.54 -31.82 -5.11
N PRO G 267 1.49 -30.87 -5.06
CA PRO G 267 2.09 -30.32 -6.30
C PRO G 267 3.14 -31.27 -6.88
N VAL G 268 2.67 -32.42 -7.34
CA VAL G 268 3.56 -33.43 -7.90
C VAL G 268 3.86 -33.06 -9.35
N VAL G 269 5.13 -33.14 -9.71
CA VAL G 269 5.61 -32.85 -11.06
C VAL G 269 5.92 -34.15 -11.79
N SER G 270 5.26 -34.36 -12.93
CA SER G 270 5.46 -35.54 -13.75
C SER G 270 5.09 -35.18 -15.18
N THR G 271 5.53 -36.01 -16.14
CA THR G 271 5.26 -35.75 -17.56
C THR G 271 4.21 -36.65 -18.22
N GLN G 272 3.91 -37.83 -17.67
CA GLN G 272 2.98 -38.74 -18.35
C GLN G 272 1.94 -39.35 -17.42
N LEU G 273 2.37 -39.83 -16.26
CA LEU G 273 1.49 -40.41 -15.27
C LEU G 273 1.33 -39.45 -14.11
N LEU G 274 0.10 -39.36 -13.61
CA LEU G 274 -0.21 -38.48 -12.49
C LEU G 274 -0.08 -39.31 -11.22
N LEU G 275 0.78 -38.86 -10.31
CA LEU G 275 1.09 -39.60 -9.10
C LEU G 275 0.53 -38.88 -7.88
N ASN G 276 0.08 -39.68 -6.91
CA ASN G 276 -0.39 -39.20 -5.61
C ASN G 276 -1.50 -38.16 -5.75
N GLY G 277 -2.39 -38.35 -6.72
CA GLY G 277 -3.53 -37.48 -6.92
C GLY G 277 -4.79 -38.04 -6.30
N SER G 278 -5.92 -37.45 -6.69
CA SER G 278 -7.22 -37.88 -6.20
C SER G 278 -7.77 -38.95 -7.13
N LEU G 279 -8.46 -39.93 -6.57
CA LEU G 279 -9.14 -40.95 -7.34
C LEU G 279 -10.60 -40.60 -7.57
N ALA G 280 -11.14 -41.10 -8.68
CA ALA G 280 -12.55 -40.94 -8.96
C ALA G 280 -13.35 -41.74 -7.93
N GLU G 281 -14.52 -41.22 -7.56
CA GLU G 281 -15.34 -41.93 -6.57
C GLU G 281 -15.95 -43.22 -7.10
N GLU G 282 -16.45 -43.23 -8.34
CA GLU G 282 -17.18 -44.40 -8.86
C GLU G 282 -16.62 -45.03 -10.14
N GLU G 283 -16.02 -44.26 -11.04
CA GLU G 283 -15.59 -44.82 -12.32
C GLU G 283 -14.43 -44.01 -12.87
N ILE G 284 -13.74 -44.56 -13.85
CA ILE G 284 -12.69 -43.81 -14.53
C ILE G 284 -13.38 -42.74 -15.37
N VAL G 285 -12.93 -41.50 -15.23
CA VAL G 285 -13.51 -40.38 -15.97
C VAL G 285 -12.44 -39.82 -16.90
N ILE G 286 -12.78 -39.73 -18.18
CA ILE G 286 -11.86 -39.23 -19.20
C ILE G 286 -12.40 -37.87 -19.63
N ARG G 287 -11.56 -36.84 -19.51
CA ARG G 287 -11.94 -35.47 -19.80
C ARG G 287 -11.08 -34.89 -20.91
N SER G 288 -11.70 -34.11 -21.79
CA SER G 288 -10.98 -33.43 -22.85
C SER G 288 -11.77 -32.19 -23.23
N GLU G 289 -11.05 -31.11 -23.54
CA GLU G 289 -11.72 -29.87 -23.94
C GLU G 289 -12.56 -30.09 -25.20
N ASN G 290 -12.03 -30.88 -26.13
CA ASN G 290 -12.71 -31.20 -27.38
C ASN G 290 -12.19 -32.55 -27.82
N PHE G 291 -13.02 -33.60 -27.67
CA PHE G 291 -12.54 -34.95 -27.97
C PHE G 291 -12.23 -35.16 -29.43
N THR G 292 -12.87 -34.41 -30.33
CA THR G 292 -12.63 -34.59 -31.75
C THR G 292 -11.45 -33.77 -32.25
N ASP G 293 -10.84 -32.95 -31.38
CA ASP G 293 -9.67 -32.15 -31.70
C ASP G 293 -8.45 -32.95 -31.23
N ASN G 294 -7.64 -33.45 -32.16
CA ASN G 294 -6.52 -34.28 -31.76
C ASN G 294 -5.40 -33.50 -31.08
N GLY G 295 -5.47 -32.17 -31.08
CA GLY G 295 -4.48 -31.31 -30.46
C GLY G 295 -4.68 -31.05 -28.99
N LYS G 296 -5.74 -31.58 -28.39
CA LYS G 296 -6.04 -31.36 -26.97
C LYS G 296 -5.56 -32.54 -26.15
N THR G 297 -5.22 -32.25 -24.89
CA THR G 297 -4.80 -33.29 -23.96
C THR G 297 -6.02 -33.98 -23.38
N ILE G 298 -5.94 -35.31 -23.29
CA ILE G 298 -6.97 -36.13 -22.66
C ILE G 298 -6.48 -36.50 -21.28
N ILE G 299 -7.24 -36.13 -20.24
CA ILE G 299 -6.87 -36.39 -18.86
C ILE G 299 -7.73 -37.54 -18.37
N VAL G 300 -7.10 -38.62 -17.94
CA VAL G 300 -7.78 -39.83 -17.48
C VAL G 300 -7.64 -39.86 -15.97
N GLN G 301 -8.77 -39.81 -15.26
CA GLN G 301 -8.81 -39.87 -13.80
C GLN G 301 -9.24 -41.26 -13.39
N LEU G 302 -8.38 -41.96 -12.64
CA LEU G 302 -8.65 -43.33 -12.25
C LEU G 302 -9.51 -43.38 -11.00
N ASN G 303 -10.29 -44.46 -10.86
CA ASN G 303 -11.08 -44.72 -9.68
C ASN G 303 -10.41 -45.70 -8.73
N GLU G 304 -9.26 -46.24 -9.12
CA GLU G 304 -8.47 -47.18 -8.34
C GLU G 304 -7.03 -46.90 -8.70
N SER G 305 -6.17 -46.73 -7.70
CA SER G 305 -4.78 -46.40 -7.99
C SER G 305 -3.98 -47.64 -8.38
N VAL G 306 -2.85 -47.39 -9.05
CA VAL G 306 -1.89 -48.45 -9.38
C VAL G 306 -0.58 -48.13 -8.67
N GLU G 307 -0.06 -49.10 -7.92
CA GLU G 307 1.15 -48.87 -7.15
C GLU G 307 2.38 -48.96 -8.06
N ILE G 308 3.26 -47.95 -7.97
CA ILE G 308 4.51 -47.92 -8.73
C ILE G 308 5.64 -47.75 -7.71
N ASN G 309 6.52 -48.76 -7.64
CA ASN G 309 7.62 -48.79 -6.68
C ASN G 309 8.94 -48.51 -7.41
N CYS G 310 9.52 -47.33 -7.20
CA CYS G 310 10.71 -46.88 -7.90
C CYS G 310 11.91 -46.91 -6.97
N THR G 311 13.00 -47.54 -7.44
CA THR G 311 14.21 -47.71 -6.66
C THR G 311 15.46 -47.29 -7.43
N ARG G 312 16.39 -46.68 -6.70
CA ARG G 312 17.74 -46.38 -7.16
C ARG G 312 18.65 -47.22 -6.26
N PRO G 313 19.03 -48.43 -6.70
CA PRO G 313 19.73 -49.38 -5.83
C PRO G 313 21.18 -49.02 -5.52
N ASN G 314 21.75 -48.00 -6.13
CA ASN G 314 23.17 -47.70 -5.91
C ASN G 314 23.37 -46.99 -4.59
N ASN G 315 24.26 -47.56 -3.77
CA ASN G 315 24.55 -47.07 -2.42
C ASN G 315 25.61 -45.96 -2.51
N ASN G 316 25.14 -44.81 -3.00
CA ASN G 316 25.96 -43.62 -3.18
C ASN G 316 26.41 -43.05 -1.84
N THR G 317 27.69 -42.69 -1.75
CA THR G 317 28.25 -42.04 -0.57
C THR G 317 28.53 -40.60 -0.96
N ARG G 318 27.86 -39.67 -0.27
CA ARG G 318 27.96 -38.26 -0.61
C ARG G 318 29.33 -37.68 -0.28
N LYS G 319 29.83 -36.84 -1.19
CA LYS G 319 31.07 -36.11 -1.06
C LYS G 319 30.74 -34.64 -1.23
N SER G 320 31.50 -33.77 -0.57
CA SER G 320 31.30 -32.32 -0.67
C SER G 320 32.63 -31.62 -0.90
N ILE G 321 32.75 -30.95 -2.05
CA ILE G 321 33.96 -30.24 -2.42
C ILE G 321 33.65 -28.76 -2.32
N HIS G 322 34.56 -27.99 -1.74
CA HIS G 322 34.38 -26.55 -1.62
C HIS G 322 35.00 -25.81 -2.80
N ILE G 323 34.24 -24.86 -3.34
CA ILE G 323 34.64 -24.05 -4.48
C ILE G 323 34.63 -22.55 -4.17
N GLY G 324 34.54 -22.18 -2.89
CA GLY G 324 34.50 -20.80 -2.52
C GLY G 324 34.25 -20.60 -1.04
N PRO G 325 34.04 -19.34 -0.62
CA PRO G 325 33.92 -19.04 0.82
C PRO G 325 32.60 -19.56 1.37
N GLY G 326 32.54 -20.85 1.60
CA GLY G 326 31.32 -21.51 2.04
C GLY G 326 30.44 -21.93 0.89
N ARG G 327 30.98 -21.94 -0.32
CA ARG G 327 30.29 -22.30 -1.56
C ARG G 327 30.71 -23.72 -1.87
N ALA G 328 29.89 -24.71 -1.52
CA ALA G 328 30.25 -26.10 -1.67
C ALA G 328 29.38 -26.81 -2.71
N PHE G 329 30.04 -27.63 -3.53
CA PHE G 329 29.41 -28.48 -4.51
C PHE G 329 29.31 -29.90 -3.97
N TYR G 330 28.11 -30.47 -4.00
CA TYR G 330 27.88 -31.82 -3.48
C TYR G 330 27.84 -32.80 -4.64
N THR G 331 28.56 -33.91 -4.48
CA THR G 331 28.62 -34.96 -5.49
C THR G 331 28.72 -36.30 -4.78
N THR G 332 28.96 -37.35 -5.56
CA THR G 332 29.12 -38.70 -5.04
C THR G 332 30.61 -39.01 -5.05
N GLY G 333 31.14 -39.39 -3.89
CA GLY G 333 32.55 -39.68 -3.77
C GLY G 333 32.85 -41.10 -4.18
N GLN G 334 31.95 -42.01 -3.83
CA GLN G 334 32.11 -43.42 -4.16
C GLN G 334 30.73 -44.08 -4.11
N ILE G 335 30.64 -45.24 -4.75
CA ILE G 335 29.46 -46.09 -4.69
C ILE G 335 29.87 -47.38 -4.01
N ILE G 336 29.14 -47.76 -2.96
CA ILE G 336 29.44 -48.96 -2.20
C ILE G 336 28.68 -50.11 -2.85
N GLY G 337 29.38 -51.19 -3.13
CA GLY G 337 28.77 -52.30 -3.81
C GLY G 337 28.86 -52.10 -5.31
N ASN G 338 27.99 -52.79 -6.04
CA ASN G 338 28.05 -52.75 -7.50
C ASN G 338 27.22 -51.58 -7.99
N ILE G 339 27.20 -51.38 -9.31
CA ILE G 339 26.40 -50.35 -9.95
C ILE G 339 25.27 -51.06 -10.68
N ARG G 340 24.03 -50.68 -10.36
CA ARG G 340 22.85 -51.30 -10.92
C ARG G 340 21.93 -50.22 -11.49
N GLN G 341 21.06 -50.65 -12.40
CA GLN G 341 20.13 -49.75 -13.07
C GLN G 341 18.96 -49.38 -12.18
N ALA G 342 18.62 -48.09 -12.13
CA ALA G 342 17.44 -47.65 -11.42
C ALA G 342 16.21 -48.12 -12.18
N HIS G 343 15.15 -48.46 -11.45
CA HIS G 343 13.96 -48.97 -12.14
C HIS G 343 12.71 -48.76 -11.32
N CYS G 344 11.56 -48.87 -12.00
CA CYS G 344 10.25 -48.82 -11.37
C CYS G 344 9.46 -50.09 -11.66
N ASN G 345 8.82 -50.64 -10.63
CA ASN G 345 8.04 -51.86 -10.71
C ASN G 345 6.55 -51.55 -10.59
N ILE G 346 5.81 -51.85 -11.66
CA ILE G 346 4.37 -51.65 -11.77
C ILE G 346 3.74 -53.03 -11.87
N SER G 347 2.73 -53.31 -11.05
CA SER G 347 2.10 -54.63 -11.09
C SER G 347 1.47 -54.85 -12.45
N ARG G 348 1.75 -56.01 -13.06
CA ARG G 348 1.24 -56.28 -14.40
C ARG G 348 -0.27 -56.46 -14.41
N ALA G 349 -0.82 -57.17 -13.43
CA ALA G 349 -2.27 -57.42 -13.42
C ALA G 349 -3.04 -56.11 -13.24
N LYS G 350 -2.53 -55.22 -12.38
CA LYS G 350 -3.24 -53.99 -12.13
C LYS G 350 -3.18 -53.09 -13.34
N TRP G 351 -2.03 -53.01 -14.00
CA TRP G 351 -1.92 -52.16 -15.17
C TRP G 351 -2.80 -52.70 -16.29
N ASN G 352 -2.81 -54.03 -16.49
CA ASN G 352 -3.62 -54.58 -17.57
C ASN G 352 -5.10 -54.31 -17.32
N ASN G 353 -5.55 -54.42 -16.06
CA ASN G 353 -6.96 -54.12 -15.78
C ASN G 353 -7.23 -52.63 -15.94
N THR G 354 -6.25 -51.80 -15.58
CA THR G 354 -6.40 -50.36 -15.72
C THR G 354 -6.57 -49.99 -17.18
N LEU G 355 -5.73 -50.57 -18.05
CA LEU G 355 -5.86 -50.29 -19.47
C LEU G 355 -7.18 -50.81 -20.01
N HIS G 356 -7.63 -51.96 -19.51
CA HIS G 356 -8.91 -52.50 -19.96
C HIS G 356 -10.05 -51.52 -19.66
N LYS G 357 -10.08 -50.98 -18.44
CA LYS G 357 -11.15 -50.07 -18.08
C LYS G 357 -11.00 -48.73 -18.82
N ILE G 358 -9.77 -48.28 -19.04
CA ILE G 358 -9.56 -47.03 -19.75
C ILE G 358 -10.02 -47.17 -21.19
N VAL G 359 -9.67 -48.29 -21.84
CA VAL G 359 -10.05 -48.45 -23.23
C VAL G 359 -11.56 -48.62 -23.32
N LYS G 360 -12.18 -49.29 -22.35
CA LYS G 360 -13.64 -49.40 -22.37
C LYS G 360 -14.27 -48.02 -22.39
N LYS G 361 -13.77 -47.11 -21.54
CA LYS G 361 -14.35 -45.77 -21.51
C LYS G 361 -14.02 -45.00 -22.79
N LEU G 362 -12.81 -45.19 -23.33
CA LEU G 362 -12.47 -44.53 -24.59
C LEU G 362 -13.36 -45.03 -25.72
N ARG G 363 -13.67 -46.33 -25.73
CA ARG G 363 -14.56 -46.86 -26.75
C ARG G 363 -15.92 -46.22 -26.62
N GLU G 364 -16.35 -45.97 -25.38
CA GLU G 364 -17.64 -45.29 -25.22
C GLU G 364 -17.55 -43.90 -25.83
N GLN G 365 -16.42 -43.22 -25.62
CA GLN G 365 -16.19 -41.91 -26.22
C GLN G 365 -15.95 -42.01 -27.73
N PHE G 366 -15.26 -43.06 -28.18
CA PHE G 366 -14.90 -43.29 -29.59
C PHE G 366 -15.55 -44.59 -30.02
N ARG G 367 -16.78 -44.50 -30.50
CA ARG G 367 -17.61 -45.68 -30.72
C ARG G 367 -17.06 -46.57 -31.83
N ASN G 368 -17.02 -47.88 -31.54
CA ASN G 368 -16.61 -48.92 -32.48
C ASN G 368 -15.24 -48.67 -33.12
N LYS G 369 -14.28 -48.16 -32.35
CA LYS G 369 -12.93 -47.93 -32.84
C LYS G 369 -11.94 -48.85 -32.13
N THR G 370 -10.96 -49.33 -32.88
CA THR G 370 -9.85 -50.08 -32.31
C THR G 370 -8.94 -49.04 -31.67
N ILE G 371 -8.46 -49.32 -30.46
CA ILE G 371 -7.58 -48.40 -29.74
C ILE G 371 -6.23 -49.05 -29.57
N VAL G 372 -5.18 -48.35 -30.02
CA VAL G 372 -3.80 -48.84 -29.91
C VAL G 372 -3.03 -47.82 -29.07
N PHE G 373 -2.48 -48.27 -27.95
CA PHE G 373 -1.71 -47.40 -27.07
C PHE G 373 -0.23 -47.41 -27.46
N LYS G 374 0.09 -46.74 -28.56
CA LYS G 374 1.49 -46.71 -28.95
C LYS G 374 2.29 -45.85 -27.98
N GLN G 375 3.60 -46.09 -27.91
CA GLN G 375 4.44 -45.30 -27.03
C GLN G 375 4.61 -43.90 -27.59
N SER G 376 5.35 -43.06 -26.87
CA SER G 376 5.49 -41.67 -27.24
C SER G 376 6.20 -41.52 -28.59
N SER G 377 6.01 -40.33 -29.18
CA SER G 377 6.48 -40.04 -30.54
C SER G 377 7.99 -40.03 -30.69
N GLY G 378 8.76 -39.97 -29.61
CA GLY G 378 10.21 -39.94 -29.71
C GLY G 378 10.74 -38.53 -29.56
N GLY G 379 12.06 -38.40 -29.63
CA GLY G 379 12.71 -37.13 -29.37
C GLY G 379 13.30 -36.98 -27.98
N ASP G 380 13.38 -35.73 -27.51
CA ASP G 380 14.08 -35.42 -26.28
C ASP G 380 13.50 -36.17 -25.07
N PRO G 381 14.33 -36.81 -24.23
CA PRO G 381 13.82 -37.54 -23.04
C PRO G 381 12.85 -36.76 -22.16
N GLU G 382 12.91 -35.43 -22.13
CA GLU G 382 12.02 -34.67 -21.25
C GLU G 382 10.56 -34.88 -21.61
N ILE G 383 10.26 -35.16 -22.87
CA ILE G 383 8.89 -35.39 -23.33
C ILE G 383 8.63 -36.88 -23.53
N VAL G 384 9.65 -37.62 -23.98
CA VAL G 384 9.49 -39.02 -24.35
C VAL G 384 9.27 -39.89 -23.11
N MET G 385 10.03 -39.63 -22.06
CA MET G 385 10.04 -40.48 -20.88
C MET G 385 9.17 -39.91 -19.77
N HIS G 386 8.80 -40.79 -18.84
CA HIS G 386 8.04 -40.46 -17.64
C HIS G 386 9.02 -39.98 -16.60
N SER G 387 8.94 -38.72 -16.19
CA SER G 387 9.89 -38.18 -15.23
C SER G 387 9.19 -37.86 -13.91
N PHE G 388 9.97 -37.92 -12.83
CA PHE G 388 9.44 -37.56 -11.51
C PHE G 388 10.57 -37.34 -10.52
N ASN G 389 10.24 -36.63 -9.43
CA ASN G 389 11.15 -36.42 -8.31
C ASN G 389 10.89 -37.47 -7.23
N CYS G 390 11.85 -38.37 -7.03
CA CYS G 390 11.83 -39.45 -6.05
C CYS G 390 12.88 -39.19 -4.97
N GLY G 391 12.46 -38.60 -3.86
CA GLY G 391 13.37 -38.39 -2.75
C GLY G 391 14.47 -37.39 -3.03
N GLY G 392 14.26 -36.48 -3.97
CA GLY G 392 15.26 -35.52 -4.37
C GLY G 392 16.00 -35.91 -5.62
N GLU G 393 15.87 -37.16 -6.08
CA GLU G 393 16.50 -37.62 -7.30
C GLU G 393 15.48 -37.50 -8.42
N PHE G 394 15.93 -37.12 -9.61
CA PHE G 394 15.02 -36.97 -10.74
C PHE G 394 15.18 -38.16 -11.68
N PHE G 395 14.14 -38.98 -11.74
CA PHE G 395 14.10 -40.20 -12.52
C PHE G 395 13.45 -39.90 -13.86
N TYR G 396 13.97 -40.53 -14.91
CA TYR G 396 13.39 -40.50 -16.25
C TYR G 396 13.24 -41.96 -16.69
N CYS G 397 12.01 -42.47 -16.65
CA CYS G 397 11.72 -43.88 -16.89
C CYS G 397 11.17 -44.05 -18.30
N ASN G 398 11.63 -45.10 -18.99
CA ASN G 398 11.30 -45.29 -20.39
C ASN G 398 9.80 -45.38 -20.62
N SER G 399 9.08 -46.06 -19.73
CA SER G 399 7.62 -46.24 -19.83
C SER G 399 7.18 -46.74 -21.20
N THR G 400 7.91 -47.73 -21.73
CA THR G 400 7.57 -48.37 -23.00
C THR G 400 6.99 -49.76 -22.79
N GLN G 401 7.09 -50.32 -21.59
CA GLN G 401 6.52 -51.63 -21.30
C GLN G 401 5.06 -51.47 -20.90
N LEU G 402 4.62 -50.22 -20.71
CA LEU G 402 3.25 -49.84 -20.46
C LEU G 402 2.82 -49.36 -21.83
N PHE G 403 1.51 -49.37 -22.10
CA PHE G 403 1.05 -48.95 -23.42
C PHE G 403 1.60 -50.02 -24.36
N ASN G 404 1.80 -49.72 -25.65
CA ASN G 404 2.28 -50.73 -26.61
C ASN G 404 1.37 -51.97 -26.62
N SER G 405 0.07 -51.73 -26.68
CA SER G 405 -0.90 -52.79 -26.72
C SER G 405 -2.07 -52.38 -27.61
N THR G 406 -2.71 -53.38 -28.21
CA THR G 406 -3.86 -53.19 -29.09
C THR G 406 -5.08 -53.83 -28.45
N TRP G 407 -6.16 -53.05 -28.34
CA TRP G 407 -7.42 -53.48 -27.77
C TRP G 407 -8.50 -53.38 -28.84
N TYR G 408 -9.37 -54.39 -28.89
CA TYR G 408 -10.48 -54.42 -29.84
C TYR G 408 -11.85 -54.26 -29.18
N GLY G 409 -11.94 -54.37 -27.86
CA GLY G 409 -13.20 -54.28 -27.15
C GLY G 409 -13.82 -55.61 -26.78
N ASN G 410 -13.32 -56.72 -27.32
CA ASN G 410 -13.84 -58.05 -27.05
C ASN G 410 -12.99 -58.81 -26.03
N GLU G 411 -12.12 -58.13 -25.31
CA GLU G 411 -11.26 -58.77 -24.32
C GLU G 411 -11.99 -58.91 -22.99
N SER G 412 -11.32 -59.52 -22.02
CA SER G 412 -11.89 -59.73 -20.70
C SER G 412 -10.76 -59.94 -19.71
N SER G 413 -11.11 -59.90 -18.43
CA SER G 413 -10.16 -60.18 -17.36
C SER G 413 -10.88 -60.56 -16.08
N ASN G 421 5.94 -58.78 -12.50
CA ASN G 421 5.86 -57.33 -12.55
C ASN G 421 6.31 -56.80 -13.90
N ILE G 422 6.01 -55.51 -14.12
CA ILE G 422 6.53 -54.76 -15.26
C ILE G 422 7.62 -53.87 -14.70
N THR G 423 8.86 -54.08 -15.15
CA THR G 423 10.00 -53.33 -14.66
C THR G 423 10.42 -52.36 -15.74
N LEU G 424 10.35 -51.07 -15.43
CA LEU G 424 10.70 -49.99 -16.34
C LEU G 424 12.10 -49.53 -16.03
N PRO G 425 13.03 -49.48 -17.01
CA PRO G 425 14.35 -48.95 -16.71
C PRO G 425 14.24 -47.44 -16.52
N CYS G 426 15.07 -46.90 -15.62
CA CYS G 426 15.07 -45.46 -15.39
C CYS G 426 16.50 -44.93 -15.39
N ARG G 427 16.62 -43.69 -15.85
CA ARG G 427 17.85 -42.92 -15.85
C ARG G 427 17.74 -41.82 -14.81
N ILE G 428 18.87 -41.35 -14.31
CA ILE G 428 18.92 -40.26 -13.35
C ILE G 428 19.63 -39.09 -14.01
N LYS G 429 19.06 -37.90 -13.89
CA LYS G 429 19.62 -36.69 -14.46
C LYS G 429 19.72 -35.67 -13.34
N GLN G 430 20.93 -35.16 -13.10
CA GLN G 430 21.14 -34.19 -12.03
C GLN G 430 20.95 -32.74 -12.45
N ILE G 431 21.20 -32.40 -13.71
CA ILE G 431 21.05 -31.03 -14.21
C ILE G 431 19.76 -30.99 -15.00
N ILE G 432 18.77 -30.26 -14.47
CA ILE G 432 17.43 -30.22 -15.05
C ILE G 432 16.97 -28.78 -15.20
N ASN G 433 15.91 -28.61 -16.03
CA ASN G 433 15.28 -27.31 -16.27
C ASN G 433 13.76 -27.56 -16.29
N LEU G 434 13.15 -27.61 -15.10
CA LEU G 434 11.76 -28.04 -15.00
C LEU G 434 10.79 -27.10 -15.68
N TRP G 435 11.06 -25.79 -15.64
CA TRP G 435 10.12 -24.79 -16.12
C TRP G 435 10.47 -24.26 -17.50
N GLN G 436 11.37 -24.93 -18.22
CA GLN G 436 11.76 -24.56 -19.57
C GLN G 436 12.21 -23.10 -19.65
N GLU G 437 13.04 -22.70 -18.70
CA GLU G 437 13.54 -21.33 -18.68
C GLU G 437 14.74 -21.22 -19.61
N VAL G 438 14.98 -20.01 -20.10
CA VAL G 438 16.11 -19.73 -20.98
C VAL G 438 17.23 -19.13 -20.13
N GLY G 439 18.40 -19.78 -20.18
CA GLY G 439 19.55 -19.31 -19.44
C GLY G 439 19.57 -19.71 -17.98
N LYS G 440 18.77 -20.70 -17.58
CA LYS G 440 18.71 -21.15 -16.20
C LYS G 440 18.62 -22.66 -16.14
N ALA G 441 19.23 -23.24 -15.11
CA ALA G 441 19.13 -24.68 -14.88
C ALA G 441 19.41 -24.93 -13.40
N MET G 442 18.99 -26.10 -12.92
CA MET G 442 19.21 -26.50 -11.54
C MET G 442 19.99 -27.81 -11.51
N TYR G 443 20.91 -27.91 -10.56
CA TYR G 443 21.67 -29.12 -10.29
C TYR G 443 21.11 -29.77 -9.03
N ALA G 444 20.61 -31.00 -9.17
CA ALA G 444 20.06 -31.72 -8.03
C ALA G 444 21.18 -32.55 -7.41
N PRO G 445 21.64 -32.24 -6.18
CA PRO G 445 22.79 -32.98 -5.66
C PRO G 445 22.41 -34.42 -5.38
N PRO G 446 23.37 -35.35 -5.40
CA PRO G 446 23.02 -36.74 -5.12
C PRO G 446 22.64 -36.94 -3.67
N ILE G 447 21.74 -37.90 -3.45
CA ILE G 447 21.30 -38.32 -2.13
C ILE G 447 22.04 -39.60 -1.78
N GLY G 448 22.66 -39.63 -0.61
CA GLY G 448 23.42 -40.80 -0.24
C GLY G 448 22.51 -41.98 0.09
N GLY G 449 23.05 -43.18 -0.08
CA GLY G 449 22.29 -44.37 0.23
C GLY G 449 21.42 -44.75 -0.95
N GLN G 450 20.57 -45.74 -0.74
CA GLN G 450 19.66 -46.21 -1.77
C GLN G 450 18.39 -45.40 -1.66
N ILE G 451 17.72 -45.17 -2.78
CA ILE G 451 16.49 -44.38 -2.80
C ILE G 451 15.31 -45.27 -3.17
N ARG G 452 14.24 -45.18 -2.39
CA ARG G 452 13.02 -45.93 -2.67
C ARG G 452 11.81 -45.02 -2.52
N CYS G 453 10.90 -45.11 -3.47
CA CYS G 453 9.62 -44.40 -3.45
C CYS G 453 8.53 -45.38 -3.82
N SER G 454 7.34 -45.15 -3.25
CA SER G 454 6.15 -45.90 -3.62
C SER G 454 5.05 -44.87 -3.86
N SER G 455 4.63 -44.74 -5.12
CA SER G 455 3.65 -43.73 -5.50
C SER G 455 2.41 -44.42 -6.02
N ASN G 456 1.30 -43.68 -5.99
CA ASN G 456 0.02 -44.16 -6.47
C ASN G 456 -0.27 -43.47 -7.80
N ILE G 457 -0.42 -44.25 -8.85
CA ILE G 457 -0.79 -43.72 -10.15
C ILE G 457 -2.30 -43.53 -10.10
N THR G 458 -2.74 -42.28 -10.22
CA THR G 458 -4.14 -41.90 -10.11
C THR G 458 -4.69 -41.33 -11.41
N GLY G 459 -3.91 -41.34 -12.49
CA GLY G 459 -4.37 -40.79 -13.74
C GLY G 459 -3.28 -40.80 -14.78
N LEU G 460 -3.71 -40.51 -16.01
CA LEU G 460 -2.85 -40.48 -17.18
C LEU G 460 -3.12 -39.25 -18.02
N LEU G 461 -2.09 -38.77 -18.72
CA LEU G 461 -2.25 -37.76 -19.75
C LEU G 461 -1.99 -38.45 -21.08
N LEU G 462 -2.99 -38.48 -21.94
CA LEU G 462 -2.90 -39.11 -23.25
C LEU G 462 -3.11 -38.07 -24.33
N THR G 463 -2.44 -38.25 -25.46
CA THR G 463 -2.65 -37.44 -26.66
C THR G 463 -3.03 -38.38 -27.79
N ARG G 464 -4.07 -38.02 -28.53
CA ARG G 464 -4.52 -38.83 -29.66
C ARG G 464 -3.82 -38.34 -30.93
N ASP G 465 -3.31 -39.28 -31.72
CA ASP G 465 -2.67 -38.92 -32.97
C ASP G 465 -3.72 -38.46 -33.97
N GLY G 466 -3.35 -37.47 -34.80
CA GLY G 466 -4.20 -37.04 -35.88
C GLY G 466 -3.97 -37.86 -37.14
N GLY G 467 -4.73 -37.54 -38.17
CA GLY G 467 -4.58 -38.22 -39.44
C GLY G 467 -5.26 -39.57 -39.52
N ASN G 468 -6.08 -39.93 -38.52
CA ASN G 468 -6.75 -41.21 -38.46
C ASN G 468 -8.25 -41.10 -38.72
N ASN G 469 -8.69 -39.98 -39.31
CA ASN G 469 -10.11 -39.72 -39.48
C ASN G 469 -10.76 -40.68 -40.46
N ASN G 470 -10.00 -41.24 -41.41
CA ASN G 470 -10.55 -42.15 -42.42
C ASN G 470 -10.23 -43.62 -42.16
N ILE G 471 -9.85 -43.99 -40.93
CA ILE G 471 -9.56 -45.39 -40.60
C ILE G 471 -10.39 -45.79 -39.39
N THR G 472 -10.34 -47.08 -39.09
CA THR G 472 -11.09 -47.67 -37.97
C THR G 472 -10.27 -47.80 -36.69
N THR G 473 -9.02 -47.34 -36.66
CA THR G 473 -8.17 -47.44 -35.48
C THR G 473 -7.67 -46.07 -35.04
N GLU G 474 -7.79 -45.79 -33.75
CA GLU G 474 -7.28 -44.59 -33.11
C GLU G 474 -6.01 -44.93 -32.36
N ILE G 475 -5.04 -44.02 -32.40
CA ILE G 475 -3.75 -44.19 -31.75
C ILE G 475 -3.65 -43.16 -30.62
N PHE G 476 -3.35 -43.65 -29.43
CA PHE G 476 -3.16 -42.82 -28.24
C PHE G 476 -1.75 -43.02 -27.73
N ARG G 477 -1.11 -41.94 -27.29
CA ARG G 477 0.24 -42.00 -26.76
C ARG G 477 0.31 -41.31 -25.41
N PRO G 478 1.24 -41.71 -24.55
CA PRO G 478 1.41 -40.98 -23.29
C PRO G 478 1.96 -39.59 -23.53
N GLY G 479 1.57 -38.67 -22.66
CA GLY G 479 2.06 -37.31 -22.69
C GLY G 479 0.94 -36.37 -23.07
N GLY G 480 0.96 -35.20 -22.44
CA GLY G 480 -0.04 -34.17 -22.62
C GLY G 480 0.63 -32.89 -23.08
N GLY G 481 0.21 -31.79 -22.50
CA GLY G 481 0.73 -30.47 -22.81
C GLY G 481 1.69 -30.03 -21.74
N ASP G 482 1.60 -28.77 -21.34
CA ASP G 482 2.54 -28.25 -20.37
C ASP G 482 2.09 -28.65 -18.96
N MET G 483 2.76 -28.11 -17.95
CA MET G 483 2.52 -28.49 -16.56
C MET G 483 1.10 -28.22 -16.09
N ARG G 484 0.35 -27.37 -16.78
CA ARG G 484 -1.02 -27.07 -16.35
C ARG G 484 -1.88 -28.31 -16.38
N ASP G 485 -1.57 -29.26 -17.27
CA ASP G 485 -2.37 -30.48 -17.37
C ASP G 485 -2.26 -31.32 -16.09
N ASN G 486 -1.20 -31.14 -15.29
CA ASN G 486 -1.06 -31.93 -14.08
C ASN G 486 -1.84 -31.34 -12.92
N TRP G 487 -2.35 -30.11 -13.06
CA TRP G 487 -3.06 -29.41 -12.01
C TRP G 487 -4.54 -29.28 -12.35
N ARG G 488 -4.88 -29.31 -13.64
CA ARG G 488 -6.28 -29.32 -14.03
C ARG G 488 -6.93 -30.61 -13.57
N SER G 489 -6.14 -31.67 -13.38
CA SER G 489 -6.65 -32.97 -12.98
C SER G 489 -7.17 -32.95 -11.55
N GLU G 490 -6.80 -31.94 -10.77
CA GLU G 490 -7.29 -31.76 -9.40
C GLU G 490 -8.22 -30.57 -9.30
N LEU G 491 -7.87 -29.46 -9.95
CA LEU G 491 -8.70 -28.25 -9.92
C LEU G 491 -9.67 -28.25 -11.09
N TYR G 492 -10.53 -29.29 -11.15
CA TYR G 492 -11.51 -29.41 -12.23
C TYR G 492 -12.93 -29.26 -11.71
N LYS G 493 -13.12 -29.27 -10.40
CA LYS G 493 -14.41 -29.18 -9.77
C LYS G 493 -14.57 -27.88 -9.00
N TYR G 494 -13.59 -26.97 -9.08
CA TYR G 494 -13.61 -25.72 -8.33
C TYR G 494 -13.60 -24.49 -9.24
N LYS G 495 -14.29 -23.46 -8.76
CA LYS G 495 -14.24 -22.14 -9.37
C LYS G 495 -14.29 -21.09 -8.27
N VAL G 496 -13.69 -19.94 -8.52
CA VAL G 496 -13.68 -18.83 -7.57
C VAL G 496 -14.72 -17.82 -8.03
N VAL G 497 -15.59 -17.39 -7.10
CA VAL G 497 -16.60 -16.39 -7.40
C VAL G 497 -16.49 -15.26 -6.38
N LYS G 498 -16.97 -14.09 -6.81
CA LYS G 498 -17.04 -12.89 -5.99
C LYS G 498 -18.46 -12.74 -5.46
N ILE G 499 -18.57 -12.40 -4.19
CA ILE G 499 -19.87 -12.21 -3.53
C ILE G 499 -20.33 -10.79 -3.79
N GLU G 500 -21.60 -10.65 -4.20
CA GLU G 500 -22.20 -9.35 -4.53
C GLU G 500 -23.34 -9.13 -3.54
N PRO G 501 -23.03 -8.61 -2.34
CA PRO G 501 -24.03 -8.60 -1.25
C PRO G 501 -25.18 -7.63 -1.47
N LEU G 502 -25.09 -6.71 -2.42
CA LEU G 502 -26.15 -5.74 -2.67
C LEU G 502 -27.06 -6.17 -3.80
N GLY G 503 -28.34 -5.85 -3.65
CA GLY G 503 -29.33 -6.05 -4.68
C GLY G 503 -30.54 -5.22 -4.33
N VAL G 504 -31.44 -5.08 -5.30
CA VAL G 504 -32.64 -4.29 -5.13
C VAL G 504 -33.85 -5.10 -5.56
N ALA G 505 -35.01 -4.79 -4.98
CA ALA G 505 -36.22 -5.49 -5.37
C ALA G 505 -37.44 -4.64 -5.06
N PRO G 506 -38.56 -4.82 -5.78
CA PRO G 506 -39.77 -4.07 -5.45
C PRO G 506 -40.43 -4.61 -4.20
N THR G 507 -41.02 -3.70 -3.42
CA THR G 507 -41.90 -4.09 -2.33
C THR G 507 -43.02 -3.08 -2.19
N LYS G 508 -43.97 -3.42 -1.32
CA LYS G 508 -45.14 -2.58 -1.06
C LYS G 508 -44.91 -1.50 0.01
N CYS G 509 -43.76 -1.51 0.70
CA CYS G 509 -43.45 -0.54 1.74
C CYS G 509 -42.59 0.62 1.22
N LYS G 510 -43.11 1.83 1.37
CA LYS G 510 -42.44 3.07 0.99
C LYS G 510 -41.64 3.60 2.17
N ARG G 511 -40.52 4.26 1.89
CA ARG G 511 -39.79 4.93 2.96
C ARG G 511 -40.68 6.02 3.55
N ARG G 512 -40.85 5.99 4.87
CA ARG G 512 -41.68 6.95 5.59
C ARG G 512 -43.08 7.06 5.00
N GLY H 10 -25.96 -21.76 6.98
CA GLY H 10 -24.60 -21.68 6.48
C GLY H 10 -24.41 -20.60 5.44
N PHE H 11 -23.16 -20.28 5.13
CA PHE H 11 -22.87 -19.24 4.17
C PHE H 11 -23.37 -19.60 2.78
N LEU H 12 -24.18 -18.71 2.20
CA LEU H 12 -24.85 -18.91 0.92
C LEU H 12 -25.80 -20.10 0.93
N GLY H 13 -26.20 -20.59 2.11
CA GLY H 13 -27.12 -21.72 2.15
C GLY H 13 -28.43 -21.42 1.49
N ALA H 14 -28.86 -20.16 1.54
CA ALA H 14 -30.11 -19.72 0.94
C ALA H 14 -29.97 -19.34 -0.53
N ALA H 15 -28.78 -19.56 -1.12
CA ALA H 15 -28.55 -19.16 -2.51
C ALA H 15 -29.56 -19.78 -3.46
N GLY H 16 -30.01 -21.01 -3.17
CA GLY H 16 -30.98 -21.66 -4.00
C GLY H 16 -32.41 -21.51 -3.52
N SER H 17 -32.61 -20.72 -2.46
CA SER H 17 -33.91 -20.51 -1.85
C SER H 17 -34.57 -19.31 -2.51
N THR H 18 -35.86 -19.13 -2.22
CA THR H 18 -36.57 -18.03 -2.84
C THR H 18 -36.08 -16.71 -2.26
N MET H 19 -36.39 -15.62 -2.97
CA MET H 19 -35.96 -14.30 -2.53
C MET H 19 -36.48 -13.97 -1.13
N GLY H 20 -37.73 -14.35 -0.84
CA GLY H 20 -38.25 -14.11 0.49
C GLY H 20 -37.51 -14.87 1.56
N ALA H 21 -37.36 -16.19 1.37
CA ALA H 21 -36.68 -17.02 2.37
C ALA H 21 -35.24 -16.59 2.55
N ALA H 22 -34.58 -16.18 1.46
CA ALA H 22 -33.17 -15.84 1.56
C ALA H 22 -32.98 -14.51 2.28
N SER H 23 -34.05 -13.76 2.48
CA SER H 23 -33.92 -12.48 3.13
C SER H 23 -33.75 -12.67 4.63
N MET H 24 -33.93 -13.91 5.11
CA MET H 24 -33.71 -14.20 6.51
C MET H 24 -32.24 -14.51 6.79
N THR H 25 -31.38 -14.52 5.76
CA THR H 25 -29.97 -14.86 5.93
C THR H 25 -29.04 -13.71 5.61
N LEU H 26 -29.55 -12.48 5.56
CA LEU H 26 -28.73 -11.34 5.14
C LEU H 26 -27.50 -11.14 6.01
N THR H 27 -27.57 -11.48 7.31
CA THR H 27 -26.40 -11.31 8.15
C THR H 27 -25.37 -12.41 7.95
N VAL H 28 -25.79 -13.56 7.43
CA VAL H 28 -24.89 -14.69 7.26
C VAL H 28 -23.85 -14.35 6.22
N GLN H 29 -24.27 -13.73 5.13
CA GLN H 29 -23.34 -13.33 4.10
C GLN H 29 -22.57 -12.09 4.55
N ALA H 30 -23.25 -11.18 5.28
CA ALA H 30 -22.59 -9.95 5.71
C ALA H 30 -21.35 -10.24 6.56
N ARG H 31 -21.41 -11.26 7.40
CA ARG H 31 -20.26 -11.57 8.25
C ARG H 31 -19.07 -12.11 7.47
N GLN H 32 -19.25 -12.52 6.22
CA GLN H 32 -18.16 -13.09 5.42
C GLN H 32 -17.57 -12.11 4.43
N LEU H 33 -17.99 -10.85 4.47
CA LEU H 33 -17.46 -9.85 3.54
C LEU H 33 -16.19 -9.24 4.09
N LEU H 34 -16.09 -9.15 5.42
CA LEU H 34 -14.96 -8.58 6.12
C LEU H 34 -14.41 -9.66 7.04
N SER H 35 -13.18 -10.08 6.80
CA SER H 35 -12.62 -11.19 7.58
C SER H 35 -11.11 -11.27 7.38
N TRP H 60 4.69 -13.54 -2.55
CA TRP H 60 4.11 -13.33 -1.24
C TRP H 60 4.39 -11.93 -0.73
N GLY H 61 3.87 -11.60 0.46
CA GLY H 61 4.11 -10.32 1.08
C GLY H 61 3.21 -9.24 0.49
N ILE H 62 3.49 -8.89 -0.77
CA ILE H 62 2.68 -7.89 -1.46
C ILE H 62 1.30 -8.49 -1.78
N LYS H 63 1.28 -9.74 -2.24
CA LYS H 63 0.02 -10.39 -2.61
C LYS H 63 -0.97 -10.42 -1.45
N GLN H 64 -0.51 -10.70 -0.22
CA GLN H 64 -1.43 -10.76 0.90
C GLN H 64 -1.89 -9.38 1.31
N LEU H 65 -1.00 -8.38 1.24
CA LEU H 65 -1.43 -7.03 1.58
C LEU H 65 -2.43 -6.54 0.55
N GLN H 66 -2.22 -6.86 -0.72
CA GLN H 66 -3.18 -6.44 -1.74
C GLN H 66 -4.51 -7.13 -1.53
N ALA H 67 -4.50 -8.42 -1.16
CA ALA H 67 -5.75 -9.13 -0.93
C ALA H 67 -6.53 -8.52 0.23
N ARG H 68 -5.83 -8.13 1.30
CA ARG H 68 -6.53 -7.58 2.46
C ARG H 68 -6.98 -6.16 2.20
N VAL H 69 -6.15 -5.35 1.52
CA VAL H 69 -6.55 -3.98 1.20
C VAL H 69 -7.72 -4.01 0.24
N LEU H 70 -7.68 -4.91 -0.76
CA LEU H 70 -8.78 -4.98 -1.71
C LEU H 70 -10.06 -5.41 -1.01
N ALA H 71 -9.99 -6.39 -0.09
CA ALA H 71 -11.19 -6.79 0.62
C ALA H 71 -11.77 -5.62 1.40
N VAL H 72 -10.89 -4.81 2.01
CA VAL H 72 -11.35 -3.63 2.73
C VAL H 72 -11.97 -2.63 1.76
N GLU H 73 -11.33 -2.40 0.62
CA GLU H 73 -11.87 -1.46 -0.36
C GLU H 73 -13.22 -1.90 -0.88
N HIS H 74 -13.43 -3.19 -1.10
CA HIS H 74 -14.74 -3.64 -1.57
C HIS H 74 -15.79 -3.47 -0.48
N TYR H 75 -15.42 -3.79 0.77
CA TYR H 75 -16.33 -3.60 1.88
C TYR H 75 -16.73 -2.13 1.98
N LEU H 76 -15.74 -1.25 1.94
CA LEU H 76 -16.02 0.16 2.06
C LEU H 76 -16.78 0.66 0.84
N LYS H 77 -16.48 0.15 -0.34
CA LYS H 77 -17.23 0.56 -1.52
C LYS H 77 -18.71 0.32 -1.31
N ASP H 78 -19.07 -0.85 -0.78
CA ASP H 78 -20.48 -1.13 -0.54
C ASP H 78 -21.02 -0.27 0.60
N GLN H 79 -20.22 -0.04 1.64
CA GLN H 79 -20.70 0.78 2.76
C GLN H 79 -20.88 2.23 2.31
N GLN H 80 -20.00 2.71 1.44
CA GLN H 80 -20.12 4.06 0.95
C GLN H 80 -21.36 4.18 0.08
N LEU H 81 -21.61 3.18 -0.76
CA LEU H 81 -22.77 3.25 -1.63
C LEU H 81 -24.03 3.27 -0.78
N LEU H 82 -24.04 2.48 0.29
CA LEU H 82 -25.15 2.49 1.24
C LEU H 82 -25.25 3.84 1.96
N GLY H 83 -24.12 4.52 2.17
CA GLY H 83 -24.13 5.83 2.81
C GLY H 83 -24.54 6.97 1.90
N ILE H 84 -24.39 6.79 0.59
CA ILE H 84 -24.87 7.80 -0.36
C ILE H 84 -26.38 7.78 -0.33
N TRP H 85 -26.93 6.58 -0.30
CA TRP H 85 -28.33 6.26 -0.16
C TRP H 85 -28.64 6.42 1.32
N GLY H 86 -29.91 6.58 1.67
CA GLY H 86 -30.20 6.67 3.10
C GLY H 86 -30.31 5.30 3.76
N CYS H 87 -29.30 4.44 3.52
CA CYS H 87 -29.33 3.04 3.91
C CYS H 87 -28.17 2.65 4.81
N SER H 88 -27.49 3.60 5.43
CA SER H 88 -26.39 3.24 6.31
C SER H 88 -26.91 2.55 7.57
N GLY H 89 -26.22 1.49 7.98
CA GLY H 89 -26.57 0.79 9.19
C GLY H 89 -27.79 -0.08 9.09
N LYS H 90 -28.15 -0.52 7.88
CA LYS H 90 -29.34 -1.31 7.65
C LYS H 90 -29.02 -2.53 6.79
N LEU H 91 -29.80 -3.59 6.99
CA LEU H 91 -29.76 -4.78 6.16
C LEU H 91 -30.82 -4.74 5.08
N ILE H 92 -32.00 -4.20 5.42
CA ILE H 92 -33.10 -4.00 4.50
C ILE H 92 -33.38 -2.51 4.57
N CYS H 93 -33.34 -1.84 3.42
CA CYS H 93 -33.52 -0.40 3.33
C CYS H 93 -34.54 -0.04 2.26
N THR H 94 -35.68 0.49 2.68
CA THR H 94 -36.68 0.92 1.71
C THR H 94 -36.30 2.31 1.22
N THR H 95 -36.78 2.64 0.02
CA THR H 95 -36.57 3.96 -0.56
C THR H 95 -37.89 4.55 -1.00
N ALA H 96 -37.83 5.77 -1.50
CA ALA H 96 -38.98 6.49 -2.04
C ALA H 96 -39.04 6.43 -3.56
N VAL H 97 -38.18 5.62 -4.20
CA VAL H 97 -38.15 5.54 -5.65
C VAL H 97 -39.23 4.56 -6.11
N PRO H 98 -40.16 4.95 -6.98
CA PRO H 98 -41.19 3.99 -7.41
C PRO H 98 -40.58 2.93 -8.31
N TRP H 99 -41.19 1.76 -8.31
CA TRP H 99 -40.75 0.70 -9.21
C TRP H 99 -41.32 0.93 -10.59
N ASN H 100 -40.45 0.90 -11.60
CA ASN H 100 -40.84 1.09 -12.99
C ASN H 100 -41.12 -0.27 -13.61
N ALA H 101 -42.36 -0.46 -14.09
CA ALA H 101 -42.79 -1.74 -14.64
C ALA H 101 -41.94 -2.21 -15.83
N THR H 102 -41.17 -1.31 -16.45
CA THR H 102 -40.31 -1.73 -17.56
C THR H 102 -39.18 -2.60 -17.06
N TRP H 103 -38.74 -2.40 -15.81
CA TRP H 103 -37.65 -3.20 -15.27
C TRP H 103 -38.11 -4.63 -15.01
N SER H 104 -39.32 -4.78 -14.47
CA SER H 104 -39.91 -6.09 -14.23
C SER H 104 -41.41 -5.90 -14.05
N ASN H 105 -42.21 -6.74 -14.71
CA ASN H 105 -43.66 -6.71 -14.61
C ASN H 105 -44.22 -7.93 -13.88
N LYS H 106 -43.41 -8.57 -13.05
CA LYS H 106 -43.84 -9.73 -12.29
C LYS H 106 -44.54 -9.30 -11.02
N THR H 107 -45.40 -10.18 -10.51
CA THR H 107 -46.11 -9.90 -9.27
C THR H 107 -45.14 -10.07 -8.10
N LEU H 108 -45.55 -9.55 -6.93
CA LEU H 108 -44.68 -9.68 -5.76
C LEU H 108 -44.57 -11.13 -5.32
N ASP H 109 -45.60 -11.95 -5.53
CA ASP H 109 -45.50 -13.33 -5.12
C ASP H 109 -44.58 -14.10 -6.06
N ASN H 110 -44.62 -13.80 -7.36
CA ASN H 110 -43.73 -14.49 -8.29
C ASN H 110 -42.28 -14.11 -8.06
N ILE H 111 -42.03 -12.89 -7.60
CA ILE H 111 -40.66 -12.44 -7.34
C ILE H 111 -40.16 -13.00 -6.02
N TRP H 112 -40.95 -12.89 -4.95
CA TRP H 112 -40.47 -13.27 -3.63
C TRP H 112 -40.63 -14.74 -3.28
N ASN H 113 -41.62 -15.43 -3.84
CA ASN H 113 -41.87 -16.84 -3.50
C ASN H 113 -41.56 -17.82 -4.63
N ASN H 114 -41.39 -17.36 -5.87
CA ASN H 114 -41.15 -18.25 -7.00
C ASN H 114 -39.87 -17.89 -7.75
N MET H 115 -38.93 -17.17 -7.13
CA MET H 115 -37.71 -16.79 -7.81
C MET H 115 -36.58 -16.70 -6.78
N THR H 116 -35.36 -17.00 -7.23
CA THR H 116 -34.17 -16.88 -6.41
C THR H 116 -33.50 -15.54 -6.66
N TRP H 117 -32.57 -15.17 -5.79
CA TRP H 117 -31.88 -13.90 -6.00
C TRP H 117 -30.97 -13.95 -7.22
N MET H 118 -30.41 -15.12 -7.54
CA MET H 118 -29.55 -15.22 -8.71
C MET H 118 -30.36 -14.97 -9.97
N GLU H 119 -31.56 -15.54 -10.05
CA GLU H 119 -32.39 -15.35 -11.22
C GLU H 119 -32.80 -13.89 -11.34
N TRP H 120 -33.11 -13.26 -10.20
CA TRP H 120 -33.49 -11.86 -10.21
C TRP H 120 -32.34 -11.00 -10.74
N GLU H 121 -31.12 -11.25 -10.27
CA GLU H 121 -29.99 -10.46 -10.73
C GLU H 121 -29.75 -10.68 -12.21
N LYS H 122 -29.95 -11.91 -12.68
CA LYS H 122 -29.80 -12.19 -14.10
C LYS H 122 -30.84 -11.44 -14.92
N GLU H 123 -32.05 -11.28 -14.39
CA GLU H 123 -33.08 -10.55 -15.11
C GLU H 123 -32.85 -9.04 -15.06
N ILE H 124 -32.47 -8.53 -13.88
CA ILE H 124 -32.26 -7.09 -13.73
C ILE H 124 -30.75 -6.85 -13.90
N SER H 125 -30.24 -7.14 -15.09
CA SER H 125 -28.80 -7.06 -15.33
C SER H 125 -28.38 -5.74 -15.94
N ASN H 126 -29.27 -5.05 -16.63
CA ASN H 126 -28.95 -3.80 -17.33
C ASN H 126 -29.69 -2.60 -16.75
N TYR H 127 -30.28 -2.73 -15.56
CA TYR H 127 -30.95 -1.65 -14.86
C TYR H 127 -30.31 -1.31 -13.53
N THR H 128 -29.21 -1.96 -13.18
CA THR H 128 -28.59 -1.74 -11.88
C THR H 128 -28.09 -0.30 -11.74
N ASN H 129 -27.41 0.22 -12.76
CA ASN H 129 -26.87 1.57 -12.65
C ASN H 129 -27.97 2.60 -12.69
N LEU H 130 -29.04 2.34 -13.44
CA LEU H 130 -30.16 3.27 -13.52
C LEU H 130 -30.83 3.37 -12.15
N ILE H 131 -31.08 2.22 -11.53
CA ILE H 131 -31.75 2.20 -10.25
C ILE H 131 -30.86 2.87 -9.20
N TYR H 132 -29.56 2.57 -9.22
CA TYR H 132 -28.68 3.18 -8.24
C TYR H 132 -28.66 4.70 -8.39
N ASN H 133 -28.66 5.19 -9.64
CA ASN H 133 -28.66 6.63 -9.83
C ASN H 133 -29.97 7.24 -9.36
N LEU H 134 -31.09 6.54 -9.58
CA LEU H 134 -32.37 7.08 -9.11
C LEU H 134 -32.42 7.11 -7.60
N ILE H 135 -31.84 6.12 -6.94
CA ILE H 135 -31.82 6.10 -5.47
C ILE H 135 -31.00 7.27 -4.97
N GLU H 136 -29.83 7.49 -5.58
CA GLU H 136 -28.98 8.61 -5.16
C GLU H 136 -29.72 9.94 -5.34
N GLU H 137 -30.41 10.11 -6.47
CA GLU H 137 -31.12 11.37 -6.71
C GLU H 137 -32.21 11.56 -5.67
N SER H 138 -32.93 10.48 -5.35
CA SER H 138 -33.99 10.57 -4.34
C SER H 138 -33.41 10.94 -2.99
N GLN H 139 -32.28 10.33 -2.62
CA GLN H 139 -31.69 10.64 -1.33
C GLN H 139 -31.20 12.09 -1.31
N ASN H 140 -30.69 12.59 -2.43
CA ASN H 140 -30.23 13.98 -2.43
C ASN H 140 -31.41 14.91 -2.22
N GLN H 141 -32.55 14.60 -2.85
CA GLN H 141 -33.72 15.45 -2.68
C GLN H 141 -34.23 15.37 -1.24
N GLN H 142 -34.20 14.16 -0.67
CA GLN H 142 -34.65 13.98 0.71
C GLN H 142 -33.77 14.77 1.66
N GLU H 143 -32.45 14.70 1.46
CA GLU H 143 -31.55 15.41 2.36
C GLU H 143 -31.75 16.91 2.22
N LYS H 144 -31.95 17.40 0.99
CA LYS H 144 -32.19 18.82 0.81
C LYS H 144 -33.44 19.26 1.55
N ASN H 145 -34.49 18.44 1.51
CA ASN H 145 -35.73 18.79 2.20
C ASN H 145 -35.63 18.64 3.71
N GLU H 146 -34.79 17.72 4.20
CA GLU H 146 -34.63 17.55 5.64
C GLU H 146 -33.65 18.55 6.26
N THR H 147 -32.71 19.06 5.45
CA THR H 147 -31.75 20.03 5.97
C THR H 147 -32.47 21.29 6.43
N GLU H 148 -33.45 21.73 5.65
CA GLU H 148 -34.21 22.92 5.95
C GLU H 148 -35.37 22.56 6.86
N ASN H 149 -36.12 23.59 7.25
CA ASN H 149 -37.34 23.44 8.03
C ASN H 149 -37.12 22.71 9.36
N LEU H 150 -36.03 23.03 10.04
CA LEU H 150 -35.77 22.39 11.31
C LEU H 150 -36.55 23.01 12.46
N THR H 151 -37.12 24.21 12.27
CA THR H 151 -37.87 24.94 13.31
C THR H 151 -36.95 25.52 14.40
N LEU H 152 -35.67 25.14 14.38
CA LEU H 152 -34.68 25.61 15.35
C LEU H 152 -34.32 27.08 15.18
N CYS H 153 -34.31 27.59 13.96
CA CYS H 153 -33.90 28.98 13.76
C CYS H 153 -34.35 29.48 12.38
#